data_7WIY
#
_entry.id   7WIY
#
_cell.length_a   1.00
_cell.length_b   1.00
_cell.length_c   1.00
_cell.angle_alpha   90.00
_cell.angle_beta   90.00
_cell.angle_gamma   90.00
#
_symmetry.space_group_name_H-M   'P 1'
#
loop_
_entity.id
_entity.type
_entity.pdbx_description
1 polymer 'Tryptophan 5-hydroxylase 2'
2 non-polymer 'FE (III) ION'
3 non-polymer IMIDAZOLE
#
_entity_poly.entity_id   1
_entity_poly.type   'polypeptide(L)'
_entity_poly.pdbx_seq_one_letter_code
;MQPAMMMFSSKYWARRGFSLDSAVPEEHQLLGSSTLNKPNSGKNDDKGNKGSSKREAATESGKTAVVFSLKNEVGGLVKA
LRLFQEKRVNMVHIESRKSRRRSSEVEIFVDCECGKTEFNELIQLLKFQTTIVTLNPPENIWTEEEELEDVPWFPRKISE
LDKCSHRVLMYGSELDADHPGFKDNVYRQRRKYFVDVAMGYKYGQPIPRVEYTEEETKTWGVVFRELSKLYPTHACREYL
KNFPLLTKYCGYREDNVPQLEDVSMFLKERSGFTVRPVAGYLSPRDFLAGLAYRVFHCTQYIRHGSDPLYTPEPDTCHEL
LGHVPLLADPKFAQFSQEIGLASLGASDEDVQKLATCYFFTIEFGLCKQEGQLRAYGAGLLSSIGELKHALSDKACVKAF
DPKTTCLQECLITTFQEAYFVSESFEEAKEKMRDFAKSITRPFSVYFNPYTQSIEILKDTRSIENVVQDLRSDLNTVCDA
LNKMNQYLGI
;
_entity_poly.pdbx_strand_id   B,C,D,A
#
loop_
_chem_comp.id
_chem_comp.type
_chem_comp.name
_chem_comp.formula
FE non-polymer 'FE (III) ION' 'Fe 3'
IMD non-polymer IMIDAZOLE 'C3 H5 N2 1'
#
# COMPACT_ATOMS: atom_id res chain seq x y z
N VAL A 151 -25.65 -17.89 8.80
CA VAL A 151 -25.18 -17.01 9.86
C VAL A 151 -26.30 -16.08 10.28
N PRO A 152 -26.19 -15.48 11.47
CA PRO A 152 -27.23 -14.58 11.93
C PRO A 152 -27.36 -13.36 11.03
N TRP A 153 -28.58 -12.80 11.00
CA TRP A 153 -28.87 -11.69 10.11
C TRP A 153 -28.21 -10.42 10.62
N PHE A 154 -27.58 -9.68 9.73
CA PHE A 154 -27.03 -8.37 10.04
C PHE A 154 -27.39 -7.41 8.92
N PRO A 155 -27.45 -6.10 9.22
CA PRO A 155 -27.83 -5.13 8.19
C PRO A 155 -26.69 -4.91 7.20
N ARG A 156 -27.03 -4.91 5.92
CA ARG A 156 -26.04 -4.71 4.87
C ARG A 156 -26.13 -3.34 4.23
N LYS A 157 -26.81 -2.39 4.87
CA LYS A 157 -26.87 -1.01 4.42
C LYS A 157 -27.58 -0.20 5.49
N ILE A 158 -27.21 1.07 5.60
CA ILE A 158 -27.66 1.88 6.72
C ILE A 158 -29.16 2.12 6.72
N SER A 159 -29.87 1.70 5.68
CA SER A 159 -31.32 1.76 5.70
C SER A 159 -31.91 0.61 6.50
N GLU A 160 -31.36 -0.60 6.32
CA GLU A 160 -31.81 -1.78 7.03
C GLU A 160 -31.48 -1.74 8.51
N LEU A 161 -30.83 -0.69 9.00
CA LEU A 161 -30.54 -0.58 10.41
C LEU A 161 -31.77 -0.22 11.23
N ASP A 162 -32.89 0.07 10.58
CA ASP A 162 -34.13 0.36 11.29
C ASP A 162 -34.79 -0.89 11.84
N LYS A 163 -34.50 -2.05 11.26
CA LYS A 163 -34.95 -3.32 11.81
C LYS A 163 -34.24 -3.68 13.10
N CYS A 164 -33.08 -3.08 13.36
CA CYS A 164 -32.32 -3.28 14.59
C CYS A 164 -32.61 -2.21 15.62
N SER A 165 -32.65 -0.96 15.21
CA SER A 165 -32.96 0.15 16.10
C SER A 165 -34.33 0.03 16.74
N HIS A 166 -35.20 -0.83 16.21
CA HIS A 166 -36.56 -0.98 16.72
C HIS A 166 -36.81 -2.36 17.30
N ARG A 167 -35.78 -3.15 17.55
CA ARG A 167 -35.91 -4.45 18.19
C ARG A 167 -35.57 -4.32 19.68
N VAL A 168 -36.39 -3.54 20.37
CA VAL A 168 -36.13 -3.16 21.76
C VAL A 168 -36.63 -4.24 22.70
N LEU A 169 -35.75 -4.68 23.62
CA LEU A 169 -36.13 -5.75 24.54
C LEU A 169 -37.11 -5.25 25.58
N MET A 170 -36.67 -4.35 26.45
CA MET A 170 -37.53 -3.71 27.43
C MET A 170 -37.63 -2.23 27.10
N TYR A 171 -38.68 -1.58 27.59
CA TYR A 171 -38.95 -0.21 27.21
C TYR A 171 -38.56 0.76 28.32
N GLY A 172 -38.30 2.00 27.92
CA GLY A 172 -37.91 3.03 28.87
C GLY A 172 -39.05 3.53 29.72
N SER A 173 -40.27 3.12 29.43
CA SER A 173 -41.40 3.40 30.31
C SER A 173 -41.55 2.34 31.38
N GLU A 174 -41.35 1.07 31.02
CA GLU A 174 -41.47 -0.04 31.96
C GLU A 174 -40.26 -0.03 32.90
N LEU A 175 -40.28 0.95 33.80
CA LEU A 175 -39.17 1.15 34.72
C LEU A 175 -39.29 0.21 35.93
N ASP A 176 -38.13 -0.17 36.46
CA ASP A 176 -38.04 -1.16 37.52
C ASP A 176 -38.85 -0.73 38.75
N ALA A 177 -39.02 -1.68 39.66
CA ALA A 177 -39.74 -1.41 40.90
C ALA A 177 -38.86 -0.63 41.88
N ASP A 178 -37.59 -0.98 41.99
CA ASP A 178 -36.64 -0.25 42.81
C ASP A 178 -36.43 1.19 42.34
N HIS A 179 -37.10 1.58 41.27
CA HIS A 179 -36.87 2.88 40.65
C HIS A 179 -37.51 3.99 41.46
N PRO A 180 -36.75 4.96 41.96
CA PRO A 180 -37.38 6.15 42.54
C PRO A 180 -38.31 6.77 41.51
N GLY A 181 -39.60 6.74 41.81
CA GLY A 181 -40.62 7.07 40.83
C GLY A 181 -41.42 5.89 40.36
N PHE A 182 -41.11 4.68 40.86
CA PHE A 182 -41.95 3.52 40.57
C PHE A 182 -43.34 3.69 41.16
N LYS A 183 -43.45 4.50 42.22
CA LYS A 183 -44.73 4.78 42.87
C LYS A 183 -45.21 6.19 42.58
N ASP A 184 -44.87 6.72 41.41
CA ASP A 184 -45.23 8.08 41.02
C ASP A 184 -46.36 8.04 40.00
N ASN A 185 -46.85 9.24 39.67
CA ASN A 185 -47.97 9.39 38.75
C ASN A 185 -47.69 10.33 37.59
N VAL A 186 -46.93 11.40 37.82
CA VAL A 186 -46.62 12.35 36.75
C VAL A 186 -45.38 11.91 35.98
N TYR A 187 -44.35 11.48 36.70
CA TYR A 187 -43.14 10.98 36.07
C TYR A 187 -43.47 9.87 35.08
N ARG A 188 -44.16 8.83 35.55
CA ARG A 188 -44.43 7.66 34.74
C ARG A 188 -45.21 7.99 33.48
N GLN A 189 -45.68 9.23 33.35
CA GLN A 189 -46.43 9.63 32.18
C GLN A 189 -45.61 10.40 31.17
N ARG A 190 -44.46 10.93 31.55
CA ARG A 190 -43.53 11.54 30.61
C ARG A 190 -42.58 10.51 30.03
N ARG A 191 -42.24 9.48 30.81
CA ARG A 191 -41.50 8.34 30.34
C ARG A 191 -42.24 7.57 29.26
N LYS A 192 -43.52 7.86 29.06
CA LYS A 192 -44.26 7.33 27.93
C LYS A 192 -44.27 8.26 26.73
N TYR A 193 -44.33 9.57 26.95
CA TYR A 193 -44.13 10.51 25.86
C TYR A 193 -42.79 10.27 25.19
N PHE A 194 -41.76 10.01 25.97
CA PHE A 194 -40.43 9.80 25.39
C PHE A 194 -40.40 8.51 24.57
N VAL A 195 -40.99 7.43 25.09
CA VAL A 195 -41.07 6.20 24.32
C VAL A 195 -41.81 6.43 23.01
N ASP A 196 -42.88 7.21 23.05
CA ASP A 196 -43.64 7.44 21.82
C ASP A 196 -42.84 8.23 20.80
N VAL A 197 -42.10 9.26 21.24
CA VAL A 197 -41.31 10.01 20.27
C VAL A 197 -40.14 9.19 19.74
N ALA A 198 -39.61 8.26 20.53
CA ALA A 198 -38.50 7.43 20.06
C ALA A 198 -38.93 6.31 19.16
N MET A 199 -40.15 5.79 19.32
CA MET A 199 -40.65 4.77 18.40
C MET A 199 -41.12 5.34 17.08
N GLY A 200 -41.00 6.65 16.87
CA GLY A 200 -41.43 7.28 15.64
C GLY A 200 -40.32 7.77 14.74
N TYR A 201 -39.07 7.42 15.01
CA TYR A 201 -37.96 7.86 14.20
C TYR A 201 -37.83 6.99 12.96
N LYS A 202 -37.41 7.61 11.86
CA LYS A 202 -37.21 6.89 10.60
C LYS A 202 -36.03 7.50 9.87
N TYR A 203 -35.17 6.64 9.32
CA TYR A 203 -33.96 7.10 8.65
C TYR A 203 -34.30 8.16 7.59
N GLY A 204 -33.62 9.30 7.69
CA GLY A 204 -33.75 10.36 6.72
C GLY A 204 -34.48 11.58 7.24
N GLN A 205 -35.20 11.48 8.35
CA GLN A 205 -35.96 12.60 8.87
C GLN A 205 -35.24 13.23 10.05
N PRO A 206 -35.07 14.54 10.08
CA PRO A 206 -34.40 15.17 11.21
C PRO A 206 -35.09 14.83 12.52
N ILE A 207 -34.29 14.69 13.57
CA ILE A 207 -34.83 14.30 14.87
C ILE A 207 -35.63 15.46 15.45
N PRO A 208 -36.88 15.25 15.86
CA PRO A 208 -37.67 16.34 16.44
C PRO A 208 -37.05 16.81 17.74
N ARG A 209 -37.37 18.05 18.09
CA ARG A 209 -36.80 18.67 19.28
C ARG A 209 -37.73 18.48 20.48
N VAL A 210 -37.13 18.15 21.62
CA VAL A 210 -37.85 17.95 22.87
C VAL A 210 -37.61 19.16 23.76
N GLU A 211 -38.68 19.71 24.32
CA GLU A 211 -38.60 20.88 25.19
C GLU A 211 -38.68 20.41 26.64
N TYR A 212 -37.57 20.56 27.36
CA TYR A 212 -37.48 20.07 28.73
C TYR A 212 -38.07 21.07 29.70
N THR A 213 -38.80 20.57 30.69
CA THR A 213 -39.50 21.42 31.63
C THR A 213 -38.49 22.09 32.56
N GLU A 214 -39.01 22.80 33.57
CA GLU A 214 -38.16 23.58 34.46
C GLU A 214 -37.43 22.71 35.46
N GLU A 215 -38.04 21.63 35.92
CA GLU A 215 -37.38 20.75 36.88
C GLU A 215 -36.31 19.90 36.19
N GLU A 216 -36.63 19.36 35.02
CA GLU A 216 -35.63 18.60 34.27
C GLU A 216 -34.40 19.45 34.00
N THR A 217 -34.60 20.70 33.61
CA THR A 217 -33.47 21.57 33.32
C THR A 217 -32.62 21.77 34.55
N LYS A 218 -33.25 21.94 35.71
CA LYS A 218 -32.48 22.14 36.94
C LYS A 218 -31.69 20.89 37.29
N THR A 219 -32.26 19.71 37.04
CA THR A 219 -31.52 18.48 37.29
C THR A 219 -30.29 18.38 36.39
N TRP A 220 -30.48 18.65 35.09
CA TRP A 220 -29.34 18.67 34.18
C TRP A 220 -28.28 19.64 34.67
N GLY A 221 -28.70 20.84 35.10
CA GLY A 221 -27.74 21.82 35.57
C GLY A 221 -26.99 21.36 36.80
N VAL A 222 -27.68 20.70 37.73
CA VAL A 222 -27.01 20.19 38.91
C VAL A 222 -25.92 19.20 38.53
N VAL A 223 -26.26 18.24 37.66
CA VAL A 223 -25.26 17.24 37.28
C VAL A 223 -24.10 17.89 36.54
N PHE A 224 -24.40 18.83 35.65
CA PHE A 224 -23.35 19.52 34.91
C PHE A 224 -22.40 20.25 35.84
N ARG A 225 -22.97 21.04 36.77
CA ARG A 225 -22.14 21.84 37.66
C ARG A 225 -21.38 20.99 38.66
N GLU A 226 -21.90 19.80 39.00
CA GLU A 226 -21.18 18.95 39.93
C GLU A 226 -20.09 18.13 39.25
N LEU A 227 -20.24 17.83 37.96
CA LEU A 227 -19.18 17.12 37.25
C LEU A 227 -18.11 18.05 36.71
N SER A 228 -18.44 19.30 36.39
CA SER A 228 -17.49 20.17 35.71
C SER A 228 -16.25 20.45 36.51
N LYS A 229 -16.29 20.33 37.84
CA LYS A 229 -15.15 20.65 38.69
C LYS A 229 -14.28 19.45 39.00
N LEU A 230 -14.46 18.34 38.26
CA LEU A 230 -13.56 17.20 38.34
C LEU A 230 -12.83 16.92 37.04
N TYR A 231 -13.42 17.27 35.90
CA TYR A 231 -12.79 16.94 34.62
C TYR A 231 -11.39 17.51 34.49
N PRO A 232 -11.09 18.74 34.92
CA PRO A 232 -9.75 19.28 34.65
C PRO A 232 -8.63 18.41 35.19
N THR A 233 -8.85 17.71 36.29
CA THR A 233 -7.79 16.92 36.94
C THR A 233 -8.06 15.43 36.90
N HIS A 234 -9.13 14.99 36.27
CA HIS A 234 -9.47 13.57 36.25
C HIS A 234 -9.66 13.02 34.84
N ALA A 235 -10.19 13.82 33.92
CA ALA A 235 -10.50 13.34 32.59
C ALA A 235 -9.24 13.27 31.74
N CYS A 236 -9.35 12.59 30.61
CA CYS A 236 -8.20 12.43 29.73
C CYS A 236 -7.97 13.73 28.98
N ARG A 237 -7.06 13.72 28.01
CA ARG A 237 -6.71 14.94 27.29
C ARG A 237 -7.73 15.26 26.20
N GLU A 238 -8.18 14.24 25.46
CA GLU A 238 -9.12 14.48 24.36
C GLU A 238 -10.47 14.94 24.87
N TYR A 239 -10.97 14.36 25.95
CA TYR A 239 -12.18 14.89 26.55
C TYR A 239 -12.05 16.38 26.82
N LEU A 240 -10.89 16.80 27.33
CA LEU A 240 -10.71 18.21 27.68
C LEU A 240 -10.61 19.09 26.44
N LYS A 241 -9.95 18.61 25.39
CA LYS A 241 -9.85 19.39 24.17
C LYS A 241 -11.15 19.44 23.39
N ASN A 242 -12.09 18.53 23.65
CA ASN A 242 -13.36 18.52 22.94
C ASN A 242 -14.51 19.16 23.71
N PHE A 243 -14.42 19.26 25.04
CA PHE A 243 -15.54 19.83 25.80
C PHE A 243 -15.83 21.28 25.47
N PRO A 244 -14.85 22.18 25.36
CA PRO A 244 -15.18 23.58 25.05
C PRO A 244 -15.90 23.75 23.72
N LEU A 245 -15.53 22.98 22.70
CA LEU A 245 -16.25 23.06 21.43
C LEU A 245 -17.73 22.72 21.61
N LEU A 246 -18.02 21.75 22.47
CA LEU A 246 -19.40 21.42 22.74
C LEU A 246 -20.09 22.55 23.49
N THR A 247 -19.37 23.20 24.40
CA THR A 247 -19.94 24.36 25.09
C THR A 247 -20.23 25.49 24.11
N LYS A 248 -19.47 25.56 23.02
CA LYS A 248 -19.59 26.66 22.08
C LYS A 248 -20.66 26.43 21.01
N TYR A 249 -20.76 25.22 20.48
CA TYR A 249 -21.62 24.97 19.32
C TYR A 249 -22.94 24.26 19.64
N CYS A 250 -22.95 23.34 20.60
CA CYS A 250 -24.15 22.55 20.87
C CYS A 250 -24.98 23.07 22.03
N GLY A 251 -24.39 23.80 22.96
CA GLY A 251 -25.16 24.45 24.01
C GLY A 251 -25.04 23.83 25.37
N TYR A 252 -23.87 23.29 25.70
CA TYR A 252 -23.66 22.67 26.99
C TYR A 252 -23.56 23.77 28.05
N ARG A 253 -24.62 23.92 28.83
CA ARG A 253 -24.67 24.94 29.87
C ARG A 253 -25.96 24.81 30.65
N GLU A 254 -25.97 25.25 31.91
CA GLU A 254 -27.20 25.26 32.66
C GLU A 254 -28.26 26.10 31.94
N ASP A 255 -29.51 25.89 32.34
CA ASP A 255 -30.66 26.60 31.82
C ASP A 255 -31.07 26.08 30.45
N ASN A 256 -30.47 25.00 29.97
CA ASN A 256 -30.96 24.32 28.78
C ASN A 256 -30.22 23.01 28.61
N VAL A 257 -30.91 22.04 28.03
CA VAL A 257 -30.36 20.71 27.79
C VAL A 257 -30.04 20.60 26.30
N PRO A 258 -28.85 20.14 25.93
CA PRO A 258 -28.54 19.98 24.51
C PRO A 258 -29.56 19.09 23.82
N GLN A 259 -29.75 19.34 22.54
CA GLN A 259 -30.65 18.54 21.71
C GLN A 259 -29.84 17.57 20.87
N LEU A 260 -30.51 16.48 20.45
CA LEU A 260 -29.83 15.46 19.66
C LEU A 260 -29.58 15.89 18.23
N GLU A 261 -30.34 16.84 17.70
CA GLU A 261 -30.09 17.30 16.34
C GLU A 261 -28.79 18.10 16.27
N ASP A 262 -28.59 19.02 17.20
CA ASP A 262 -27.34 19.78 17.24
C ASP A 262 -26.16 18.88 17.52
N VAL A 263 -26.32 17.93 18.44
CA VAL A 263 -25.23 17.01 18.76
C VAL A 263 -24.90 16.15 17.55
N SER A 264 -25.91 15.68 16.84
CA SER A 264 -25.66 14.80 15.71
C SER A 264 -25.04 15.55 14.54
N MET A 265 -25.39 16.82 14.36
CA MET A 265 -24.76 17.61 13.32
C MET A 265 -23.36 18.09 13.70
N PHE A 266 -23.07 18.18 15.00
CA PHE A 266 -21.72 18.50 15.43
C PHE A 266 -20.80 17.30 15.32
N LEU A 267 -21.30 16.11 15.63
CA LEU A 267 -20.49 14.90 15.49
C LEU A 267 -20.25 14.58 14.02
N LYS A 268 -21.27 14.71 13.20
CA LYS A 268 -21.18 14.29 11.81
C LYS A 268 -20.08 15.00 11.04
N GLU A 269 -19.59 16.14 11.53
CA GLU A 269 -18.58 16.93 10.85
C GLU A 269 -17.18 16.74 11.42
N ARG A 270 -17.04 16.05 12.54
CA ARG A 270 -15.76 15.88 13.22
C ARG A 270 -15.21 14.47 13.09
N SER A 271 -16.05 13.46 13.29
CA SER A 271 -15.64 12.08 13.16
C SER A 271 -16.49 11.26 12.22
N GLY A 272 -17.72 11.65 11.95
CA GLY A 272 -18.61 10.88 11.11
C GLY A 272 -19.76 10.24 11.84
N PHE A 273 -19.74 10.23 13.17
CA PHE A 273 -20.78 9.58 13.93
C PHE A 273 -22.08 10.36 13.83
N THR A 274 -23.18 9.67 14.07
CA THR A 274 -24.47 10.32 14.25
C THR A 274 -25.18 9.63 15.40
N VAL A 275 -26.29 10.22 15.80
CA VAL A 275 -27.02 9.80 16.98
C VAL A 275 -28.47 9.55 16.57
N ARG A 276 -29.09 8.55 17.17
CA ARG A 276 -30.53 8.39 16.97
C ARG A 276 -31.17 7.91 18.26
N PRO A 277 -32.40 8.32 18.52
CA PRO A 277 -33.04 8.00 19.80
C PRO A 277 -33.57 6.58 19.84
N VAL A 278 -33.62 6.03 21.04
CA VAL A 278 -34.01 4.65 21.25
C VAL A 278 -34.88 4.56 22.48
N ALA A 279 -35.97 3.79 22.40
CA ALA A 279 -36.66 3.34 23.60
C ALA A 279 -35.81 2.25 24.24
N GLY A 280 -35.35 2.48 25.45
CA GLY A 280 -34.12 1.88 25.94
C GLY A 280 -33.90 0.38 25.79
N TYR A 281 -32.65 -0.02 26.01
CA TYR A 281 -32.27 -1.42 26.24
C TYR A 281 -32.56 -2.31 25.03
N LEU A 282 -31.79 -2.10 23.98
CA LEU A 282 -31.73 -3.05 22.88
C LEU A 282 -30.54 -3.99 23.07
N SER A 283 -30.65 -5.20 22.53
CA SER A 283 -29.67 -6.25 22.78
C SER A 283 -28.26 -5.79 22.43
N PRO A 284 -27.24 -6.52 22.90
CA PRO A 284 -25.87 -6.12 22.57
C PRO A 284 -25.50 -6.35 21.12
N ARG A 285 -26.04 -7.40 20.50
CA ARG A 285 -25.79 -7.60 19.08
C ARG A 285 -26.29 -6.42 18.26
N ASP A 286 -27.49 -5.92 18.60
CA ASP A 286 -28.09 -4.82 17.85
C ASP A 286 -27.51 -3.47 18.22
N PHE A 287 -26.87 -3.34 19.37
CA PHE A 287 -26.17 -2.12 19.70
C PHE A 287 -24.78 -2.07 19.07
N LEU A 288 -24.15 -3.22 18.90
CA LEU A 288 -22.85 -3.26 18.24
C LEU A 288 -22.99 -3.22 16.73
N ALA A 289 -24.07 -3.73 16.17
CA ALA A 289 -24.29 -3.61 14.74
C ALA A 289 -24.59 -2.19 14.33
N GLY A 290 -24.74 -1.27 15.27
CA GLY A 290 -25.00 0.11 14.93
C GLY A 290 -23.75 0.94 14.95
N LEU A 291 -22.73 0.46 15.68
CA LEU A 291 -21.43 1.11 15.65
C LEU A 291 -20.64 0.76 14.41
N ALA A 292 -21.04 -0.29 13.69
CA ALA A 292 -20.40 -0.61 12.43
C ALA A 292 -20.66 0.46 11.39
N TYR A 293 -21.83 1.07 11.41
CA TYR A 293 -22.22 2.15 10.53
C TYR A 293 -21.93 3.52 11.10
N ARG A 294 -21.28 3.58 12.25
CA ARG A 294 -21.01 4.84 12.92
C ARG A 294 -22.31 5.53 13.32
N VAL A 295 -23.11 4.81 14.07
CA VAL A 295 -24.38 5.28 14.61
C VAL A 295 -24.41 4.94 16.09
N PHE A 296 -24.91 5.87 16.90
CA PHE A 296 -24.99 5.67 18.34
C PHE A 296 -26.43 5.81 18.78
N HIS A 297 -26.88 4.90 19.62
CA HIS A 297 -28.27 4.86 20.08
C HIS A 297 -28.38 5.53 21.43
N CYS A 298 -29.08 6.65 21.49
CA CYS A 298 -29.17 7.48 22.69
C CYS A 298 -30.57 7.39 23.28
N THR A 299 -30.67 7.76 24.55
CA THR A 299 -31.95 7.99 25.20
C THR A 299 -32.18 9.48 25.35
N GLN A 300 -33.43 9.86 25.53
CA GLN A 300 -33.79 11.27 25.61
C GLN A 300 -34.34 11.71 26.95
N TYR A 301 -34.70 10.78 27.84
CA TYR A 301 -35.27 11.17 29.11
C TYR A 301 -34.19 11.62 30.08
N ILE A 302 -34.61 12.06 31.26
CA ILE A 302 -33.71 12.54 32.30
C ILE A 302 -34.04 11.84 33.61
N ARG A 303 -33.12 11.96 34.57
CA ARG A 303 -33.29 11.36 35.88
C ARG A 303 -34.57 11.86 36.54
N HIS A 304 -34.92 11.21 37.65
CA HIS A 304 -35.97 11.73 38.52
C HIS A 304 -35.38 12.79 39.42
N GLY A 305 -35.99 13.97 39.43
CA GLY A 305 -35.47 15.09 40.19
C GLY A 305 -35.23 14.80 41.66
N SER A 306 -35.72 13.67 42.16
CA SER A 306 -35.52 13.28 43.55
C SER A 306 -34.08 13.55 44.01
N ASP A 307 -33.13 12.89 43.38
CA ASP A 307 -31.72 13.12 43.66
C ASP A 307 -30.96 13.17 42.35
N PRO A 308 -30.35 14.28 42.02
CA PRO A 308 -29.63 14.37 40.74
C PRO A 308 -28.23 13.80 40.86
N LEU A 309 -28.08 12.68 41.54
CA LEU A 309 -26.77 12.09 41.72
C LEU A 309 -26.73 10.58 41.63
N TYR A 310 -27.87 9.90 41.65
CA TYR A 310 -27.91 8.45 41.57
C TYR A 310 -28.74 8.02 40.36
N THR A 311 -28.21 7.09 39.60
CA THR A 311 -28.94 6.58 38.45
C THR A 311 -28.58 5.12 38.21
N PRO A 312 -29.55 4.20 38.27
CA PRO A 312 -29.29 2.80 37.94
C PRO A 312 -29.37 2.48 36.46
N GLU A 313 -29.38 3.48 35.58
CA GLU A 313 -29.67 3.25 34.17
C GLU A 313 -29.08 4.41 33.38
N PRO A 314 -29.05 4.29 32.05
CA PRO A 314 -28.61 5.42 31.23
C PRO A 314 -29.74 6.41 31.01
N ASP A 315 -29.38 7.69 31.00
CA ASP A 315 -30.31 8.73 30.61
C ASP A 315 -29.61 9.72 29.70
N THR A 316 -30.26 10.82 29.36
CA THR A 316 -29.67 11.77 28.42
C THR A 316 -28.49 12.54 29.02
N CYS A 317 -28.19 12.36 30.29
CA CYS A 317 -27.03 13.00 30.90
C CYS A 317 -25.83 12.08 30.96
N HIS A 318 -26.02 10.78 30.73
CA HIS A 318 -24.92 9.84 30.65
C HIS A 318 -24.37 9.75 29.24
N GLU A 319 -25.18 10.10 28.24
CA GLU A 319 -24.78 10.00 26.85
C GLU A 319 -24.45 11.35 26.24
N LEU A 320 -24.49 12.42 27.04
CA LEU A 320 -24.05 13.73 26.56
C LEU A 320 -22.75 14.13 27.24
N LEU A 321 -22.60 13.77 28.52
CA LEU A 321 -21.41 14.08 29.26
C LEU A 321 -20.43 12.94 29.33
N GLY A 322 -20.87 11.71 29.07
CA GLY A 322 -19.97 10.57 29.08
C GLY A 322 -19.49 10.14 27.72
N HIS A 323 -20.41 10.00 26.77
CA HIS A 323 -20.12 9.36 25.49
C HIS A 323 -19.79 10.32 24.37
N VAL A 324 -20.50 11.44 24.28
CA VAL A 324 -20.42 12.31 23.12
C VAL A 324 -19.10 13.06 23.06
N PRO A 325 -18.65 13.72 24.12
CA PRO A 325 -17.41 14.51 24.02
C PRO A 325 -16.21 13.74 23.53
N LEU A 326 -16.31 12.43 23.39
CA LEU A 326 -15.19 11.62 23.00
C LEU A 326 -15.44 10.82 21.72
N LEU A 327 -16.66 10.87 21.18
CA LEU A 327 -16.92 10.37 19.85
C LEU A 327 -16.53 11.37 18.79
N ALA A 328 -16.33 12.63 19.17
CA ALA A 328 -15.90 13.67 18.26
C ALA A 328 -14.43 13.61 17.98
N ASP A 329 -13.77 12.50 18.30
CA ASP A 329 -12.36 12.30 18.03
C ASP A 329 -12.18 11.21 17.00
N PRO A 330 -11.41 11.44 15.95
CA PRO A 330 -11.30 10.44 14.89
C PRO A 330 -10.76 9.09 15.33
N LYS A 331 -9.84 9.05 16.29
CA LYS A 331 -9.27 7.78 16.71
C LYS A 331 -10.21 6.97 17.58
N PHE A 332 -10.91 7.61 18.51
CA PHE A 332 -11.93 6.91 19.25
C PHE A 332 -13.05 6.44 18.33
N ALA A 333 -13.31 7.19 17.27
CA ALA A 333 -14.32 6.77 16.29
C ALA A 333 -13.88 5.51 15.55
N GLN A 334 -12.62 5.44 15.12
CA GLN A 334 -12.15 4.21 14.47
C GLN A 334 -12.18 3.03 15.44
N PHE A 335 -11.73 3.24 16.68
CA PHE A 335 -11.78 2.18 17.67
C PHE A 335 -13.19 1.63 17.84
N SER A 336 -14.17 2.51 18.10
CA SER A 336 -15.55 2.05 18.26
C SER A 336 -16.05 1.33 17.03
N GLN A 337 -15.85 1.90 15.84
CA GLN A 337 -16.39 1.25 14.67
C GLN A 337 -15.76 -0.10 14.42
N GLU A 338 -14.49 -0.29 14.81
CA GLU A 338 -13.88 -1.59 14.59
C GLU A 338 -14.40 -2.64 15.56
N ILE A 339 -14.59 -2.25 16.83
CA ILE A 339 -15.29 -3.17 17.74
C ILE A 339 -16.64 -3.56 17.15
N GLY A 340 -17.31 -2.63 16.49
CA GLY A 340 -18.63 -2.94 15.96
C GLY A 340 -18.58 -3.82 14.73
N LEU A 341 -17.64 -3.58 13.83
CA LEU A 341 -17.52 -4.37 12.62
C LEU A 341 -17.05 -5.79 12.89
N ALA A 342 -16.25 -5.99 13.95
CA ALA A 342 -15.80 -7.34 14.27
C ALA A 342 -16.95 -8.28 14.62
N SER A 343 -18.12 -7.75 14.95
CA SER A 343 -19.20 -8.53 15.54
C SER A 343 -20.41 -8.63 14.63
N LEU A 344 -20.20 -8.71 13.32
CA LEU A 344 -21.29 -8.75 12.36
C LEU A 344 -21.46 -10.18 11.88
N GLY A 345 -22.58 -10.79 12.23
CA GLY A 345 -22.81 -12.17 11.86
C GLY A 345 -22.01 -13.17 12.65
N ALA A 346 -21.60 -12.82 13.86
CA ALA A 346 -20.83 -13.71 14.70
C ALA A 346 -21.75 -14.50 15.62
N SER A 347 -21.21 -15.56 16.20
CA SER A 347 -21.97 -16.43 17.08
C SER A 347 -22.24 -15.77 18.42
N ASP A 348 -23.45 -15.98 18.95
CA ASP A 348 -23.85 -15.31 20.18
C ASP A 348 -22.84 -15.47 21.30
N GLU A 349 -21.92 -16.41 21.18
CA GLU A 349 -20.90 -16.62 22.19
C GLU A 349 -19.70 -15.71 22.02
N ASP A 350 -19.52 -15.12 20.84
CA ASP A 350 -18.47 -14.13 20.62
C ASP A 350 -18.99 -12.71 20.80
N VAL A 351 -20.25 -12.46 20.46
CA VAL A 351 -20.82 -11.16 20.74
C VAL A 351 -20.72 -10.82 22.22
N GLN A 352 -20.75 -11.84 23.08
CA GLN A 352 -20.57 -11.61 24.52
C GLN A 352 -19.14 -11.22 24.88
N LYS A 353 -18.15 -11.87 24.30
CA LYS A 353 -16.77 -11.45 24.54
C LYS A 353 -16.53 -10.03 24.03
N LEU A 354 -17.08 -9.69 22.86
CA LEU A 354 -16.90 -8.34 22.33
C LEU A 354 -17.62 -7.30 23.19
N ALA A 355 -18.84 -7.61 23.62
CA ALA A 355 -19.55 -6.68 24.50
C ALA A 355 -18.83 -6.52 25.83
N THR A 356 -18.13 -7.55 26.30
CA THR A 356 -17.37 -7.42 27.53
C THR A 356 -16.13 -6.54 27.32
N CYS A 357 -15.41 -6.74 26.23
CA CYS A 357 -14.28 -5.87 25.93
C CYS A 357 -14.73 -4.43 25.78
N TYR A 358 -15.89 -4.20 25.15
CA TYR A 358 -16.43 -2.85 25.06
C TYR A 358 -16.82 -2.31 26.42
N PHE A 359 -17.34 -3.16 27.30
CA PHE A 359 -17.68 -2.73 28.64
C PHE A 359 -16.44 -2.25 29.40
N PHE A 360 -15.35 -2.98 29.28
CA PHE A 360 -14.16 -2.67 30.06
C PHE A 360 -13.19 -1.75 29.34
N THR A 361 -13.52 -1.33 28.12
CA THR A 361 -12.71 -0.33 27.41
C THR A 361 -13.45 0.99 27.23
N ILE A 362 -14.63 0.97 26.62
CA ILE A 362 -15.32 2.20 26.26
C ILE A 362 -16.31 2.64 27.30
N GLU A 363 -16.51 1.87 28.36
CA GLU A 363 -17.39 2.28 29.46
C GLU A 363 -16.63 2.54 30.75
N PHE A 364 -15.80 1.60 31.21
CA PHE A 364 -14.98 1.79 32.41
C PHE A 364 -13.53 1.57 32.01
N GLY A 365 -12.92 2.59 31.43
CA GLY A 365 -11.55 2.48 30.97
C GLY A 365 -10.70 3.59 31.56
N LEU A 366 -9.41 3.32 31.64
CA LEU A 366 -8.45 4.28 32.15
C LEU A 366 -7.23 4.29 31.22
N CYS A 367 -6.60 5.45 31.13
CA CYS A 367 -5.42 5.60 30.29
C CYS A 367 -4.38 6.39 31.06
N LYS A 368 -3.11 6.11 30.78
CA LYS A 368 -1.98 6.83 31.37
C LYS A 368 -1.21 7.49 30.24
N GLN A 369 -1.40 8.80 30.07
CA GLN A 369 -0.73 9.52 29.01
C GLN A 369 0.56 10.18 29.48
N GLU A 370 0.57 10.71 30.69
CA GLU A 370 1.79 11.11 31.38
C GLU A 370 2.01 10.19 32.57
N GLY A 371 3.01 10.51 33.38
CA GLY A 371 3.33 9.69 34.52
C GLY A 371 2.12 9.15 35.27
N GLN A 372 1.04 9.93 35.30
CA GLN A 372 -0.20 9.54 35.92
C GLN A 372 -1.24 9.20 34.87
N LEU A 373 -2.27 8.47 35.28
CA LEU A 373 -3.32 8.00 34.38
C LEU A 373 -4.60 8.80 34.57
N ARG A 374 -5.49 8.67 33.59
CA ARG A 374 -6.72 9.44 33.53
C ARG A 374 -7.89 8.49 33.28
N ALA A 375 -9.05 9.06 33.00
CA ALA A 375 -10.28 8.30 32.78
C ALA A 375 -10.88 8.67 31.43
N TYR A 376 -11.21 7.66 30.63
CA TYR A 376 -11.84 7.91 29.34
C TYR A 376 -13.09 7.07 29.12
N GLY A 377 -13.65 6.48 30.17
CA GLY A 377 -14.86 5.71 30.07
C GLY A 377 -16.08 6.53 30.44
N ALA A 378 -17.21 6.19 29.84
CA ALA A 378 -18.44 6.93 30.12
C ALA A 378 -18.96 6.64 31.51
N GLY A 379 -18.89 5.38 31.94
CA GLY A 379 -19.34 5.04 33.27
C GLY A 379 -18.63 5.84 34.35
N LEU A 380 -17.38 6.21 34.11
CA LEU A 380 -16.66 7.07 35.02
C LEU A 380 -17.00 8.54 34.77
N LEU A 381 -16.78 9.01 33.54
CA LEU A 381 -16.93 10.43 33.22
C LEU A 381 -18.34 10.93 33.41
N SER A 382 -19.28 10.06 33.77
CA SER A 382 -20.63 10.50 34.05
C SER A 382 -21.09 10.22 35.47
N SER A 383 -20.21 9.74 36.34
CA SER A 383 -20.58 9.35 37.70
C SER A 383 -19.58 9.94 38.69
N ILE A 384 -20.05 10.82 39.56
CA ILE A 384 -19.16 11.45 40.54
C ILE A 384 -18.57 10.40 41.46
N GLY A 385 -19.40 9.48 41.96
CA GLY A 385 -18.93 8.54 42.96
C GLY A 385 -17.85 7.61 42.46
N GLU A 386 -17.88 7.27 41.17
CA GLU A 386 -16.94 6.30 40.63
C GLU A 386 -15.78 6.93 39.89
N LEU A 387 -15.88 8.19 39.50
CA LEU A 387 -14.76 8.85 38.85
C LEU A 387 -13.65 9.14 39.85
N LYS A 388 -14.01 9.57 41.06
CA LYS A 388 -13.04 9.85 42.11
C LYS A 388 -12.83 8.67 43.03
N HIS A 389 -13.03 7.45 42.53
CA HIS A 389 -12.65 6.23 43.23
C HIS A 389 -11.63 5.42 42.47
N ALA A 390 -11.72 5.39 41.14
CA ALA A 390 -10.74 4.69 40.32
C ALA A 390 -9.43 5.45 40.21
N LEU A 391 -9.46 6.77 40.40
CA LEU A 391 -8.25 7.57 40.51
C LEU A 391 -7.94 7.80 41.99
N SER A 392 -7.56 6.71 42.65
CA SER A 392 -7.31 6.68 44.08
C SER A 392 -6.68 5.35 44.43
N ASP A 393 -5.89 5.34 45.49
CA ASP A 393 -5.18 4.12 45.88
C ASP A 393 -6.07 3.19 46.69
N LYS A 394 -7.27 2.93 46.19
CA LYS A 394 -8.15 1.92 46.77
C LYS A 394 -8.88 1.12 45.71
N ALA A 395 -8.26 0.91 44.55
CA ALA A 395 -8.84 0.12 43.49
C ALA A 395 -7.74 -0.60 42.73
N CYS A 396 -8.03 -1.82 42.30
CA CYS A 396 -7.07 -2.60 41.54
C CYS A 396 -7.09 -2.19 40.08
N VAL A 397 -5.92 -2.17 39.45
CA VAL A 397 -5.76 -1.68 38.09
C VAL A 397 -4.70 -2.53 37.40
N LYS A 398 -5.12 -3.37 36.47
CA LYS A 398 -4.18 -4.16 35.69
C LYS A 398 -4.33 -3.86 34.21
N ALA A 399 -3.30 -4.21 33.45
CA ALA A 399 -3.25 -3.85 32.05
C ALA A 399 -4.40 -4.50 31.28
N PHE A 400 -4.56 -4.08 30.03
CA PHE A 400 -5.64 -4.54 29.17
C PHE A 400 -5.14 -5.70 28.32
N ASP A 401 -5.88 -6.80 28.33
CA ASP A 401 -5.51 -7.99 27.57
C ASP A 401 -6.80 -8.67 27.14
N PRO A 402 -7.20 -8.52 25.88
CA PRO A 402 -8.52 -9.00 25.45
C PRO A 402 -8.72 -10.50 25.59
N LYS A 403 -7.67 -11.26 25.89
CA LYS A 403 -7.82 -12.71 26.05
C LYS A 403 -8.26 -13.08 27.45
N THR A 404 -7.87 -12.31 28.46
CA THR A 404 -8.27 -12.56 29.84
C THR A 404 -9.32 -11.59 30.35
N THR A 405 -9.60 -10.50 29.63
CA THR A 405 -10.60 -9.55 30.05
C THR A 405 -11.97 -9.82 29.46
N CYS A 406 -12.04 -10.64 28.41
CA CYS A 406 -13.33 -11.04 27.86
C CYS A 406 -14.05 -12.05 28.73
N LEU A 407 -13.44 -12.47 29.84
CA LEU A 407 -14.04 -13.38 30.80
C LEU A 407 -14.08 -12.63 32.13
N GLN A 408 -15.18 -11.96 32.41
CA GLN A 408 -15.23 -11.21 33.65
C GLN A 408 -16.64 -10.70 33.88
N GLU A 409 -16.91 -10.33 35.12
CA GLU A 409 -18.25 -9.99 35.57
C GLU A 409 -18.51 -8.50 35.37
N CYS A 410 -19.52 -8.18 34.58
CA CYS A 410 -19.90 -6.80 34.30
C CYS A 410 -20.89 -6.38 35.38
N LEU A 411 -20.39 -5.73 36.41
CA LEU A 411 -21.23 -5.36 37.54
C LEU A 411 -22.04 -4.10 37.21
N ILE A 412 -23.29 -4.09 37.65
CA ILE A 412 -24.24 -3.07 37.24
C ILE A 412 -24.57 -2.07 38.34
N THR A 413 -24.47 -2.46 39.61
CA THR A 413 -24.82 -1.55 40.71
C THR A 413 -23.66 -1.21 41.62
N THR A 414 -22.64 -2.05 41.72
CA THR A 414 -21.51 -1.81 42.58
C THR A 414 -20.29 -1.43 41.76
N PHE A 415 -19.20 -1.13 42.44
CA PHE A 415 -17.98 -0.71 41.77
C PHE A 415 -17.27 -1.92 41.18
N GLN A 416 -16.61 -1.71 40.05
CA GLN A 416 -15.84 -2.77 39.44
C GLN A 416 -14.59 -3.06 40.27
N GLU A 417 -14.26 -4.34 40.43
CA GLU A 417 -13.02 -4.68 41.11
C GLU A 417 -11.83 -4.16 40.33
N ALA A 418 -11.60 -4.69 39.13
CA ALA A 418 -10.48 -4.27 38.31
C ALA A 418 -10.92 -3.19 37.32
N TYR A 419 -9.94 -2.53 36.71
CA TYR A 419 -10.26 -1.39 35.86
C TYR A 419 -9.53 -1.35 34.53
N PHE A 420 -8.47 -2.11 34.32
CA PHE A 420 -7.89 -2.33 32.99
C PHE A 420 -7.43 -1.01 32.35
N VAL A 421 -6.35 -0.47 32.93
CA VAL A 421 -5.67 0.64 32.30
C VAL A 421 -5.12 0.24 30.93
N SER A 422 -4.87 1.24 30.10
CA SER A 422 -4.31 1.04 28.77
C SER A 422 -3.34 2.18 28.48
N GLU A 423 -2.90 2.29 27.23
CA GLU A 423 -1.96 3.33 26.83
C GLU A 423 -2.58 4.35 25.88
N SER A 424 -3.14 3.90 24.76
CA SER A 424 -3.67 4.81 23.76
C SER A 424 -4.69 4.06 22.90
N PHE A 425 -5.66 4.81 22.39
CA PHE A 425 -6.67 4.25 21.50
C PHE A 425 -6.07 3.41 20.40
N GLU A 426 -4.84 3.71 19.97
CA GLU A 426 -4.18 2.92 18.95
C GLU A 426 -3.66 1.59 19.50
N GLU A 427 -3.09 1.60 20.71
CA GLU A 427 -2.65 0.35 21.31
C GLU A 427 -3.84 -0.58 21.54
N ALA A 428 -4.92 -0.05 22.11
CA ALA A 428 -6.10 -0.86 22.35
C ALA A 428 -6.75 -1.29 21.04
N LYS A 429 -6.72 -0.42 20.03
CA LYS A 429 -7.24 -0.81 18.71
C LYS A 429 -6.45 -1.97 18.14
N GLU A 430 -5.12 -1.95 18.29
CA GLU A 430 -4.30 -3.05 17.79
C GLU A 430 -4.55 -4.33 18.57
N LYS A 431 -4.61 -4.24 19.89
CA LYS A 431 -4.90 -5.42 20.69
C LYS A 431 -6.24 -6.02 20.32
N MET A 432 -7.25 -5.18 20.06
CA MET A 432 -8.57 -5.70 19.73
C MET A 432 -8.60 -6.26 18.32
N ARG A 433 -7.84 -5.67 17.39
CA ARG A 433 -7.79 -6.23 16.05
C ARG A 433 -7.05 -7.55 16.03
N ASP A 434 -6.10 -7.74 16.96
CA ASP A 434 -5.47 -9.04 17.09
C ASP A 434 -6.42 -10.05 17.70
N PHE A 435 -7.06 -9.70 18.82
CA PHE A 435 -8.03 -10.60 19.42
C PHE A 435 -9.21 -10.87 18.49
N ALA A 436 -9.53 -9.92 17.61
CA ALA A 436 -10.71 -10.00 16.78
C ALA A 436 -10.55 -10.91 15.57
N LYS A 437 -9.35 -11.43 15.30
CA LYS A 437 -9.20 -12.42 14.26
C LYS A 437 -9.32 -13.83 14.79
N SER A 438 -9.70 -13.99 16.05
CA SER A 438 -10.04 -15.30 16.57
C SER A 438 -11.50 -15.65 16.33
N ILE A 439 -12.39 -14.66 16.45
CA ILE A 439 -13.80 -14.90 16.25
C ILE A 439 -14.02 -15.65 14.95
N THR A 440 -14.65 -16.81 15.05
CA THR A 440 -14.85 -17.65 13.88
C THR A 440 -15.92 -17.06 12.97
N ARG A 441 -15.58 -16.90 11.70
CA ARG A 441 -16.51 -16.36 10.71
C ARG A 441 -15.95 -16.71 9.34
N PRO A 442 -16.78 -17.14 8.40
CA PRO A 442 -16.27 -17.60 7.10
C PRO A 442 -16.10 -16.53 6.02
N PHE A 443 -16.05 -15.25 6.36
CA PHE A 443 -15.84 -14.21 5.37
C PHE A 443 -15.18 -13.02 6.04
N SER A 444 -14.88 -11.99 5.27
CA SER A 444 -14.52 -10.71 5.87
C SER A 444 -15.51 -9.66 5.43
N VAL A 445 -15.57 -8.56 6.16
CA VAL A 445 -16.48 -7.47 5.85
C VAL A 445 -15.67 -6.22 5.57
N TYR A 446 -16.14 -5.43 4.63
CA TYR A 446 -15.53 -4.18 4.23
C TYR A 446 -16.59 -3.10 4.23
N PHE A 447 -16.38 -2.02 4.96
CA PHE A 447 -17.33 -0.93 5.02
C PHE A 447 -17.02 0.09 3.93
N ASN A 448 -18.00 0.33 3.06
CA ASN A 448 -17.89 1.32 2.00
C ASN A 448 -18.51 2.61 2.48
N PRO A 449 -17.72 3.68 2.70
CA PRO A 449 -18.24 4.90 3.30
C PRO A 449 -18.92 5.87 2.35
N TYR A 450 -18.79 5.70 1.04
CA TYR A 450 -19.55 6.49 0.10
C TYR A 450 -20.99 6.01 0.05
N THR A 451 -21.18 4.73 -0.22
CA THR A 451 -22.48 4.11 -0.20
C THR A 451 -23.00 3.90 1.21
N GLN A 452 -22.10 3.81 2.19
CA GLN A 452 -22.46 3.48 3.56
C GLN A 452 -23.07 2.08 3.64
N SER A 453 -22.28 1.09 3.22
CA SER A 453 -22.81 -0.26 3.21
C SER A 453 -21.70 -1.27 3.44
N ILE A 454 -22.08 -2.44 3.89
CA ILE A 454 -21.14 -3.51 4.21
C ILE A 454 -21.03 -4.46 3.02
N GLU A 455 -19.82 -4.96 2.78
CA GLU A 455 -19.57 -5.87 1.67
C GLU A 455 -18.81 -7.08 2.15
N ILE A 456 -19.15 -8.25 1.61
CA ILE A 456 -18.57 -9.51 2.03
C ILE A 456 -17.42 -9.83 1.09
N LEU A 457 -16.19 -9.74 1.59
CA LEU A 457 -15.03 -10.22 0.86
C LEU A 457 -14.94 -11.71 1.08
N LYS A 458 -15.32 -12.46 0.04
CA LYS A 458 -15.24 -13.91 0.04
C LYS A 458 -14.84 -14.49 -1.31
N ASP A 459 -14.48 -13.67 -2.30
CA ASP A 459 -13.97 -14.15 -3.57
C ASP A 459 -12.83 -13.22 -3.98
N THR A 460 -12.45 -13.27 -5.25
CA THR A 460 -11.29 -12.52 -5.72
C THR A 460 -11.65 -11.23 -6.46
N ARG A 461 -12.88 -11.13 -6.96
CA ARG A 461 -13.32 -9.88 -7.60
C ARG A 461 -13.48 -8.76 -6.58
N SER A 462 -14.01 -9.07 -5.40
CA SER A 462 -14.15 -8.08 -4.34
C SER A 462 -12.78 -7.62 -3.85
N ILE A 463 -11.90 -8.57 -3.58
CA ILE A 463 -10.58 -8.19 -3.10
C ILE A 463 -9.85 -7.37 -4.14
N GLU A 464 -10.05 -7.69 -5.42
CA GLU A 464 -9.39 -6.91 -6.45
C GLU A 464 -9.91 -5.48 -6.49
N ASN A 465 -11.22 -5.30 -6.28
CA ASN A 465 -11.76 -3.94 -6.16
C ASN A 465 -11.09 -3.18 -5.02
N VAL A 466 -10.99 -3.80 -3.86
CA VAL A 466 -10.40 -3.11 -2.71
C VAL A 466 -8.96 -2.69 -3.00
N VAL A 467 -8.19 -3.57 -3.62
CA VAL A 467 -6.80 -3.23 -3.90
C VAL A 467 -6.71 -2.09 -4.92
N GLN A 468 -7.56 -2.13 -5.95
CA GLN A 468 -7.54 -1.06 -6.94
C GLN A 468 -7.88 0.27 -6.30
N ASP A 469 -8.72 0.28 -5.28
CA ASP A 469 -9.01 1.54 -4.58
C ASP A 469 -7.89 1.95 -3.63
N LEU A 470 -7.07 1.00 -3.17
CA LEU A 470 -5.91 1.36 -2.36
C LEU A 470 -4.86 2.08 -3.20
N ARG A 471 -4.70 1.66 -4.45
CA ARG A 471 -3.68 2.27 -5.29
C ARG A 471 -3.95 3.75 -5.53
N SER A 472 -5.22 4.12 -5.71
CA SER A 472 -5.55 5.51 -5.95
C SER A 472 -5.26 6.39 -4.74
N ASP A 473 -5.37 5.84 -3.53
CA ASP A 473 -5.01 6.61 -2.34
C ASP A 473 -3.52 6.64 -2.09
N LEU A 474 -2.77 5.65 -2.58
CA LEU A 474 -1.31 5.75 -2.52
C LEU A 474 -0.79 6.80 -3.50
N ASN A 475 -1.45 6.96 -4.63
CA ASN A 475 -1.04 7.99 -5.59
C ASN A 475 -1.16 9.39 -5.01
N THR A 476 -2.18 9.63 -4.18
CA THR A 476 -2.34 10.94 -3.58
C THR A 476 -1.14 11.30 -2.71
N VAL A 477 -0.67 10.35 -1.91
CA VAL A 477 0.51 10.58 -1.07
C VAL A 477 1.73 10.81 -1.93
N CYS A 478 1.90 9.97 -2.96
CA CYS A 478 3.07 10.12 -3.80
C CYS A 478 3.09 11.45 -4.54
N ASP A 479 1.94 12.09 -4.74
CA ASP A 479 1.89 13.41 -5.35
C ASP A 479 2.04 14.54 -4.33
N ALA A 480 1.47 14.38 -3.14
CA ALA A 480 1.68 15.36 -2.08
C ALA A 480 3.15 15.52 -1.77
N LEU A 481 3.90 14.40 -1.76
CA LEU A 481 5.32 14.50 -1.44
C LEU A 481 6.08 15.20 -2.55
N ASN A 482 5.75 14.92 -3.81
CA ASN A 482 6.41 15.62 -4.91
C ASN A 482 6.17 17.12 -4.86
N LYS A 483 4.94 17.53 -4.55
CA LYS A 483 4.69 18.96 -4.42
C LYS A 483 5.49 19.54 -3.28
N MET A 484 5.51 18.85 -2.14
CA MET A 484 6.24 19.33 -0.97
C MET A 484 7.73 19.44 -1.26
N ASN A 485 8.25 18.63 -2.18
CA ASN A 485 9.63 18.77 -2.61
C ASN A 485 9.80 19.98 -3.52
N GLN A 486 9.15 19.96 -4.68
CA GLN A 486 9.43 20.98 -5.67
C GLN A 486 9.19 22.37 -5.12
N TYR A 487 8.15 22.54 -4.31
CA TYR A 487 7.91 23.83 -3.68
C TYR A 487 8.81 24.04 -2.48
N LEU A 488 9.92 23.31 -2.45
CA LEU A 488 10.99 23.43 -1.46
C LEU A 488 12.28 23.05 -2.18
N GLY A 489 13.34 22.78 -1.43
CA GLY A 489 14.52 22.18 -2.03
C GLY A 489 14.36 20.67 -2.10
N ILE A 490 14.82 20.10 -3.21
CA ILE A 490 14.73 18.66 -3.41
C ILE A 490 15.35 17.91 -2.24
N VAL B 151 -4.98 31.86 -3.17
CA VAL B 151 -5.72 31.08 -4.15
C VAL B 151 -7.20 31.39 -4.01
N PRO B 152 -7.96 31.17 -5.08
CA PRO B 152 -9.40 31.45 -5.04
C PRO B 152 -10.13 30.54 -4.07
N TRP B 153 -11.27 31.03 -3.60
CA TRP B 153 -12.02 30.36 -2.54
C TRP B 153 -12.69 29.11 -3.06
N PHE B 154 -12.59 28.02 -2.29
CA PHE B 154 -13.32 26.80 -2.58
C PHE B 154 -13.91 26.27 -1.28
N PRO B 155 -14.97 25.48 -1.36
CA PRO B 155 -15.61 24.97 -0.14
C PRO B 155 -14.80 23.85 0.48
N ARG B 156 -14.66 23.90 1.80
CA ARG B 156 -13.90 22.90 2.54
C ARG B 156 -14.79 21.98 3.36
N LYS B 157 -16.08 21.95 3.09
CA LYS B 157 -17.00 21.02 3.72
C LYS B 157 -18.33 21.11 2.99
N ILE B 158 -19.07 20.00 2.97
CA ILE B 158 -20.23 19.90 2.10
C ILE B 158 -21.36 20.84 2.51
N SER B 159 -21.24 21.51 3.65
CA SER B 159 -22.24 22.50 4.02
C SER B 159 -21.90 23.88 3.49
N GLU B 160 -20.62 24.17 3.28
CA GLU B 160 -20.21 25.41 2.63
C GLU B 160 -20.47 25.41 1.14
N LEU B 161 -21.01 24.33 0.60
CA LEU B 161 -21.32 24.26 -0.82
C LEU B 161 -22.57 25.03 -1.17
N ASP B 162 -23.23 25.66 -0.20
CA ASP B 162 -24.42 26.44 -0.48
C ASP B 162 -24.09 27.82 -1.03
N LYS B 163 -22.87 28.29 -0.85
CA LYS B 163 -22.46 29.53 -1.51
C LYS B 163 -22.28 29.30 -3.00
N CYS B 164 -21.74 28.13 -3.38
CA CYS B 164 -21.56 27.82 -4.79
C CYS B 164 -22.88 27.49 -5.45
N SER B 165 -23.69 26.66 -4.80
CA SER B 165 -24.98 26.26 -5.35
C SER B 165 -25.93 27.44 -5.56
N HIS B 166 -25.64 28.59 -4.94
CA HIS B 166 -26.52 29.75 -5.03
C HIS B 166 -25.84 30.94 -5.68
N ARG B 167 -24.71 30.74 -6.34
CA ARG B 167 -24.04 31.80 -7.10
C ARG B 167 -24.38 31.67 -8.58
N VAL B 168 -25.65 31.84 -8.88
CA VAL B 168 -26.18 31.59 -10.21
C VAL B 168 -25.95 32.81 -11.10
N LEU B 169 -25.37 32.58 -12.28
CA LEU B 169 -25.07 33.70 -13.18
C LEU B 169 -26.33 34.24 -13.82
N MET B 170 -26.98 33.45 -14.64
CA MET B 170 -28.27 33.79 -15.25
C MET B 170 -29.32 32.85 -14.71
N TYR B 171 -30.56 33.29 -14.69
CA TYR B 171 -31.63 32.52 -14.08
C TYR B 171 -32.43 31.76 -15.13
N GLY B 172 -33.02 30.66 -14.68
CA GLY B 172 -33.80 29.81 -15.57
C GLY B 172 -35.12 30.39 -15.99
N SER B 173 -35.48 31.56 -15.47
CA SER B 173 -36.68 32.28 -15.89
C SER B 173 -36.39 33.28 -16.99
N GLU B 174 -35.13 33.45 -17.39
CA GLU B 174 -34.77 34.45 -18.39
C GLU B 174 -34.64 33.78 -19.76
N LEU B 175 -35.80 33.55 -20.36
CA LEU B 175 -35.85 32.95 -21.68
C LEU B 175 -35.28 33.91 -22.72
N ASP B 176 -34.48 33.35 -23.63
CA ASP B 176 -33.80 34.14 -24.66
C ASP B 176 -34.77 34.47 -25.80
N ALA B 177 -34.27 35.25 -26.76
CA ALA B 177 -35.11 35.69 -27.88
C ALA B 177 -35.52 34.50 -28.76
N ASP B 178 -34.55 33.70 -29.18
CA ASP B 178 -34.85 32.54 -30.02
C ASP B 178 -35.61 31.45 -29.28
N HIS B 179 -35.99 31.68 -28.03
CA HIS B 179 -36.60 30.65 -27.23
C HIS B 179 -38.07 30.51 -27.57
N PRO B 180 -38.52 29.37 -28.08
CA PRO B 180 -39.97 29.16 -28.21
C PRO B 180 -40.62 29.31 -26.85
N GLY B 181 -41.56 30.24 -26.76
CA GLY B 181 -42.11 30.64 -25.49
C GLY B 181 -41.60 31.97 -24.98
N PHE B 182 -40.71 32.63 -25.73
CA PHE B 182 -40.28 33.98 -25.38
C PHE B 182 -41.42 34.98 -25.47
N LYS B 183 -42.44 34.67 -26.27
CA LYS B 183 -43.62 35.52 -26.41
C LYS B 183 -44.86 34.89 -25.80
N ASP B 184 -44.69 34.11 -24.74
CA ASP B 184 -45.78 33.43 -24.08
C ASP B 184 -46.15 34.14 -22.78
N ASN B 185 -47.21 33.68 -22.16
CA ASN B 185 -47.70 34.30 -20.93
C ASN B 185 -47.88 33.31 -19.79
N VAL B 186 -48.32 32.08 -20.08
CA VAL B 186 -48.50 31.08 -19.04
C VAL B 186 -47.20 30.34 -18.75
N TYR B 187 -46.42 30.04 -19.80
CA TYR B 187 -45.13 29.40 -19.61
C TYR B 187 -44.27 30.19 -18.64
N ARG B 188 -43.96 31.44 -18.99
CA ARG B 188 -43.06 32.24 -18.19
C ARG B 188 -43.40 32.18 -16.71
N GLN B 189 -44.68 32.13 -16.37
CA GLN B 189 -45.05 32.02 -14.96
C GLN B 189 -44.71 30.64 -14.42
N ARG B 190 -44.99 29.60 -15.20
CA ARG B 190 -44.60 28.25 -14.80
C ARG B 190 -43.10 28.18 -14.54
N ARG B 191 -42.30 28.67 -15.47
CA ARG B 191 -40.85 28.60 -15.35
C ARG B 191 -40.29 29.60 -14.36
N LYS B 192 -41.08 30.57 -13.90
CA LYS B 192 -40.67 31.40 -12.79
C LYS B 192 -41.02 30.76 -11.45
N TYR B 193 -41.99 29.86 -11.43
CA TYR B 193 -42.26 29.08 -10.23
C TYR B 193 -41.06 28.23 -9.84
N PHE B 194 -40.41 27.61 -10.83
CA PHE B 194 -39.30 26.73 -10.54
C PHE B 194 -38.11 27.47 -9.97
N VAL B 195 -37.85 28.68 -10.46
CA VAL B 195 -36.74 29.46 -9.93
C VAL B 195 -36.89 29.65 -8.43
N ASP B 196 -38.09 29.97 -7.98
CA ASP B 196 -38.28 30.20 -6.55
C ASP B 196 -38.30 28.90 -5.78
N VAL B 197 -38.76 27.80 -6.40
CA VAL B 197 -38.67 26.53 -5.70
C VAL B 197 -37.22 26.12 -5.49
N ALA B 198 -36.35 26.48 -6.42
CA ALA B 198 -34.95 26.07 -6.37
C ALA B 198 -34.09 27.02 -5.55
N MET B 199 -34.47 28.28 -5.44
CA MET B 199 -33.74 29.20 -4.56
C MET B 199 -34.07 28.99 -3.09
N GLY B 200 -34.92 28.02 -2.77
CA GLY B 200 -35.27 27.74 -1.39
C GLY B 200 -34.69 26.47 -0.81
N TYR B 201 -33.75 25.84 -1.51
CA TYR B 201 -33.13 24.61 -1.02
C TYR B 201 -32.05 24.92 -0.01
N LYS B 202 -31.92 24.06 0.99
CA LYS B 202 -30.90 24.20 2.02
C LYS B 202 -30.41 22.82 2.44
N TYR B 203 -29.09 22.69 2.58
CA TYR B 203 -28.50 21.41 2.92
C TYR B 203 -29.16 20.81 4.15
N GLY B 204 -29.61 19.56 4.02
CA GLY B 204 -30.20 18.82 5.12
C GLY B 204 -31.69 18.61 5.01
N GLN B 205 -32.37 19.37 4.15
CA GLN B 205 -33.82 19.25 4.05
C GLN B 205 -34.19 18.47 2.80
N PRO B 206 -35.06 17.47 2.91
CA PRO B 206 -35.45 16.70 1.72
C PRO B 206 -36.02 17.61 0.65
N ILE B 207 -35.72 17.28 -0.60
CA ILE B 207 -36.17 18.11 -1.73
C ILE B 207 -37.67 18.00 -1.88
N PRO B 208 -38.40 19.11 -1.92
CA PRO B 208 -39.85 19.03 -2.08
C PRO B 208 -40.22 18.45 -3.43
N ARG B 209 -41.42 17.87 -3.50
CA ARG B 209 -41.88 17.20 -4.71
C ARG B 209 -42.64 18.18 -5.59
N VAL B 210 -42.34 18.15 -6.89
CA VAL B 210 -43.01 18.99 -7.87
C VAL B 210 -44.04 18.17 -8.60
N GLU B 211 -45.24 18.73 -8.76
CA GLU B 211 -46.36 18.06 -9.41
C GLU B 211 -46.46 18.56 -10.84
N TYR B 212 -46.19 17.69 -11.80
CA TYR B 212 -46.12 18.08 -13.20
C TYR B 212 -47.51 17.99 -13.83
N THR B 213 -47.88 19.01 -14.59
CA THR B 213 -49.21 19.06 -15.17
C THR B 213 -49.35 18.01 -16.26
N GLU B 214 -50.50 18.05 -16.95
CA GLU B 214 -50.83 17.04 -17.94
C GLU B 214 -50.07 17.22 -19.24
N GLU B 215 -49.75 18.45 -19.62
CA GLU B 215 -48.99 18.68 -20.84
C GLU B 215 -47.52 18.38 -20.65
N GLU B 216 -46.95 18.82 -19.52
CA GLU B 216 -45.57 18.48 -19.22
C GLU B 216 -45.36 16.97 -19.22
N THR B 217 -46.29 16.23 -18.64
CA THR B 217 -46.16 14.78 -18.61
C THR B 217 -46.16 14.21 -20.01
N LYS B 218 -46.99 14.74 -20.89
CA LYS B 218 -47.02 14.27 -22.27
C LYS B 218 -45.70 14.54 -22.97
N THR B 219 -45.10 15.70 -22.72
CA THR B 219 -43.81 16.00 -23.32
C THR B 219 -42.75 15.01 -22.85
N TRP B 220 -42.70 14.78 -21.53
CA TRP B 220 -41.76 13.79 -21.00
C TRP B 220 -41.98 12.44 -21.67
N GLY B 221 -43.23 12.03 -21.79
CA GLY B 221 -43.51 10.73 -22.38
C GLY B 221 -43.10 10.65 -23.84
N VAL B 222 -43.31 11.73 -24.58
CA VAL B 222 -42.91 11.75 -25.99
C VAL B 222 -41.40 11.56 -26.10
N VAL B 223 -40.64 12.29 -25.30
CA VAL B 223 -39.18 12.17 -25.37
C VAL B 223 -38.75 10.76 -24.97
N PHE B 224 -39.32 10.25 -23.88
CA PHE B 224 -38.99 8.90 -23.43
C PHE B 224 -39.25 7.87 -24.53
N ARG B 225 -40.43 7.92 -25.15
CA ARG B 225 -40.79 6.95 -26.17
C ARG B 225 -39.90 7.06 -27.40
N GLU B 226 -39.73 8.28 -27.91
CA GLU B 226 -38.96 8.45 -29.12
C GLU B 226 -37.46 8.21 -28.91
N LEU B 227 -37.00 8.20 -27.66
CA LEU B 227 -35.58 8.04 -27.42
C LEU B 227 -35.19 6.67 -26.90
N SER B 228 -36.11 5.92 -26.29
CA SER B 228 -35.76 4.63 -25.73
C SER B 228 -35.78 3.50 -26.74
N LYS B 229 -36.25 3.74 -27.97
CA LYS B 229 -36.28 2.70 -28.98
C LYS B 229 -35.01 2.62 -29.80
N LEU B 230 -33.99 3.42 -29.46
CA LEU B 230 -32.69 3.30 -30.11
C LEU B 230 -31.55 3.29 -29.12
N TYR B 231 -31.83 3.07 -27.83
CA TYR B 231 -30.77 2.89 -26.85
C TYR B 231 -30.14 1.51 -27.02
N PRO B 232 -30.93 0.45 -27.21
CA PRO B 232 -30.33 -0.90 -27.19
C PRO B 232 -29.19 -1.08 -28.15
N THR B 233 -29.15 -0.31 -29.25
CA THR B 233 -28.14 -0.48 -30.27
C THR B 233 -27.16 0.68 -30.37
N HIS B 234 -27.29 1.70 -29.51
CA HIS B 234 -26.44 2.87 -29.63
C HIS B 234 -25.76 3.21 -28.31
N ALA B 235 -26.39 2.90 -27.19
CA ALA B 235 -25.88 3.25 -25.88
C ALA B 235 -24.86 2.24 -25.40
N CYS B 236 -24.03 2.65 -24.46
CA CYS B 236 -22.99 1.77 -23.96
C CYS B 236 -23.62 0.67 -23.12
N ARG B 237 -22.77 -0.16 -22.52
CA ARG B 237 -23.25 -1.31 -21.77
C ARG B 237 -23.70 -0.92 -20.36
N GLU B 238 -22.91 -0.08 -19.68
CA GLU B 238 -23.22 0.35 -18.33
C GLU B 238 -24.43 1.27 -18.26
N TYR B 239 -24.92 1.76 -19.39
CA TYR B 239 -26.18 2.48 -19.43
C TYR B 239 -27.35 1.51 -19.51
N LEU B 240 -27.18 0.45 -20.29
CA LEU B 240 -28.25 -0.54 -20.43
C LEU B 240 -28.41 -1.38 -19.18
N LYS B 241 -27.32 -1.64 -18.45
CA LYS B 241 -27.43 -2.40 -17.23
C LYS B 241 -28.00 -1.59 -16.07
N ASN B 242 -28.16 -0.28 -16.25
CA ASN B 242 -28.69 0.58 -15.20
C ASN B 242 -30.06 1.14 -15.50
N PHE B 243 -30.45 1.24 -16.77
CA PHE B 243 -31.78 1.78 -17.07
C PHE B 243 -32.92 0.96 -16.48
N PRO B 244 -32.94 -0.37 -16.54
CA PRO B 244 -34.06 -1.10 -15.94
C PRO B 244 -34.23 -0.87 -14.45
N LEU B 245 -33.13 -0.76 -13.70
CA LEU B 245 -33.23 -0.47 -12.28
C LEU B 245 -33.93 0.87 -12.05
N LEU B 246 -33.65 1.84 -12.92
CA LEU B 246 -34.34 3.12 -12.80
C LEU B 246 -35.81 2.98 -13.14
N THR B 247 -36.13 2.13 -14.12
CA THR B 247 -37.54 1.88 -14.42
C THR B 247 -38.26 1.20 -13.26
N LYS B 248 -37.52 0.46 -12.44
CA LYS B 248 -38.10 -0.30 -11.36
C LYS B 248 -38.25 0.49 -10.07
N TYR B 249 -37.24 1.29 -9.69
CA TYR B 249 -37.21 1.92 -8.38
C TYR B 249 -37.53 3.41 -8.37
N CYS B 250 -37.35 4.11 -9.48
CA CYS B 250 -37.54 5.56 -9.48
C CYS B 250 -38.78 6.01 -10.24
N GLY B 251 -39.24 5.24 -11.21
CA GLY B 251 -40.50 5.56 -11.87
C GLY B 251 -40.38 6.04 -13.28
N TYR B 252 -39.38 5.56 -14.01
CA TYR B 252 -39.18 5.96 -15.39
C TYR B 252 -40.22 5.26 -16.25
N ARG B 253 -41.29 5.98 -16.59
CA ARG B 253 -42.30 5.44 -17.47
C ARG B 253 -43.01 6.58 -18.17
N GLU B 254 -43.53 6.29 -19.36
CA GLU B 254 -44.12 7.33 -20.20
C GLU B 254 -45.22 8.11 -19.50
N ASP B 255 -45.80 7.58 -18.44
CA ASP B 255 -46.94 8.22 -17.79
C ASP B 255 -46.58 8.90 -16.48
N ASN B 256 -45.30 8.92 -16.12
CA ASN B 256 -44.85 9.50 -14.87
C ASN B 256 -43.52 10.20 -15.08
N VAL B 257 -43.32 11.32 -14.39
CA VAL B 257 -42.08 12.08 -14.45
C VAL B 257 -41.32 11.84 -13.15
N PRO B 258 -40.12 11.29 -13.19
CA PRO B 258 -39.39 11.00 -11.96
C PRO B 258 -39.18 12.26 -11.12
N GLN B 259 -39.05 12.07 -9.82
CA GLN B 259 -38.78 13.14 -8.88
C GLN B 259 -37.33 13.08 -8.43
N LEU B 260 -36.81 14.22 -7.99
CA LEU B 260 -35.41 14.30 -7.60
C LEU B 260 -35.14 13.64 -6.25
N GLU B 261 -36.15 13.51 -5.39
CA GLU B 261 -35.92 12.83 -4.12
C GLU B 261 -35.69 11.34 -4.33
N ASP B 262 -36.52 10.70 -5.15
CA ASP B 262 -36.33 9.29 -5.44
C ASP B 262 -35.04 9.06 -6.19
N VAL B 263 -34.70 9.93 -7.15
CA VAL B 263 -33.47 9.77 -7.89
C VAL B 263 -32.27 9.94 -6.98
N SER B 264 -32.33 10.90 -6.06
CA SER B 264 -31.19 11.14 -5.19
C SER B 264 -31.02 10.02 -4.18
N MET B 265 -32.11 9.42 -3.71
CA MET B 265 -32.00 8.29 -2.80
C MET B 265 -31.62 7.01 -3.51
N PHE B 266 -31.88 6.92 -4.82
CA PHE B 266 -31.43 5.76 -5.59
C PHE B 266 -29.95 5.87 -5.92
N LEU B 267 -29.47 7.07 -6.23
CA LEU B 267 -28.05 7.25 -6.50
C LEU B 267 -27.23 7.09 -5.24
N LYS B 268 -27.71 7.64 -4.13
CA LYS B 268 -26.93 7.66 -2.90
C LYS B 268 -26.55 6.27 -2.40
N GLU B 269 -27.24 5.24 -2.85
CA GLU B 269 -27.00 3.86 -2.41
C GLU B 269 -26.16 3.06 -3.39
N ARG B 270 -25.91 3.55 -4.59
CA ARG B 270 -25.21 2.82 -5.64
C ARG B 270 -23.81 3.33 -5.86
N SER B 271 -23.64 4.65 -5.95
CA SER B 271 -22.33 5.25 -6.13
C SER B 271 -21.97 6.30 -5.10
N GLY B 272 -22.94 6.92 -4.45
CA GLY B 272 -22.66 7.96 -3.49
C GLY B 272 -23.11 9.34 -3.93
N PHE B 273 -23.50 9.52 -5.19
CA PHE B 273 -23.90 10.82 -5.67
C PHE B 273 -25.23 11.24 -5.08
N THR B 274 -25.49 12.54 -5.12
CA THR B 274 -26.81 13.07 -4.84
C THR B 274 -27.04 14.23 -5.78
N VAL B 275 -28.29 14.66 -5.88
CA VAL B 275 -28.66 15.73 -6.77
C VAL B 275 -29.29 16.84 -5.95
N ARG B 276 -29.10 18.07 -6.40
CA ARG B 276 -29.81 19.19 -5.80
C ARG B 276 -30.24 20.15 -6.89
N PRO B 277 -31.38 20.81 -6.72
CA PRO B 277 -31.92 21.65 -7.77
C PRO B 277 -31.21 23.00 -7.85
N VAL B 278 -31.19 23.56 -9.05
CA VAL B 278 -30.47 24.80 -9.31
C VAL B 278 -31.32 25.66 -10.24
N ALA B 279 -31.38 26.95 -9.94
CA ALA B 279 -31.83 27.93 -10.93
C ALA B 279 -30.69 28.12 -11.93
N GLY B 280 -30.95 27.78 -13.19
CA GLY B 280 -29.90 27.35 -14.08
C GLY B 280 -28.63 28.16 -14.22
N TYR B 281 -27.63 27.55 -14.85
CA TYR B 281 -26.44 28.22 -15.37
C TYR B 281 -25.60 28.87 -14.27
N LEU B 282 -24.98 28.02 -13.47
CA LEU B 282 -23.91 28.45 -12.59
C LEU B 282 -22.55 28.21 -13.25
N SER B 283 -21.57 29.03 -12.87
CA SER B 283 -20.28 29.03 -13.54
C SER B 283 -19.66 27.63 -13.57
N PRO B 284 -18.66 27.42 -14.41
CA PRO B 284 -18.02 26.09 -14.44
C PRO B 284 -17.18 25.79 -13.22
N ARG B 285 -16.56 26.81 -12.61
CA ARG B 285 -15.84 26.58 -11.37
C ARG B 285 -16.77 26.05 -10.29
N ASP B 286 -17.98 26.61 -10.18
CA ASP B 286 -18.92 26.22 -9.13
C ASP B 286 -19.64 24.92 -9.42
N PHE B 287 -19.61 24.45 -10.66
CA PHE B 287 -20.15 23.14 -11.00
C PHE B 287 -19.12 22.05 -10.74
N LEU B 288 -17.88 22.28 -11.18
CA LEU B 288 -16.82 21.33 -10.89
C LEU B 288 -16.54 21.26 -9.40
N ALA B 289 -16.73 22.35 -8.66
CA ALA B 289 -16.51 22.29 -7.22
C ALA B 289 -17.61 21.51 -6.52
N GLY B 290 -18.71 21.26 -7.20
CA GLY B 290 -19.77 20.47 -6.62
C GLY B 290 -19.62 19.03 -6.99
N LEU B 291 -18.96 18.75 -8.11
CA LEU B 291 -18.65 17.35 -8.43
C LEU B 291 -17.58 16.78 -7.52
N ALA B 292 -16.85 17.61 -6.79
CA ALA B 292 -15.80 17.13 -5.90
C ALA B 292 -16.37 16.47 -4.66
N TYR B 293 -17.55 16.92 -4.20
CA TYR B 293 -18.25 16.34 -3.08
C TYR B 293 -19.24 15.28 -3.50
N ARG B 294 -19.24 14.89 -4.76
CA ARG B 294 -20.21 13.94 -5.30
C ARG B 294 -21.62 14.52 -5.19
N VAL B 295 -21.80 15.70 -5.75
CA VAL B 295 -23.09 16.38 -5.82
C VAL B 295 -23.29 16.84 -7.25
N PHE B 296 -24.51 16.73 -7.75
CA PHE B 296 -24.84 17.10 -9.12
C PHE B 296 -25.96 18.12 -9.10
N HIS B 297 -25.82 19.19 -9.87
CA HIS B 297 -26.77 20.28 -9.88
C HIS B 297 -27.74 20.10 -11.05
N CYS B 298 -29.00 19.86 -10.74
CA CYS B 298 -30.02 19.55 -11.72
C CYS B 298 -30.99 20.72 -11.90
N THR B 299 -31.73 20.70 -12.99
CA THR B 299 -32.86 21.59 -13.19
C THR B 299 -34.15 20.78 -13.06
N GLN B 300 -35.25 21.47 -12.83
CA GLN B 300 -36.52 20.80 -12.60
C GLN B 300 -37.58 21.11 -13.66
N TYR B 301 -37.37 22.11 -14.51
CA TYR B 301 -38.39 22.46 -15.49
C TYR B 301 -38.33 21.49 -16.67
N ILE B 302 -39.27 21.67 -17.60
CA ILE B 302 -39.39 20.81 -18.78
C ILE B 302 -39.45 21.69 -20.02
N ARG B 303 -39.27 21.04 -21.17
CA ARG B 303 -39.32 21.72 -22.46
C ARG B 303 -40.66 22.43 -22.64
N HIS B 304 -40.73 23.25 -23.68
CA HIS B 304 -42.00 23.80 -24.13
C HIS B 304 -42.69 22.77 -25.02
N GLY B 305 -43.94 22.44 -24.68
CA GLY B 305 -44.69 21.45 -25.43
C GLY B 305 -44.79 21.74 -26.91
N SER B 306 -44.45 22.98 -27.30
CA SER B 306 -44.44 23.38 -28.70
C SER B 306 -43.88 22.26 -29.59
N ASP B 307 -42.63 21.88 -29.36
CA ASP B 307 -42.04 20.75 -30.03
C ASP B 307 -41.27 20.00 -28.95
N PRO B 308 -41.41 18.69 -28.87
CA PRO B 308 -40.76 17.91 -27.81
C PRO B 308 -39.39 17.36 -28.16
N LEU B 309 -38.79 17.76 -29.28
CA LEU B 309 -37.53 17.18 -29.69
C LEU B 309 -36.47 18.24 -30.00
N TYR B 310 -36.66 19.47 -29.56
CA TYR B 310 -35.64 20.50 -29.70
C TYR B 310 -35.54 21.29 -28.40
N THR B 311 -34.30 21.48 -27.94
CA THR B 311 -34.09 22.24 -26.73
C THR B 311 -32.71 22.89 -26.75
N PRO B 312 -32.63 24.21 -26.73
CA PRO B 312 -31.33 24.86 -26.62
C PRO B 312 -30.90 25.02 -25.17
N GLU B 313 -31.10 23.99 -24.35
CA GLU B 313 -30.75 24.11 -22.95
C GLU B 313 -31.00 22.81 -22.18
N PRO B 314 -30.44 22.68 -20.99
CA PRO B 314 -30.63 21.46 -20.20
C PRO B 314 -31.89 21.44 -19.35
N ASP B 315 -33.01 21.02 -19.89
CA ASP B 315 -34.21 20.84 -19.08
C ASP B 315 -34.02 19.59 -18.21
N THR B 316 -35.08 19.20 -17.49
CA THR B 316 -34.99 18.06 -16.59
C THR B 316 -35.06 16.72 -17.32
N CYS B 317 -35.38 16.71 -18.61
CA CYS B 317 -35.34 15.48 -19.39
C CYS B 317 -33.95 15.17 -19.89
N HIS B 318 -33.02 16.11 -19.77
CA HIS B 318 -31.63 15.90 -20.17
C HIS B 318 -30.79 15.38 -19.03
N GLU B 319 -31.20 15.64 -17.80
CA GLU B 319 -30.46 15.21 -16.64
C GLU B 319 -31.06 13.99 -15.97
N LEU B 320 -32.09 13.40 -16.56
CA LEU B 320 -32.66 12.15 -16.06
C LEU B 320 -32.36 11.03 -17.03
N LEU B 321 -32.38 11.33 -18.33
CA LEU B 321 -32.12 10.34 -19.36
C LEU B 321 -30.69 10.39 -19.87
N GLY B 322 -29.97 11.49 -19.65
CA GLY B 322 -28.61 11.58 -20.09
C GLY B 322 -27.58 11.35 -19.02
N HIS B 323 -27.77 11.94 -17.85
CA HIS B 323 -26.75 11.98 -16.80
C HIS B 323 -26.96 10.96 -15.71
N VAL B 324 -28.19 10.75 -15.26
CA VAL B 324 -28.41 9.93 -14.07
C VAL B 324 -28.13 8.46 -14.32
N PRO B 325 -28.64 7.83 -15.38
CA PRO B 325 -28.42 6.38 -15.53
C PRO B 325 -26.98 5.96 -15.52
N LEU B 326 -26.04 6.89 -15.54
CA LEU B 326 -24.63 6.56 -15.62
C LEU B 326 -23.83 7.11 -14.46
N LEU B 327 -24.45 7.89 -13.57
CA LEU B 327 -23.84 8.24 -12.30
C LEU B 327 -24.02 7.13 -11.27
N ALA B 328 -24.95 6.21 -11.51
CA ALA B 328 -25.18 5.08 -10.65
C ALA B 328 -24.16 3.99 -10.83
N ASP B 329 -23.04 4.29 -11.48
CA ASP B 329 -21.96 3.35 -11.68
C ASP B 329 -20.74 3.80 -10.89
N PRO B 330 -20.13 2.92 -10.10
CA PRO B 330 -19.01 3.36 -9.26
C PRO B 330 -17.83 3.93 -10.03
N LYS B 331 -17.52 3.42 -11.22
CA LYS B 331 -16.35 3.90 -11.95
C LYS B 331 -16.60 5.26 -12.59
N PHE B 332 -17.78 5.47 -13.17
CA PHE B 332 -18.10 6.79 -13.68
C PHE B 332 -18.18 7.80 -12.55
N ALA B 333 -18.61 7.38 -11.36
CA ALA B 333 -18.64 8.27 -10.22
C ALA B 333 -17.23 8.67 -9.80
N GLN B 334 -16.30 7.71 -9.78
CA GLN B 334 -14.93 8.05 -9.43
C GLN B 334 -14.29 8.96 -10.47
N PHE B 335 -14.54 8.71 -11.75
CA PHE B 335 -14.05 9.56 -12.82
C PHE B 335 -14.55 11.00 -12.66
N SER B 336 -15.86 11.18 -12.52
CA SER B 336 -16.41 12.53 -12.34
C SER B 336 -15.83 13.21 -11.12
N GLN B 337 -15.78 12.53 -9.99
CA GLN B 337 -15.28 13.19 -8.80
C GLN B 337 -13.83 13.58 -8.94
N GLU B 338 -13.03 12.81 -9.68
CA GLU B 338 -11.63 13.19 -9.83
C GLU B 338 -11.48 14.41 -10.74
N ILE B 339 -12.25 14.48 -11.83
CA ILE B 339 -12.26 15.71 -12.60
C ILE B 339 -12.60 16.89 -11.70
N GLY B 340 -13.55 16.70 -10.78
CA GLY B 340 -13.95 17.80 -9.93
C GLY B 340 -12.91 18.20 -8.90
N LEU B 341 -12.24 17.21 -8.30
CA LEU B 341 -11.22 17.49 -7.29
C LEU B 341 -9.98 18.12 -7.89
N ALA B 342 -9.66 17.81 -9.15
CA ALA B 342 -8.49 18.41 -9.78
C ALA B 342 -8.59 19.92 -9.90
N SER B 343 -9.77 20.49 -9.74
CA SER B 343 -10.04 21.88 -10.09
C SER B 343 -10.44 22.72 -8.89
N LEU B 344 -9.87 22.44 -7.73
CA LEU B 344 -10.24 23.15 -6.50
C LEU B 344 -9.15 24.15 -6.20
N GLY B 345 -9.49 25.44 -6.28
CA GLY B 345 -8.52 26.48 -6.05
C GLY B 345 -7.51 26.63 -7.16
N ALA B 346 -7.88 26.29 -8.38
CA ALA B 346 -6.99 26.40 -9.52
C ALA B 346 -7.22 27.73 -10.23
N SER B 347 -6.28 28.09 -11.10
CA SER B 347 -6.34 29.37 -11.80
C SER B 347 -7.41 29.33 -12.87
N ASP B 348 -8.11 30.46 -13.04
CA ASP B 348 -9.22 30.53 -13.97
C ASP B 348 -8.86 30.01 -15.35
N GLU B 349 -7.58 29.91 -15.67
CA GLU B 349 -7.14 29.44 -16.98
C GLU B 349 -7.03 27.93 -17.05
N ASP B 350 -7.00 27.23 -15.92
CA ASP B 350 -7.04 25.78 -15.89
C ASP B 350 -8.43 25.22 -15.71
N VAL B 351 -9.29 25.91 -14.96
CA VAL B 351 -10.68 25.51 -14.91
C VAL B 351 -11.31 25.43 -16.29
N GLN B 352 -10.85 26.25 -17.24
CA GLN B 352 -11.35 26.16 -18.61
C GLN B 352 -10.87 24.90 -19.33
N LYS B 353 -9.61 24.52 -19.16
CA LYS B 353 -9.14 23.27 -19.74
C LYS B 353 -9.87 22.08 -19.13
N LEU B 354 -10.11 22.10 -17.82
CA LEU B 354 -10.83 21.00 -17.19
C LEU B 354 -12.28 20.96 -17.65
N ALA B 355 -12.95 22.11 -17.73
CA ALA B 355 -14.31 22.13 -18.23
C ALA B 355 -14.38 21.67 -19.68
N THR B 356 -13.34 21.91 -20.47
CA THR B 356 -13.34 21.43 -21.85
C THR B 356 -13.17 19.91 -21.89
N CYS B 357 -12.26 19.36 -21.11
CA CYS B 357 -12.11 17.91 -21.03
C CYS B 357 -13.42 17.26 -20.57
N TYR B 358 -14.09 17.88 -19.60
CA TYR B 358 -15.38 17.37 -19.16
C TYR B 358 -16.43 17.48 -20.26
N PHE B 359 -16.38 18.55 -21.05
CA PHE B 359 -17.31 18.69 -22.17
C PHE B 359 -17.12 17.58 -23.18
N PHE B 360 -15.89 17.23 -23.50
CA PHE B 360 -15.62 16.25 -24.54
C PHE B 360 -15.50 14.83 -24.02
N THR B 361 -15.64 14.62 -22.71
CA THR B 361 -15.68 13.27 -22.15
C THR B 361 -17.03 12.90 -21.57
N ILE B 362 -17.55 13.70 -20.64
CA ILE B 362 -18.76 13.35 -19.92
C ILE B 362 -20.01 13.94 -20.57
N GLU B 363 -19.86 14.70 -21.65
CA GLU B 363 -20.98 15.26 -22.37
C GLU B 363 -21.13 14.70 -23.77
N PHE B 364 -20.09 14.78 -24.60
CA PHE B 364 -20.09 14.20 -25.94
C PHE B 364 -18.93 13.23 -26.02
N GLY B 365 -19.13 12.03 -25.50
CA GLY B 365 -18.08 11.03 -25.48
C GLY B 365 -18.56 9.77 -26.15
N LEU B 366 -17.61 9.00 -26.67
CA LEU B 366 -17.88 7.72 -27.29
C LEU B 366 -16.88 6.70 -26.78
N CYS B 367 -17.29 5.44 -26.74
CA CYS B 367 -16.43 4.38 -26.27
C CYS B 367 -16.59 3.17 -27.18
N LYS B 368 -15.50 2.44 -27.37
CA LYS B 368 -15.51 1.16 -28.08
C LYS B 368 -15.03 0.10 -27.09
N GLN B 369 -15.93 -0.80 -26.71
CA GLN B 369 -15.64 -1.76 -25.66
C GLN B 369 -15.73 -3.21 -26.09
N GLU B 370 -16.28 -3.50 -27.26
CA GLU B 370 -16.37 -4.86 -27.75
C GLU B 370 -16.16 -4.96 -29.25
N GLY B 371 -15.62 -3.93 -29.88
CA GLY B 371 -15.58 -3.85 -31.32
C GLY B 371 -16.03 -2.47 -31.77
N GLN B 372 -17.13 -2.42 -32.50
CA GLN B 372 -17.77 -1.14 -32.79
C GLN B 372 -17.97 -0.34 -31.50
N LEU B 373 -18.01 0.98 -31.65
CA LEU B 373 -18.07 1.88 -30.52
C LEU B 373 -19.50 2.30 -30.21
N ARG B 374 -19.69 2.90 -29.03
CA ARG B 374 -21.00 3.28 -28.53
C ARG B 374 -20.90 4.67 -27.90
N ALA B 375 -22.01 5.14 -27.36
CA ALA B 375 -22.12 6.50 -26.82
C ALA B 375 -22.34 6.47 -25.32
N TYR B 376 -21.59 7.30 -24.59
CA TYR B 376 -21.78 7.44 -23.14
C TYR B 376 -21.86 8.88 -22.67
N GLY B 377 -22.07 9.83 -23.56
CA GLY B 377 -22.20 11.22 -23.19
C GLY B 377 -23.66 11.62 -23.07
N ALA B 378 -23.93 12.60 -22.20
CA ALA B 378 -25.30 13.04 -22.01
C ALA B 378 -25.82 13.81 -23.21
N GLY B 379 -24.97 14.64 -23.82
CA GLY B 379 -25.39 15.38 -24.99
C GLY B 379 -25.88 14.48 -26.10
N LEU B 380 -25.30 13.29 -26.20
CA LEU B 380 -25.78 12.30 -27.16
C LEU B 380 -26.99 11.55 -26.62
N LEU B 381 -26.82 10.89 -25.48
CA LEU B 381 -27.87 10.03 -24.95
C LEU B 381 -29.16 10.77 -24.64
N SER B 382 -29.20 12.09 -24.78
CA SER B 382 -30.44 12.82 -24.59
C SER B 382 -30.93 13.53 -25.83
N SER B 383 -30.25 13.39 -26.98
CA SER B 383 -30.61 14.10 -28.20
C SER B 383 -30.72 13.10 -29.34
N ILE B 384 -31.92 12.96 -29.89
CA ILE B 384 -32.14 11.98 -30.94
C ILE B 384 -31.32 12.34 -32.18
N GLY B 385 -31.30 13.62 -32.55
CA GLY B 385 -30.64 14.03 -33.77
C GLY B 385 -29.13 13.85 -33.76
N GLU B 386 -28.51 13.88 -32.58
CA GLU B 386 -27.07 13.78 -32.48
C GLU B 386 -26.56 12.41 -32.05
N LEU B 387 -27.43 11.58 -31.47
CA LEU B 387 -27.01 10.21 -31.17
C LEU B 387 -26.86 9.39 -32.44
N LYS B 388 -27.61 9.72 -33.49
CA LYS B 388 -27.47 9.03 -34.77
C LYS B 388 -26.27 9.52 -35.55
N HIS B 389 -26.17 10.83 -35.77
CA HIS B 389 -25.04 11.37 -36.51
C HIS B 389 -23.72 10.87 -35.98
N ALA B 390 -23.59 10.77 -34.66
CA ALA B 390 -22.29 10.47 -34.06
C ALA B 390 -21.87 9.04 -34.31
N LEU B 391 -22.82 8.11 -34.45
CA LEU B 391 -22.48 6.72 -34.72
C LEU B 391 -22.52 6.36 -36.19
N SER B 392 -23.31 7.09 -36.99
CA SER B 392 -23.24 6.95 -38.44
C SER B 392 -21.94 7.53 -38.96
N ASP B 393 -21.30 6.81 -39.89
CA ASP B 393 -19.98 7.20 -40.36
C ASP B 393 -20.04 8.42 -41.27
N LYS B 394 -20.39 9.57 -40.69
CA LYS B 394 -20.31 10.85 -41.38
C LYS B 394 -19.66 11.91 -40.50
N ALA B 395 -18.94 11.51 -39.45
CA ALA B 395 -18.34 12.42 -38.51
C ALA B 395 -16.93 11.96 -38.19
N CYS B 396 -16.06 12.91 -37.85
CA CYS B 396 -14.69 12.60 -37.49
C CYS B 396 -14.62 12.11 -36.05
N VAL B 397 -13.74 11.15 -35.80
CA VAL B 397 -13.61 10.52 -34.50
C VAL B 397 -12.15 10.21 -34.26
N LYS B 398 -11.51 10.95 -33.36
CA LYS B 398 -10.12 10.68 -33.02
C LYS B 398 -9.98 10.41 -31.53
N ALA B 399 -8.90 9.73 -31.18
CA ALA B 399 -8.71 9.27 -29.81
C ALA B 399 -8.70 10.45 -28.85
N PHE B 400 -8.79 10.13 -27.56
CA PHE B 400 -8.86 11.12 -26.49
C PHE B 400 -7.45 11.43 -26.02
N ASP B 401 -7.13 12.72 -25.94
CA ASP B 401 -5.84 13.18 -25.47
C ASP B 401 -6.00 14.51 -24.76
N PRO B 402 -5.87 14.55 -23.43
CA PRO B 402 -6.15 15.78 -22.69
C PRO B 402 -5.19 16.92 -22.99
N LYS B 403 -4.06 16.66 -23.64
CA LYS B 403 -3.12 17.74 -23.94
C LYS B 403 -3.57 18.55 -25.14
N THR B 404 -4.20 17.92 -26.13
CA THR B 404 -4.75 18.62 -27.27
C THR B 404 -6.26 18.78 -27.20
N THR B 405 -6.96 17.92 -26.45
CA THR B 405 -8.40 18.03 -26.35
C THR B 405 -8.85 19.24 -25.56
N CYS B 406 -8.00 19.75 -24.67
CA CYS B 406 -8.35 20.92 -23.88
C CYS B 406 -8.31 22.21 -24.68
N LEU B 407 -8.13 22.13 -25.99
CA LEU B 407 -8.14 23.28 -26.89
C LEU B 407 -9.13 22.96 -28.01
N GLN B 408 -10.39 23.31 -27.79
CA GLN B 408 -11.43 22.98 -28.75
C GLN B 408 -12.59 23.96 -28.62
N GLU B 409 -13.40 24.02 -29.66
CA GLU B 409 -14.57 24.88 -29.68
C GLU B 409 -15.75 24.09 -29.16
N CYS B 410 -16.25 24.48 -27.98
CA CYS B 410 -17.40 23.83 -27.37
C CYS B 410 -18.64 24.41 -28.04
N LEU B 411 -19.06 23.77 -29.13
CA LEU B 411 -20.20 24.26 -29.89
C LEU B 411 -21.50 23.96 -29.16
N ILE B 412 -22.43 24.91 -29.21
CA ILE B 412 -23.63 24.87 -28.40
C ILE B 412 -24.86 24.53 -29.21
N THR B 413 -24.95 25.02 -30.45
CA THR B 413 -26.15 24.82 -31.26
C THR B 413 -25.97 23.84 -32.40
N THR B 414 -24.79 23.76 -32.99
CA THR B 414 -24.54 22.87 -34.11
C THR B 414 -23.79 21.63 -33.64
N PHE B 415 -23.68 20.65 -34.52
CA PHE B 415 -22.97 19.43 -34.21
C PHE B 415 -21.49 19.75 -33.96
N GLN B 416 -20.73 18.73 -33.60
CA GLN B 416 -19.34 18.91 -33.23
C GLN B 416 -18.42 18.55 -34.40
N GLU B 417 -17.34 19.32 -34.54
CA GLU B 417 -16.36 19.02 -35.57
C GLU B 417 -15.83 17.60 -35.45
N ALA B 418 -15.67 17.11 -34.21
CA ALA B 418 -15.06 15.81 -34.00
C ALA B 418 -15.41 15.31 -32.61
N TYR B 419 -15.86 14.06 -32.53
CA TYR B 419 -16.19 13.41 -31.27
C TYR B 419 -15.01 12.56 -30.83
N PHE B 420 -14.51 12.79 -29.62
CA PHE B 420 -13.35 12.06 -29.14
C PHE B 420 -13.77 10.73 -28.56
N VAL B 421 -13.01 9.69 -28.91
CA VAL B 421 -13.31 8.33 -28.52
C VAL B 421 -12.28 7.88 -27.50
N SER B 422 -12.69 6.95 -26.64
CA SER B 422 -11.86 6.45 -25.57
C SER B 422 -12.03 4.94 -25.50
N GLU B 423 -11.48 4.33 -24.45
CA GLU B 423 -11.55 2.89 -24.26
C GLU B 423 -12.38 2.49 -23.05
N SER B 424 -12.10 3.05 -21.89
CA SER B 424 -12.79 2.70 -20.67
C SER B 424 -12.62 3.81 -19.65
N PHE B 425 -13.64 3.97 -18.79
CA PHE B 425 -13.58 4.98 -17.74
C PHE B 425 -12.27 4.95 -16.97
N GLU B 426 -11.63 3.79 -16.86
CA GLU B 426 -10.33 3.70 -16.21
C GLU B 426 -9.21 4.27 -17.06
N GLU B 427 -9.23 3.99 -18.37
CA GLU B 427 -8.23 4.56 -19.26
C GLU B 427 -8.33 6.08 -19.30
N ALA B 428 -9.55 6.60 -19.44
CA ALA B 428 -9.75 8.04 -19.43
C ALA B 428 -9.43 8.64 -18.07
N LYS B 429 -9.74 7.90 -16.99
CA LYS B 429 -9.40 8.39 -15.66
C LYS B 429 -7.90 8.52 -15.49
N GLU B 430 -7.13 7.54 -16.00
CA GLU B 430 -5.68 7.63 -15.93
C GLU B 430 -5.14 8.75 -16.80
N LYS B 431 -5.64 8.89 -18.01
CA LYS B 431 -5.20 9.98 -18.87
C LYS B 431 -5.47 11.33 -18.21
N MET B 432 -6.61 11.47 -17.53
CA MET B 432 -6.92 12.74 -16.90
C MET B 432 -6.12 12.95 -15.62
N ARG B 433 -5.82 11.90 -14.88
CA ARG B 433 -4.96 12.07 -13.71
C ARG B 433 -3.53 12.39 -14.11
N ASP B 434 -3.13 12.00 -15.32
CA ASP B 434 -1.83 12.44 -15.83
C ASP B 434 -1.89 13.88 -16.33
N PHE B 435 -2.96 14.24 -17.04
CA PHE B 435 -3.10 15.64 -17.44
C PHE B 435 -3.10 16.57 -16.24
N ALA B 436 -3.87 16.22 -15.22
CA ALA B 436 -3.72 16.89 -13.94
C ALA B 436 -2.29 16.69 -13.43
N LYS B 437 -1.93 17.45 -12.41
CA LYS B 437 -0.56 17.62 -11.95
C LYS B 437 0.26 18.39 -12.96
N SER B 438 -0.32 18.74 -14.11
CA SER B 438 0.21 19.77 -14.99
C SER B 438 -0.53 21.08 -14.80
N ILE B 439 -1.36 21.20 -13.76
CA ILE B 439 -2.03 22.44 -13.42
C ILE B 439 -1.38 22.95 -12.15
N THR B 440 -0.89 24.18 -12.19
CA THR B 440 -0.13 24.72 -11.07
C THR B 440 -1.01 24.88 -9.85
N ARG B 441 -0.56 24.32 -8.73
CA ARG B 441 -1.22 24.48 -7.45
C ARG B 441 -0.23 24.10 -6.35
N PRO B 442 -0.14 24.89 -5.28
CA PRO B 442 0.90 24.67 -4.27
C PRO B 442 0.56 23.70 -3.15
N PHE B 443 -0.49 22.89 -3.28
CA PHE B 443 -0.83 21.91 -2.26
C PHE B 443 -1.47 20.72 -2.93
N SER B 444 -1.82 19.71 -2.15
CA SER B 444 -2.66 18.65 -2.69
C SER B 444 -3.91 18.55 -1.84
N VAL B 445 -4.98 17.96 -2.39
CA VAL B 445 -6.23 17.87 -1.65
C VAL B 445 -6.58 16.40 -1.46
N TYR B 446 -7.24 16.12 -0.34
CA TYR B 446 -7.65 14.78 0.03
C TYR B 446 -9.09 14.84 0.51
N PHE B 447 -9.97 14.05 -0.09
CA PHE B 447 -11.37 14.04 0.29
C PHE B 447 -11.61 12.99 1.37
N ASN B 448 -12.12 13.43 2.51
CA ASN B 448 -12.46 12.55 3.61
C ASN B 448 -13.93 12.20 3.54
N PRO B 449 -14.30 10.95 3.24
CA PRO B 449 -15.70 10.60 2.99
C PRO B 449 -16.54 10.33 4.22
N TYR B 450 -15.94 10.15 5.39
CA TYR B 450 -16.71 10.06 6.62
C TYR B 450 -17.22 11.43 7.03
N THR B 451 -16.31 12.39 7.17
CA THR B 451 -16.67 13.76 7.45
C THR B 451 -17.24 14.47 6.24
N GLN B 452 -16.93 14.01 5.04
CA GLN B 452 -17.30 14.68 3.79
C GLN B 452 -16.67 16.06 3.72
N SER B 453 -15.35 16.09 3.75
CA SER B 453 -14.67 17.37 3.75
C SER B 453 -13.33 17.26 3.05
N ILE B 454 -12.82 18.37 2.58
CA ILE B 454 -11.56 18.44 1.86
C ILE B 454 -10.44 18.82 2.82
N GLU B 455 -9.27 18.24 2.62
CA GLU B 455 -8.11 18.49 3.47
C GLU B 455 -6.90 18.82 2.61
N ILE B 456 -6.07 19.74 3.08
CA ILE B 456 -4.92 20.22 2.33
C ILE B 456 -3.70 19.48 2.82
N LEU B 457 -3.18 18.57 2.02
CA LEU B 457 -1.90 17.93 2.29
C LEU B 457 -0.83 18.91 1.85
N LYS B 458 -0.20 19.55 2.84
CA LYS B 458 0.92 20.45 2.63
C LYS B 458 1.99 20.36 3.70
N ASP B 459 1.91 19.42 4.64
CA ASP B 459 2.95 19.19 5.62
C ASP B 459 3.09 17.68 5.80
N THR B 460 3.73 17.25 6.87
CA THR B 460 4.02 15.84 7.08
C THR B 460 3.08 15.15 8.05
N ARG B 461 2.39 15.91 8.91
CA ARG B 461 1.41 15.32 9.81
C ARG B 461 0.18 14.83 9.04
N SER B 462 -0.26 15.61 8.05
CA SER B 462 -1.38 15.20 7.21
C SER B 462 -1.04 13.96 6.39
N ILE B 463 0.12 13.98 5.73
CA ILE B 463 0.50 12.83 4.94
C ILE B 463 0.65 11.60 5.83
N GLU B 464 1.12 11.79 7.05
CA GLU B 464 1.26 10.65 7.94
C GLU B 464 -0.10 10.08 8.31
N ASN B 465 -1.10 10.94 8.54
CA ASN B 465 -2.45 10.44 8.77
C ASN B 465 -2.94 9.58 7.60
N VAL B 466 -2.76 10.09 6.38
CA VAL B 466 -3.25 9.36 5.21
C VAL B 466 -2.59 7.99 5.11
N VAL B 467 -1.28 7.92 5.32
CA VAL B 467 -0.60 6.63 5.21
C VAL B 467 -1.08 5.68 6.30
N GLN B 468 -1.24 6.20 7.52
CA GLN B 468 -1.71 5.34 8.60
C GLN B 468 -3.09 4.78 8.31
N ASP B 469 -3.94 5.52 7.61
CA ASP B 469 -5.24 4.98 7.23
C ASP B 469 -5.15 4.02 6.05
N LEU B 470 -4.11 4.12 5.23
CA LEU B 470 -3.90 3.13 4.18
C LEU B 470 -3.53 1.77 4.76
N ARG B 471 -2.74 1.77 5.82
CA ARG B 471 -2.31 0.50 6.40
C ARG B 471 -3.48 -0.32 6.91
N SER B 472 -4.48 0.33 7.49
CA SER B 472 -5.63 -0.39 8.02
C SER B 472 -6.47 -1.02 6.93
N ASP B 473 -6.50 -0.43 5.73
CA ASP B 473 -7.20 -1.02 4.62
C ASP B 473 -6.40 -2.10 3.93
N LEU B 474 -5.08 -2.06 4.02
CA LEU B 474 -4.27 -3.18 3.55
C LEU B 474 -4.43 -4.40 4.45
N ASN B 475 -4.59 -4.15 5.75
CA ASN B 475 -4.76 -5.23 6.70
C ASN B 475 -6.09 -5.95 6.58
N THR B 476 -7.02 -5.46 5.77
CA THR B 476 -8.26 -6.15 5.51
C THR B 476 -8.15 -7.11 4.35
N VAL B 477 -7.45 -6.71 3.29
CA VAL B 477 -7.11 -7.61 2.20
C VAL B 477 -6.26 -8.76 2.72
N CYS B 478 -5.24 -8.44 3.51
CA CYS B 478 -4.35 -9.48 3.99
C CYS B 478 -5.03 -10.47 4.90
N ASP B 479 -6.31 -10.26 5.22
CA ASP B 479 -7.11 -11.14 6.05
C ASP B 479 -8.21 -11.85 5.28
N ALA B 480 -8.85 -11.15 4.36
CA ALA B 480 -9.71 -11.84 3.40
C ALA B 480 -8.98 -12.95 2.71
N LEU B 481 -7.71 -12.74 2.37
CA LEU B 481 -6.96 -13.78 1.68
C LEU B 481 -6.69 -14.96 2.59
N ASN B 482 -6.33 -14.71 3.85
CA ASN B 482 -6.13 -15.81 4.79
C ASN B 482 -7.40 -16.62 4.97
N LYS B 483 -8.56 -15.96 5.00
CA LYS B 483 -9.79 -16.70 5.15
C LYS B 483 -10.07 -17.57 3.94
N MET B 484 -9.90 -17.04 2.72
CA MET B 484 -10.03 -17.90 1.55
C MET B 484 -9.10 -19.09 1.62
N ASN B 485 -7.85 -18.86 2.00
CA ASN B 485 -6.90 -19.97 2.13
C ASN B 485 -7.45 -21.04 3.08
N GLN B 486 -7.66 -20.67 4.35
CA GLN B 486 -8.01 -21.72 5.30
C GLN B 486 -9.31 -22.42 4.92
N TYR B 487 -10.27 -21.70 4.35
CA TYR B 487 -11.49 -22.35 3.90
C TYR B 487 -11.30 -23.03 2.56
N LEU B 488 -10.07 -23.04 2.05
CA LEU B 488 -9.63 -23.95 1.00
C LEU B 488 -8.41 -24.71 1.51
N GLY B 489 -7.70 -25.38 0.62
CA GLY B 489 -6.36 -25.82 0.95
C GLY B 489 -5.36 -24.69 0.74
N ILE B 490 -4.39 -24.62 1.64
CA ILE B 490 -3.36 -23.59 1.55
C ILE B 490 -2.69 -23.61 0.18
N VAL C 151 4.07 -24.46 -20.97
CA VAL C 151 4.68 -23.22 -21.44
C VAL C 151 6.16 -23.44 -21.64
N PRO C 152 6.80 -22.55 -22.39
CA PRO C 152 8.23 -22.70 -22.65
C PRO C 152 9.06 -22.58 -21.37
N TRP C 153 10.18 -23.28 -21.35
CA TRP C 153 11.03 -23.32 -20.17
C TRP C 153 11.69 -21.97 -19.94
N PHE C 154 11.68 -21.52 -18.69
CA PHE C 154 12.41 -20.32 -18.30
C PHE C 154 13.12 -20.60 -16.98
N PRO C 155 14.19 -19.87 -16.69
CA PRO C 155 14.93 -20.12 -15.45
C PRO C 155 14.20 -19.57 -14.24
N ARG C 156 14.16 -20.37 -13.18
CA ARG C 156 13.48 -19.97 -11.96
C ARG C 156 14.44 -19.65 -10.82
N LYS C 157 15.72 -19.46 -11.13
CA LYS C 157 16.72 -19.02 -10.16
C LYS C 157 17.97 -18.64 -10.91
N ILE C 158 18.73 -17.70 -10.36
CA ILE C 158 19.83 -17.11 -11.12
C ILE C 158 20.95 -18.07 -11.40
N SER C 159 20.91 -19.27 -10.83
CA SER C 159 21.91 -20.28 -11.16
C SER C 159 21.50 -21.13 -12.35
N GLU C 160 20.21 -21.28 -12.59
CA GLU C 160 19.71 -21.94 -13.79
C GLU C 160 19.86 -21.09 -15.04
N LEU C 161 20.38 -19.89 -14.91
CA LEU C 161 20.57 -19.02 -16.05
C LEU C 161 21.77 -19.43 -16.89
N ASP C 162 22.48 -20.47 -16.50
CA ASP C 162 23.64 -20.93 -17.26
C ASP C 162 23.23 -21.77 -18.46
N LYS C 163 22.02 -22.29 -18.49
CA LYS C 163 21.52 -22.94 -19.69
C LYS C 163 21.22 -21.92 -20.78
N CYS C 164 20.70 -20.76 -20.39
CA CYS C 164 20.40 -19.71 -21.36
C CYS C 164 21.68 -19.02 -21.82
N SER C 165 22.56 -18.69 -20.88
CA SER C 165 23.81 -18.03 -21.20
C SER C 165 24.70 -18.86 -22.12
N HIS C 166 24.45 -20.16 -22.24
CA HIS C 166 25.29 -21.05 -23.03
C HIS C 166 24.53 -21.67 -24.20
N ARG C 167 23.35 -21.16 -24.54
CA ARG C 167 22.60 -21.62 -25.69
C ARG C 167 22.81 -20.68 -26.87
N VAL C 168 24.06 -20.62 -27.31
CA VAL C 168 24.49 -19.63 -28.30
C VAL C 168 24.18 -20.15 -29.71
N LEU C 169 23.52 -19.31 -30.51
CA LEU C 169 23.13 -19.71 -31.85
C LEU C 169 24.33 -19.78 -32.77
N MET C 170 24.94 -18.63 -33.05
CA MET C 170 26.16 -18.55 -33.83
C MET C 170 27.27 -18.04 -32.93
N TYR C 171 28.50 -18.32 -33.31
CA TYR C 171 29.63 -18.00 -32.45
C TYR C 171 30.36 -16.76 -32.94
N GLY C 172 31.03 -16.09 -32.00
CA GLY C 172 31.77 -14.88 -32.33
C GLY C 172 33.07 -15.14 -33.06
N SER C 173 33.42 -16.41 -33.27
CA SER C 173 34.55 -16.78 -34.10
C SER C 173 34.17 -17.00 -35.55
N GLU C 174 32.88 -16.94 -35.88
CA GLU C 174 32.42 -17.22 -37.24
C GLU C 174 32.20 -15.91 -37.98
N LEU C 175 33.32 -15.33 -38.41
CA LEU C 175 33.25 -14.13 -39.24
C LEU C 175 32.66 -14.46 -40.59
N ASP C 176 31.73 -13.62 -41.05
CA ASP C 176 31.04 -13.85 -42.30
C ASP C 176 31.85 -13.28 -43.47
N ALA C 177 31.39 -13.59 -44.68
CA ALA C 177 32.13 -13.22 -45.88
C ALA C 177 32.39 -11.72 -45.95
N ASP C 178 31.43 -10.90 -45.56
CA ASP C 178 31.58 -9.45 -45.64
C ASP C 178 32.45 -8.88 -44.53
N HIS C 179 33.08 -9.71 -43.72
CA HIS C 179 33.82 -9.20 -42.58
C HIS C 179 35.19 -8.71 -43.02
N PRO C 180 35.56 -7.48 -42.68
CA PRO C 180 36.90 -6.99 -43.05
C PRO C 180 38.04 -7.84 -42.51
N GLY C 181 37.75 -8.87 -41.72
CA GLY C 181 38.77 -9.79 -41.29
C GLY C 181 38.49 -11.21 -41.76
N PHE C 182 37.60 -11.31 -42.75
CA PHE C 182 37.23 -12.64 -43.24
C PHE C 182 38.38 -13.32 -43.97
N LYS C 183 39.30 -12.54 -44.52
CA LYS C 183 40.44 -13.07 -45.26
C LYS C 183 41.75 -12.89 -44.49
N ASP C 184 41.68 -12.91 -43.17
CA ASP C 184 42.84 -12.72 -42.32
C ASP C 184 43.27 -14.03 -41.70
N ASN C 185 44.41 -14.01 -41.03
CA ASN C 185 44.98 -15.20 -40.42
C ASN C 185 45.28 -15.03 -38.94
N VAL C 186 45.78 -13.87 -38.53
CA VAL C 186 46.08 -13.65 -37.11
C VAL C 186 44.85 -13.20 -36.34
N TYR C 187 43.93 -12.47 -36.99
CA TYR C 187 42.70 -12.06 -36.34
C TYR C 187 41.96 -13.27 -35.79
N ARG C 188 41.53 -14.17 -36.68
CA ARG C 188 40.73 -15.31 -36.25
C ARG C 188 41.37 -16.06 -35.10
N GLN C 189 42.70 -16.17 -35.09
CA GLN C 189 43.36 -16.86 -33.99
C GLN C 189 43.17 -16.15 -32.66
N ARG C 190 42.57 -14.97 -32.66
CA ARG C 190 42.18 -14.24 -31.47
C ARG C 190 40.70 -14.31 -31.17
N ARG C 191 39.87 -14.23 -32.21
CA ARG C 191 38.44 -14.45 -32.09
C ARG C 191 38.11 -15.85 -31.62
N LYS C 192 39.03 -16.80 -31.80
CA LYS C 192 38.87 -18.12 -31.19
C LYS C 192 39.26 -18.14 -29.73
N TYR C 193 40.32 -17.43 -29.36
CA TYR C 193 40.68 -17.31 -27.95
C TYR C 193 39.53 -16.72 -27.15
N PHE C 194 38.87 -15.71 -27.71
CA PHE C 194 37.78 -15.05 -26.98
C PHE C 194 36.62 -16.01 -26.78
N VAL C 195 36.24 -16.73 -27.82
CA VAL C 195 35.16 -17.71 -27.72
C VAL C 195 35.50 -18.73 -26.65
N ASP C 196 36.74 -19.21 -26.65
CA ASP C 196 37.13 -20.20 -25.65
C ASP C 196 37.09 -19.67 -24.24
N VAL C 197 37.53 -18.43 -24.01
CA VAL C 197 37.50 -17.88 -22.67
C VAL C 197 36.10 -17.54 -22.21
N ALA C 198 35.18 -17.27 -23.13
CA ALA C 198 33.79 -16.97 -22.78
C ALA C 198 32.93 -18.21 -22.61
N MET C 199 33.30 -19.33 -23.21
CA MET C 199 32.58 -20.58 -22.97
C MET C 199 32.98 -21.25 -21.66
N GLY C 200 33.86 -20.64 -20.88
CA GLY C 200 34.31 -21.20 -19.63
C GLY C 200 33.81 -20.51 -18.39
N TYR C 201 32.86 -19.58 -18.52
CA TYR C 201 32.34 -18.87 -17.36
C TYR C 201 31.32 -19.74 -16.62
N LYS C 202 31.29 -19.59 -15.30
CA LYS C 202 30.36 -20.33 -14.46
C LYS C 202 29.94 -19.46 -13.29
N TYR C 203 28.64 -19.45 -13.01
CA TYR C 203 28.10 -18.60 -11.96
C TYR C 203 28.87 -18.78 -10.66
N GLY C 204 29.34 -17.67 -10.09
CA GLY C 204 30.02 -17.67 -8.82
C GLY C 204 31.51 -17.39 -8.92
N GLN C 205 32.10 -17.51 -10.09
CA GLN C 205 33.54 -17.33 -10.23
C GLN C 205 33.82 -15.97 -10.84
N PRO C 206 34.73 -15.18 -10.26
CA PRO C 206 35.04 -13.88 -10.83
C PRO C 206 35.49 -14.00 -12.27
N ILE C 207 35.13 -13.02 -13.08
CA ILE C 207 35.45 -13.06 -14.51
C ILE C 207 36.95 -12.86 -14.69
N PRO C 208 37.64 -13.74 -15.41
CA PRO C 208 39.07 -13.55 -15.62
C PRO C 208 39.34 -12.29 -16.40
N ARG C 209 40.56 -11.76 -16.26
CA ARG C 209 40.93 -10.53 -16.92
C ARG C 209 41.60 -10.80 -18.25
N VAL C 210 41.20 -10.04 -19.27
CA VAL C 210 41.76 -10.15 -20.61
C VAL C 210 42.73 -9.01 -20.83
N GLU C 211 43.92 -9.33 -21.32
CA GLU C 211 44.97 -8.36 -21.58
C GLU C 211 44.96 -8.00 -23.06
N TYR C 212 44.63 -6.75 -23.35
CA TYR C 212 44.47 -6.32 -24.73
C TYR C 212 45.80 -5.85 -25.29
N THR C 213 46.08 -6.25 -26.53
CA THR C 213 47.36 -5.95 -27.14
C THR C 213 47.47 -4.45 -27.46
N GLU C 214 48.56 -4.09 -28.12
CA GLU C 214 48.84 -2.68 -28.37
C GLU C 214 47.97 -2.11 -29.48
N GLU C 215 47.60 -2.92 -30.47
CA GLU C 215 46.76 -2.43 -31.55
C GLU C 215 45.30 -2.31 -31.10
N GLU C 216 44.80 -3.33 -30.39
CA GLU C 216 43.46 -3.25 -29.83
C GLU C 216 43.29 -2.01 -28.97
N THR C 217 44.27 -1.73 -28.12
CA THR C 217 44.17 -0.57 -27.25
C THR C 217 44.08 0.72 -28.06
N LYS C 218 44.87 0.82 -29.13
CA LYS C 218 44.82 2.01 -29.96
C LYS C 218 43.46 2.17 -30.64
N THR C 219 42.87 1.05 -31.07
CA THR C 219 41.53 1.11 -31.66
C THR C 219 40.51 1.62 -30.64
N TRP C 220 40.55 1.06 -29.42
CA TRP C 220 39.65 1.52 -28.38
C TRP C 220 39.83 3.01 -28.14
N GLY C 221 41.08 3.48 -28.08
CA GLY C 221 41.32 4.89 -27.85
C GLY C 221 40.81 5.77 -28.96
N VAL C 222 40.99 5.33 -30.21
CA VAL C 222 40.44 6.07 -31.34
C VAL C 222 38.95 6.25 -31.17
N VAL C 223 38.23 5.16 -30.95
CA VAL C 223 36.78 5.26 -30.82
C VAL C 223 36.40 6.15 -29.65
N PHE C 224 37.08 5.98 -28.52
CA PHE C 224 36.75 6.76 -27.33
C PHE C 224 36.89 8.25 -27.57
N ARG C 225 38.07 8.67 -28.04
CA ARG C 225 38.31 10.11 -28.18
C ARG C 225 37.61 10.70 -29.39
N GLU C 226 37.23 9.89 -30.37
CA GLU C 226 36.47 10.42 -31.49
C GLU C 226 34.98 10.47 -31.22
N LEU C 227 34.51 9.74 -30.22
CA LEU C 227 33.09 9.73 -29.89
C LEU C 227 32.75 10.56 -28.67
N SER C 228 33.72 10.85 -27.80
CA SER C 228 33.44 11.59 -26.59
C SER C 228 33.41 13.10 -26.78
N LYS C 229 33.80 13.59 -27.95
CA LYS C 229 33.79 15.03 -28.20
C LYS C 229 32.46 15.54 -28.74
N LEU C 230 31.45 14.66 -28.84
CA LEU C 230 30.11 15.10 -29.21
C LEU C 230 29.05 14.51 -28.28
N TYR C 231 29.44 13.99 -27.12
CA TYR C 231 28.46 13.56 -26.13
C TYR C 231 27.84 14.77 -25.44
N PRO C 232 28.62 15.77 -25.04
CA PRO C 232 28.07 16.86 -24.23
C PRO C 232 26.85 17.53 -24.85
N THR C 233 26.72 17.51 -26.17
CA THR C 233 25.62 18.20 -26.84
C THR C 233 24.62 17.24 -27.48
N HIS C 234 24.80 15.95 -27.34
CA HIS C 234 23.92 14.98 -27.98
C HIS C 234 23.31 13.98 -27.01
N ALA C 235 24.03 13.59 -25.97
CA ALA C 235 23.57 12.57 -25.04
C ALA C 235 22.61 13.16 -24.01
N CYS C 236 21.84 12.29 -23.37
CA CYS C 236 20.89 12.73 -22.36
C CYS C 236 21.67 13.15 -21.12
N ARG C 237 20.95 13.55 -20.06
CA ARG C 237 21.67 14.03 -18.87
C ARG C 237 22.13 12.86 -18.01
N GLU C 238 21.32 11.80 -17.91
CA GLU C 238 21.66 10.65 -17.09
C GLU C 238 22.84 9.87 -17.66
N TYR C 239 23.27 10.15 -18.88
CA TYR C 239 24.50 9.60 -19.42
C TYR C 239 25.69 10.46 -19.02
N LEU C 240 25.51 11.78 -19.03
CA LEU C 240 26.59 12.68 -18.70
C LEU C 240 26.90 12.67 -17.21
N LYS C 241 25.89 12.44 -16.37
CA LYS C 241 26.11 12.37 -14.94
C LYS C 241 26.72 11.05 -14.50
N ASN C 242 26.81 10.07 -15.40
CA ASN C 242 27.38 8.77 -15.08
C ASN C 242 28.71 8.52 -15.77
N PHE C 243 29.00 9.17 -16.88
CA PHE C 243 30.27 8.95 -17.56
C PHE C 243 31.48 9.32 -16.70
N PRO C 244 31.51 10.45 -15.99
CA PRO C 244 32.70 10.76 -15.17
C PRO C 244 32.97 9.72 -14.09
N LEU C 245 31.93 9.19 -13.45
CA LEU C 245 32.15 8.14 -12.46
C LEU C 245 32.83 6.93 -13.08
N LEU C 246 32.47 6.61 -14.32
CA LEU C 246 33.13 5.50 -15.00
C LEU C 246 34.57 5.86 -15.32
N THR C 247 34.83 7.11 -15.67
CA THR C 247 36.21 7.54 -15.89
C THR C 247 37.03 7.45 -14.62
N LYS C 248 36.39 7.59 -13.46
CA LYS C 248 37.08 7.63 -12.18
C LYS C 248 37.30 6.25 -11.58
N TYR C 249 36.33 5.35 -11.66
CA TYR C 249 36.40 4.09 -10.93
C TYR C 249 36.73 2.88 -11.81
N CYS C 250 36.30 2.85 -13.06
CA CYS C 250 36.48 1.68 -13.90
C CYS C 250 37.64 1.78 -14.88
N GLY C 251 38.03 2.98 -15.28
CA GLY C 251 39.23 3.15 -16.08
C GLY C 251 38.98 3.54 -17.51
N TYR C 252 37.94 4.31 -17.76
CA TYR C 252 37.62 4.74 -19.12
C TYR C 252 38.62 5.81 -19.53
N ARG C 253 39.54 5.44 -20.42
CA ARG C 253 40.54 6.38 -20.89
C ARG C 253 41.40 5.69 -21.95
N GLU C 254 41.95 6.46 -22.88
CA GLU C 254 42.85 5.87 -23.86
C GLU C 254 44.04 5.20 -23.16
N ASP C 255 44.65 4.26 -23.86
CA ASP C 255 45.75 3.46 -23.33
C ASP C 255 45.28 2.47 -22.28
N ASN C 256 43.99 2.37 -22.04
CA ASN C 256 43.44 1.36 -21.13
C ASN C 256 42.04 0.99 -21.57
N VAL C 257 41.79 -0.31 -21.70
CA VAL C 257 40.48 -0.83 -22.06
C VAL C 257 39.83 -1.36 -20.78
N PRO C 258 38.65 -0.88 -20.40
CA PRO C 258 38.03 -1.35 -19.17
C PRO C 258 37.84 -2.86 -19.17
N GLN C 259 37.83 -3.43 -17.97
CA GLN C 259 37.61 -4.85 -17.78
C GLN C 259 36.19 -5.10 -17.27
N LEU C 260 35.69 -6.31 -17.51
CA LEU C 260 34.33 -6.63 -17.12
C LEU C 260 34.18 -6.85 -15.62
N GLU C 261 35.25 -7.20 -14.92
CA GLU C 261 35.13 -7.36 -13.48
C GLU C 261 34.93 -6.01 -12.79
N ASP C 262 35.72 -5.01 -13.16
CA ASP C 262 35.53 -3.69 -12.60
C ASP C 262 34.18 -3.10 -12.97
N VAL C 263 33.76 -3.29 -14.22
CA VAL C 263 32.47 -2.78 -14.65
C VAL C 263 31.35 -3.47 -13.90
N SER C 264 31.45 -4.77 -13.70
CA SER C 264 30.38 -5.50 -13.03
C SER C 264 30.32 -5.15 -11.54
N MET C 265 31.47 -4.88 -10.91
CA MET C 265 31.45 -4.46 -9.52
C MET C 265 31.04 -3.01 -9.35
N PHE C 266 31.20 -2.19 -10.39
CA PHE C 266 30.72 -0.81 -10.33
C PHE C 266 29.22 -0.75 -10.55
N LEU C 267 28.70 -1.58 -11.44
CA LEU C 267 27.25 -1.61 -11.65
C LEU C 267 26.53 -2.22 -10.47
N LYS C 268 27.08 -3.28 -9.90
CA LYS C 268 26.39 -4.02 -8.84
C LYS C 268 26.09 -3.16 -7.62
N GLU C 269 26.78 -2.03 -7.46
CA GLU C 269 26.60 -1.15 -6.30
C GLU C 269 25.71 0.05 -6.58
N ARG C 270 25.36 0.31 -7.83
CA ARG C 270 24.60 1.48 -8.22
C ARG C 270 23.17 1.16 -8.59
N SER C 271 22.96 0.11 -9.38
CA SER C 271 21.63 -0.31 -9.77
C SER C 271 21.32 -1.77 -9.49
N GLY C 272 22.33 -2.62 -9.38
CA GLY C 272 22.10 -4.03 -9.16
C GLY C 272 22.48 -4.91 -10.33
N PHE C 273 22.77 -4.34 -11.49
CA PHE C 273 23.08 -5.13 -12.66
C PHE C 273 24.45 -5.77 -12.52
N THR C 274 24.68 -6.82 -13.30
CA THR C 274 25.99 -7.38 -13.48
C THR C 274 26.12 -7.80 -14.93
N VAL C 275 27.35 -8.07 -15.35
CA VAL C 275 27.63 -8.44 -16.72
C VAL C 275 28.29 -9.81 -16.72
N ARG C 276 28.03 -10.58 -17.77
CA ARG C 276 28.77 -11.81 -17.96
C ARG C 276 29.09 -11.98 -19.43
N PRO C 277 30.22 -12.59 -19.76
CA PRO C 277 30.65 -12.68 -21.14
C PRO C 277 29.90 -13.76 -21.91
N VAL C 278 29.77 -13.55 -23.21
CA VAL C 278 29.00 -14.44 -24.07
C VAL C 278 29.75 -14.60 -25.38
N ALA C 279 29.82 -15.84 -25.87
CA ALA C 279 30.15 -16.08 -27.27
C ALA C 279 28.94 -15.70 -28.12
N GLY C 280 29.10 -14.70 -28.98
CA GLY C 280 28.00 -13.86 -29.38
C GLY C 280 26.69 -14.48 -29.85
N TYR C 281 25.66 -13.65 -29.95
CA TYR C 281 24.42 -13.94 -30.65
C TYR C 281 23.66 -15.13 -30.05
N LEU C 282 23.12 -14.88 -28.87
CA LEU C 282 22.12 -15.77 -28.30
C LEU C 282 20.71 -15.24 -28.60
N SER C 283 19.76 -16.15 -28.67
CA SER C 283 18.41 -15.81 -29.13
C SER C 283 17.83 -14.67 -28.33
N PRO C 284 16.74 -14.05 -28.82
CA PRO C 284 16.14 -12.95 -28.07
C PRO C 284 15.42 -13.40 -26.81
N ARG C 285 14.82 -14.58 -26.83
CA ARG C 285 14.20 -15.12 -25.62
C ARG C 285 15.23 -15.26 -24.51
N ASP C 286 16.41 -15.79 -24.84
CA ASP C 286 17.45 -16.03 -23.86
C ASP C 286 18.19 -14.77 -23.46
N PHE C 287 18.15 -13.72 -24.28
CA PHE C 287 18.73 -12.45 -23.89
C PHE C 287 17.78 -11.65 -23.01
N LEU C 288 16.47 -11.79 -23.23
CA LEU C 288 15.51 -11.12 -22.37
C LEU C 288 15.30 -11.84 -21.05
N ALA C 289 15.45 -13.17 -21.03
CA ALA C 289 15.36 -13.88 -19.77
C ALA C 289 16.53 -13.59 -18.86
N GLY C 290 17.53 -12.85 -19.33
CA GLY C 290 18.66 -12.52 -18.50
C GLY C 290 18.52 -11.15 -17.90
N LEU C 291 17.70 -10.30 -18.50
CA LEU C 291 17.40 -9.01 -17.92
C LEU C 291 16.36 -9.11 -16.82
N ALA C 292 15.65 -10.24 -16.73
CA ALA C 292 14.74 -10.46 -15.61
C ALA C 292 15.49 -10.57 -14.30
N TYR C 293 16.69 -11.14 -14.32
CA TYR C 293 17.53 -11.30 -13.15
C TYR C 293 18.52 -10.16 -13.01
N ARG C 294 18.43 -9.13 -13.84
CA ARG C 294 19.37 -8.03 -13.83
C ARG C 294 20.77 -8.51 -14.17
N VAL C 295 20.88 -9.15 -15.33
CA VAL C 295 22.13 -9.65 -15.87
C VAL C 295 22.21 -9.21 -17.32
N PHE C 296 23.39 -8.82 -17.76
CA PHE C 296 23.60 -8.34 -19.12
C PHE C 296 24.70 -9.16 -19.76
N HIS C 297 24.47 -9.61 -20.99
CA HIS C 297 25.39 -10.49 -21.70
C HIS C 297 26.27 -9.65 -22.62
N CYS C 298 27.56 -9.60 -22.34
CA CYS C 298 28.51 -8.77 -23.05
C CYS C 298 29.43 -9.60 -23.92
N THR C 299 30.05 -8.96 -24.89
CA THR C 299 31.15 -9.54 -25.64
C THR C 299 32.46 -8.92 -25.18
N GLN C 300 33.57 -9.60 -25.47
CA GLN C 300 34.86 -9.14 -25.01
C GLN C 300 35.83 -8.77 -26.12
N TYR C 301 35.53 -9.11 -27.38
CA TYR C 301 36.46 -8.82 -28.46
C TYR C 301 36.34 -7.35 -28.88
N ILE C 302 37.17 -6.96 -29.84
CA ILE C 302 37.22 -5.59 -30.33
C ILE C 302 37.17 -5.60 -31.85
N ARG C 303 36.92 -4.42 -32.41
CA ARG C 303 36.85 -4.24 -33.86
C ARG C 303 38.15 -4.70 -34.52
N HIS C 304 38.11 -4.79 -35.85
CA HIS C 304 39.32 -4.96 -36.63
C HIS C 304 39.99 -3.60 -36.80
N GLY C 305 41.25 -3.51 -36.40
CA GLY C 305 41.99 -2.26 -36.44
C GLY C 305 41.97 -1.58 -37.79
N SER C 306 41.74 -2.35 -38.86
CA SER C 306 41.69 -1.80 -40.20
C SER C 306 40.79 -0.57 -40.24
N ASP C 307 39.52 -0.74 -39.91
CA ASP C 307 38.59 0.36 -39.79
C ASP C 307 38.20 0.50 -38.32
N PRO C 308 38.41 1.67 -37.73
CA PRO C 308 38.05 1.88 -36.32
C PRO C 308 36.69 2.52 -36.10
N LEU C 309 35.93 2.79 -37.16
CA LEU C 309 34.64 3.45 -37.00
C LEU C 309 33.52 2.79 -37.78
N TYR C 310 33.70 1.55 -38.21
CA TYR C 310 32.63 0.79 -38.84
C TYR C 310 32.54 -0.58 -38.18
N THR C 311 31.33 -0.97 -37.81
CA THR C 311 31.14 -2.28 -37.21
C THR C 311 29.76 -2.82 -37.55
N PRO C 312 29.69 -3.97 -38.24
CA PRO C 312 28.40 -4.61 -38.52
C PRO C 312 27.86 -5.45 -37.37
N GLU C 313 28.40 -5.31 -36.17
CA GLU C 313 28.09 -6.22 -35.07
C GLU C 313 28.43 -5.52 -33.77
N PRO C 314 28.05 -6.11 -32.64
CA PRO C 314 28.44 -5.54 -31.34
C PRO C 314 29.79 -6.08 -30.91
N ASP C 315 30.58 -5.21 -30.28
CA ASP C 315 31.85 -5.61 -29.69
C ASP C 315 31.98 -4.98 -28.32
N THR C 316 33.16 -5.09 -27.70
CA THR C 316 33.31 -4.57 -26.35
C THR C 316 33.28 -3.05 -26.28
N CYS C 317 33.33 -2.35 -27.40
CA CYS C 317 33.24 -0.90 -27.40
C CYS C 317 31.81 -0.40 -27.56
N HIS C 318 30.89 -1.28 -27.96
CA HIS C 318 29.48 -0.92 -28.07
C HIS C 318 28.75 -1.18 -26.77
N GLU C 319 29.27 -2.08 -25.95
CA GLU C 319 28.64 -2.42 -24.69
C GLU C 319 29.32 -1.78 -23.50
N LEU C 320 30.33 -0.96 -23.72
CA LEU C 320 30.95 -0.15 -22.68
C LEU C 320 30.62 1.32 -22.83
N LEU C 321 30.55 1.83 -24.05
CA LEU C 321 30.21 3.22 -24.28
C LEU C 321 28.74 3.42 -24.62
N GLY C 322 28.03 2.37 -25.01
CA GLY C 322 26.63 2.49 -25.32
C GLY C 322 25.70 2.06 -24.20
N HIS C 323 25.95 0.89 -23.62
CA HIS C 323 25.01 0.25 -22.70
C HIS C 323 25.30 0.50 -21.24
N VAL C 324 26.57 0.45 -20.84
CA VAL C 324 26.92 0.44 -19.42
C VAL C 324 26.66 1.80 -18.77
N PRO C 325 27.11 2.91 -19.33
CA PRO C 325 26.93 4.19 -18.64
C PRO C 325 25.51 4.51 -18.27
N LEU C 326 24.54 3.74 -18.73
CA LEU C 326 23.15 4.02 -18.49
C LEU C 326 22.42 2.90 -17.78
N LEU C 327 23.08 1.76 -17.54
CA LEU C 327 22.56 0.75 -16.64
C LEU C 327 22.87 1.08 -15.19
N ALA C 328 23.78 2.00 -14.95
CA ALA C 328 24.10 2.45 -13.61
C ALA C 328 23.10 3.43 -13.06
N ASP C 329 21.94 3.53 -13.69
CA ASP C 329 20.87 4.39 -13.24
C ASP C 329 19.72 3.54 -12.73
N PRO C 330 19.21 3.80 -11.52
CA PRO C 330 18.15 2.93 -10.98
C PRO C 330 16.90 2.84 -11.82
N LYS C 331 16.48 3.92 -12.47
CA LYS C 331 15.22 3.91 -13.20
C LYS C 331 15.36 3.22 -14.56
N PHE C 332 16.49 3.40 -15.24
CA PHE C 332 16.74 2.63 -16.44
C PHE C 332 16.89 1.15 -16.13
N ALA C 333 17.45 0.82 -14.97
CA ALA C 333 17.55 -0.58 -14.56
C ALA C 333 16.18 -1.18 -14.31
N GLN C 334 15.28 -0.42 -13.68
CA GLN C 334 13.93 -0.92 -13.47
C GLN C 334 13.19 -1.11 -14.79
N PHE C 335 13.33 -0.16 -15.71
CA PHE C 335 12.74 -0.28 -17.04
C PHE C 335 13.21 -1.55 -17.75
N SER C 336 14.53 -1.75 -17.84
CA SER C 336 15.06 -2.93 -18.50
C SER C 336 14.55 -4.21 -17.85
N GLN C 337 14.62 -4.28 -16.52
CA GLN C 337 14.20 -5.52 -15.88
C GLN C 337 12.73 -5.80 -16.10
N GLU C 338 11.90 -4.77 -16.22
CA GLU C 338 10.48 -5.03 -16.45
C GLU C 338 10.23 -5.52 -17.86
N ILE C 339 10.91 -4.95 -18.85
CA ILE C 339 10.83 -5.53 -20.19
C ILE C 339 11.21 -7.00 -20.15
N GLY C 340 12.22 -7.34 -19.35
CA GLY C 340 12.67 -8.72 -19.31
C GLY C 340 11.70 -9.65 -18.61
N LEU C 341 11.11 -9.20 -17.51
CA LEU C 341 10.17 -10.02 -16.75
C LEU C 341 8.87 -10.23 -17.51
N ALA C 342 8.46 -9.27 -18.33
CA ALA C 342 7.22 -9.45 -19.10
C ALA C 342 7.28 -10.62 -20.05
N SER C 343 8.46 -11.14 -20.35
CA SER C 343 8.65 -12.08 -21.45
C SER C 343 9.12 -13.44 -20.97
N LEU C 344 8.66 -13.90 -19.81
CA LEU C 344 9.11 -15.15 -19.23
C LEU C 344 8.02 -16.18 -19.46
N GLY C 345 8.32 -17.19 -20.28
CA GLY C 345 7.34 -18.21 -20.60
C GLY C 345 6.24 -17.74 -21.53
N ALA C 346 6.53 -16.76 -22.38
CA ALA C 346 5.56 -16.24 -23.32
C ALA C 346 5.72 -16.92 -24.67
N SER C 347 4.71 -16.77 -25.52
CA SER C 347 4.71 -17.41 -26.81
C SER C 347 5.68 -16.73 -27.77
N ASP C 348 6.35 -17.52 -28.60
CA ASP C 348 7.36 -16.99 -29.50
C ASP C 348 6.88 -15.79 -30.28
N GLU C 349 5.57 -15.59 -30.40
CA GLU C 349 5.02 -14.49 -31.15
C GLU C 349 4.95 -13.20 -30.35
N ASP C 350 5.03 -13.29 -29.02
CA ASP C 350 5.10 -12.10 -28.17
C ASP C 350 6.53 -11.72 -27.82
N VAL C 351 7.43 -12.69 -27.69
CA VAL C 351 8.83 -12.37 -27.51
C VAL C 351 9.33 -11.49 -28.65
N GLN C 352 8.76 -11.65 -29.85
CA GLN C 352 9.17 -10.80 -30.96
C GLN C 352 8.68 -9.36 -30.80
N LYS C 353 7.46 -9.19 -30.34
CA LYS C 353 6.98 -7.83 -30.07
C LYS C 353 7.77 -7.17 -28.97
N LEU C 354 8.11 -7.91 -27.92
CA LEU C 354 8.90 -7.34 -26.84
C LEU C 354 10.32 -7.01 -27.30
N ALA C 355 10.94 -7.89 -28.08
CA ALA C 355 12.26 -7.60 -28.60
C ALA C 355 12.23 -6.41 -29.55
N THR C 356 11.12 -6.19 -30.25
CA THR C 356 11.02 -5.00 -31.10
C THR C 356 10.89 -3.73 -30.27
N CYS C 357 10.05 -3.75 -29.25
CA CYS C 357 9.95 -2.59 -28.36
C CYS C 357 11.29 -2.29 -27.71
N TYR C 358 12.04 -3.33 -27.33
CA TYR C 358 13.37 -3.12 -26.77
C TYR C 358 14.32 -2.57 -27.82
N PHE C 359 14.18 -3.00 -29.07
CA PHE C 359 15.02 -2.46 -30.13
C PHE C 359 14.79 -0.98 -30.32
N PHE C 360 13.53 -0.54 -30.29
CA PHE C 360 13.21 0.84 -30.57
C PHE C 360 13.15 1.71 -29.33
N THR C 361 13.41 1.16 -28.15
CA THR C 361 13.52 1.95 -26.94
C THR C 361 14.93 1.96 -26.37
N ILE C 362 15.51 0.79 -26.12
CA ILE C 362 16.79 0.71 -25.42
C ILE C 362 17.96 0.62 -26.37
N GLU C 363 17.73 0.55 -27.67
CA GLU C 363 18.81 0.54 -28.66
C GLU C 363 18.83 1.79 -29.51
N PHE C 364 17.71 2.18 -30.12
CA PHE C 364 17.61 3.40 -30.91
C PHE C 364 16.47 4.23 -30.33
N GLY C 365 16.75 4.93 -29.25
CA GLY C 365 15.73 5.73 -28.60
C GLY C 365 16.19 7.17 -28.45
N LEU C 366 15.20 8.06 -28.37
CA LEU C 366 15.46 9.48 -28.20
C LEU C 366 14.53 10.01 -27.12
N CYS C 367 14.95 11.05 -26.43
CA CYS C 367 14.16 11.64 -25.36
C CYS C 367 14.28 13.15 -25.44
N LYS C 368 13.19 13.84 -25.11
CA LYS C 368 13.18 15.29 -24.98
C LYS C 368 12.81 15.60 -23.53
N GLN C 369 13.76 16.13 -22.77
CA GLN C 369 13.57 16.31 -21.34
C GLN C 369 13.68 17.75 -20.87
N GLU C 370 14.15 18.66 -21.71
CA GLU C 370 14.24 20.06 -21.34
C GLU C 370 13.91 20.99 -22.50
N GLY C 371 13.28 20.50 -23.56
CA GLY C 371 13.13 21.25 -24.78
C GLY C 371 13.50 20.38 -25.96
N GLN C 372 14.54 20.77 -26.68
CA GLN C 372 15.12 19.90 -27.70
C GLN C 372 15.40 18.53 -27.11
N LEU C 373 15.39 17.52 -27.98
CA LEU C 373 15.52 16.13 -27.57
C LEU C 373 16.97 15.65 -27.66
N ARG C 374 17.23 14.49 -27.05
CA ARG C 374 18.57 13.92 -26.96
C ARG C 374 18.48 12.43 -27.21
N ALA C 375 19.63 11.76 -27.11
CA ALA C 375 19.75 10.34 -27.45
C ALA C 375 20.08 9.52 -26.21
N TYR C 376 19.38 8.40 -26.03
CA TYR C 376 19.68 7.48 -24.94
C TYR C 376 19.76 6.02 -25.37
N GLY C 377 19.87 5.74 -26.66
CA GLY C 377 20.01 4.39 -27.14
C GLY C 377 21.46 4.03 -27.39
N ALA C 378 21.77 2.75 -27.25
CA ALA C 378 23.15 2.31 -27.45
C ALA C 378 23.54 2.37 -28.92
N GLY C 379 22.63 1.99 -29.82
CA GLY C 379 22.95 2.05 -31.23
C GLY C 379 23.36 3.43 -31.68
N LEU C 380 22.81 4.46 -31.04
CA LEU C 380 23.24 5.83 -31.31
C LEU C 380 24.50 6.17 -30.54
N LEU C 381 24.45 6.06 -29.22
CA LEU C 381 25.54 6.51 -28.36
C LEU C 381 26.84 5.76 -28.63
N SER C 382 26.83 4.77 -29.51
CA SER C 382 28.07 4.06 -29.84
C SER C 382 28.43 4.18 -31.32
N SER C 383 27.75 5.03 -32.08
CA SER C 383 27.97 5.14 -33.52
C SER C 383 28.01 6.60 -33.92
N ILE C 384 29.16 7.04 -34.44
CA ILE C 384 29.31 8.44 -34.84
C ILE C 384 28.32 8.78 -35.94
N GLY C 385 28.20 7.90 -36.94
CA GLY C 385 27.40 8.23 -38.11
C GLY C 385 25.93 8.38 -37.83
N GLU C 386 25.40 7.60 -36.88
CA GLU C 386 23.97 7.59 -36.62
C GLU C 386 23.57 8.48 -35.46
N LEU C 387 24.47 8.74 -34.51
CA LEU C 387 24.14 9.70 -33.46
C LEU C 387 24.07 11.11 -34.02
N LYS C 388 24.83 11.40 -35.07
CA LYS C 388 24.89 12.71 -35.68
C LYS C 388 23.88 12.89 -36.80
N HIS C 389 23.00 11.91 -37.00
CA HIS C 389 21.96 11.99 -38.01
C HIS C 389 20.56 12.02 -37.44
N ALA C 390 20.32 11.35 -36.31
CA ALA C 390 19.00 11.33 -35.71
C ALA C 390 18.67 12.61 -34.96
N LEU C 391 19.66 13.40 -34.61
CA LEU C 391 19.45 14.70 -33.97
C LEU C 391 19.38 15.84 -34.97
N SER C 392 19.71 15.57 -36.24
CA SER C 392 19.62 16.55 -37.30
C SER C 392 18.17 16.68 -37.76
N ASP C 393 17.94 17.39 -38.86
CA ASP C 393 16.61 17.59 -39.41
C ASP C 393 16.36 16.77 -40.67
N LYS C 394 17.08 15.66 -40.83
CA LYS C 394 16.87 14.79 -41.97
C LYS C 394 16.48 13.39 -41.50
N ALA C 395 15.56 13.33 -40.54
CA ALA C 395 15.12 12.06 -39.98
C ALA C 395 13.72 12.24 -39.41
N CYS C 396 12.89 11.22 -39.60
CA CYS C 396 11.51 11.26 -39.14
C CYS C 396 11.44 10.77 -37.69
N VAL C 397 11.00 11.65 -36.79
CA VAL C 397 10.92 11.36 -35.37
C VAL C 397 9.45 11.25 -35.01
N LYS C 398 8.98 10.04 -34.79
CA LYS C 398 7.61 9.78 -34.37
C LYS C 398 7.56 9.66 -32.85
N ALA C 399 6.37 9.38 -32.32
CA ALA C 399 6.21 9.19 -30.89
C ALA C 399 6.16 7.70 -30.57
N PHE C 400 6.33 7.39 -29.28
CA PHE C 400 6.40 6.01 -28.83
C PHE C 400 5.00 5.51 -28.48
N ASP C 401 4.63 4.37 -29.06
CA ASP C 401 3.33 3.75 -28.80
C ASP C 401 3.49 2.25 -28.99
N PRO C 402 3.57 1.48 -27.91
CA PRO C 402 3.91 0.06 -28.04
C PRO C 402 2.91 -0.76 -28.82
N LYS C 403 1.72 -0.23 -29.10
CA LYS C 403 0.73 -0.99 -29.86
C LYS C 403 1.05 -1.01 -31.35
N THR C 404 1.70 0.04 -31.86
CA THR C 404 2.11 0.11 -33.25
C THR C 404 3.61 -0.11 -33.43
N THR C 405 4.44 0.46 -32.56
CA THR C 405 5.88 0.34 -32.72
C THR C 405 6.34 -1.11 -32.66
N CYS C 406 5.54 -2.01 -32.12
CA CYS C 406 5.91 -3.42 -32.10
C CYS C 406 5.77 -4.08 -33.43
N LEU C 407 5.48 -3.31 -34.48
CA LEU C 407 5.39 -3.81 -35.85
C LEU C 407 6.30 -2.91 -36.68
N GLN C 408 7.57 -3.28 -36.80
CA GLN C 408 8.53 -2.43 -37.49
C GLN C 408 9.67 -3.28 -38.01
N GLU C 409 10.36 -2.74 -39.00
CA GLU C 409 11.51 -3.39 -39.59
C GLU C 409 12.75 -3.01 -38.82
N CYS C 410 13.34 -3.99 -38.13
CA CYS C 410 14.55 -3.78 -37.34
C CYS C 410 15.73 -3.85 -38.29
N LEU C 411 16.07 -2.70 -38.88
CA LEU C 411 17.14 -2.65 -39.87
C LEU C 411 18.50 -2.80 -39.20
N ILE C 412 19.39 -3.53 -39.86
CA ILE C 412 20.65 -3.92 -39.25
C ILE C 412 21.86 -3.22 -39.85
N THR C 413 21.79 -2.81 -41.13
CA THR C 413 22.94 -2.18 -41.77
C THR C 413 22.70 -0.73 -42.18
N THR C 414 21.46 -0.32 -42.38
CA THR C 414 21.15 1.03 -42.81
C THR C 414 20.42 1.77 -41.69
N PHE C 415 20.33 3.08 -41.84
CA PHE C 415 19.67 3.89 -40.83
C PHE C 415 18.20 3.49 -40.70
N GLN C 416 17.59 3.92 -39.60
CA GLN C 416 16.19 3.61 -39.34
C GLN C 416 15.33 4.71 -39.94
N GLU C 417 14.27 4.31 -40.66
CA GLU C 417 13.36 5.30 -41.21
C GLU C 417 12.77 6.18 -40.13
N ALA C 418 12.37 5.58 -39.01
CA ALA C 418 11.77 6.31 -37.91
C ALA C 418 12.56 6.11 -36.62
N TYR C 419 12.51 7.10 -35.75
CA TYR C 419 13.25 7.11 -34.48
C TYR C 419 12.26 7.52 -33.40
N PHE C 420 11.66 6.54 -32.74
CA PHE C 420 10.60 6.83 -31.79
C PHE C 420 11.12 7.61 -30.60
N VAL C 421 10.36 8.61 -30.18
CA VAL C 421 10.75 9.53 -29.12
C VAL C 421 9.82 9.33 -27.93
N SER C 422 10.31 9.70 -26.75
CA SER C 422 9.57 9.51 -25.51
C SER C 422 9.84 10.71 -24.61
N GLU C 423 9.38 10.62 -23.36
CA GLU C 423 9.59 11.66 -22.37
C GLU C 423 10.55 11.26 -21.27
N SER C 424 10.27 10.17 -20.56
CA SER C 424 11.10 9.75 -19.44
C SER C 424 10.96 8.25 -19.25
N PHE C 425 12.01 7.64 -18.71
CA PHE C 425 11.97 6.21 -18.42
C PHE C 425 10.73 5.83 -17.64
N GLU C 426 10.20 6.75 -16.85
CA GLU C 426 8.99 6.46 -16.07
C GLU C 426 7.77 6.30 -16.97
N GLU C 427 7.58 7.22 -17.91
CA GLU C 427 6.39 7.14 -18.75
C GLU C 427 6.52 6.06 -19.82
N ALA C 428 7.74 5.83 -20.34
CA ALA C 428 7.95 4.70 -21.22
C ALA C 428 7.75 3.39 -20.47
N LYS C 429 8.15 3.34 -19.20
CA LYS C 429 7.91 2.16 -18.38
C LYS C 429 6.41 1.95 -18.17
N GLU C 430 5.66 3.03 -17.97
CA GLU C 430 4.21 2.89 -17.82
C GLU C 430 3.55 2.41 -19.11
N LYS C 431 3.94 2.98 -20.25
CA LYS C 431 3.40 2.51 -21.51
C LYS C 431 3.70 1.03 -21.73
N MET C 432 4.94 0.60 -21.44
CA MET C 432 5.29 -0.79 -21.64
C MET C 432 4.58 -1.70 -20.65
N ARG C 433 4.31 -1.21 -19.44
CA ARG C 433 3.61 -2.03 -18.47
C ARG C 433 2.14 -2.16 -18.78
N ASP C 434 1.54 -1.16 -19.42
CA ASP C 434 0.16 -1.33 -19.84
C ASP C 434 0.07 -2.20 -21.07
N PHE C 435 1.01 -2.05 -22.02
CA PHE C 435 1.03 -2.93 -23.18
C PHE C 435 1.35 -4.35 -22.79
N ALA C 436 2.15 -4.54 -21.75
CA ALA C 436 2.62 -5.86 -21.34
C ALA C 436 1.58 -6.67 -20.61
N LYS C 437 0.34 -6.21 -20.49
CA LYS C 437 -0.73 -7.04 -19.96
C LYS C 437 -1.67 -7.52 -21.05
N SER C 438 -1.27 -7.36 -22.31
CA SER C 438 -2.01 -7.91 -23.44
C SER C 438 -1.22 -9.02 -24.10
N ILE C 439 -0.34 -9.68 -23.35
CA ILE C 439 0.37 -10.86 -23.82
C ILE C 439 -0.16 -12.03 -23.02
N THR C 440 -0.70 -13.02 -23.71
CA THR C 440 -1.37 -14.13 -23.05
C THR C 440 -0.40 -14.93 -22.21
N ARG C 441 -0.72 -15.09 -20.92
CA ARG C 441 0.05 -15.92 -20.02
C ARG C 441 -0.84 -16.26 -18.84
N PRO C 442 -0.86 -17.50 -18.37
CA PRO C 442 -1.83 -17.89 -17.35
C PRO C 442 -1.39 -17.70 -15.91
N PHE C 443 -0.36 -16.91 -15.65
CA PHE C 443 0.08 -16.67 -14.28
C PHE C 443 0.73 -15.30 -14.21
N SER C 444 1.15 -14.91 -13.02
CA SER C 444 2.03 -13.75 -12.92
C SER C 444 3.35 -14.18 -12.29
N VAL C 445 4.39 -13.37 -12.47
CA VAL C 445 5.70 -13.67 -11.93
C VAL C 445 6.10 -12.55 -10.98
N TYR C 446 6.78 -12.92 -9.91
CA TYR C 446 7.26 -12.01 -8.90
C TYR C 446 8.73 -12.30 -8.66
N PHE C 447 9.58 -11.29 -8.78
CA PHE C 447 11.01 -11.45 -8.59
C PHE C 447 11.35 -11.19 -7.13
N ASN C 448 11.94 -12.19 -6.47
CA ASN C 448 12.39 -12.07 -5.09
C ASN C 448 13.86 -11.71 -5.09
N PRO C 449 14.23 -10.50 -4.65
CA PRO C 449 15.61 -10.04 -4.77
C PRO C 449 16.56 -10.48 -3.67
N TYR C 450 16.05 -11.02 -2.57
CA TYR C 450 16.92 -11.62 -1.57
C TYR C 450 17.44 -12.96 -2.05
N THR C 451 16.51 -13.85 -2.41
CA THR C 451 16.85 -15.13 -2.98
C THR C 451 17.31 -15.03 -4.42
N GLN C 452 16.91 -13.97 -5.12
CA GLN C 452 17.17 -13.82 -6.54
C GLN C 452 16.51 -14.93 -7.33
N SER C 453 15.18 -15.00 -7.22
CA SER C 453 14.48 -16.07 -7.90
C SER C 453 13.08 -15.62 -8.30
N ILE C 454 12.51 -16.30 -9.28
CA ILE C 454 11.20 -15.96 -9.81
C ILE C 454 10.16 -16.85 -9.15
N GLU C 455 8.97 -16.29 -8.89
CA GLU C 455 7.89 -17.02 -8.25
C GLU C 455 6.60 -16.83 -9.03
N ILE C 456 5.81 -17.88 -9.12
CA ILE C 456 4.59 -17.88 -9.91
C ILE C 456 3.43 -17.56 -8.97
N LEU C 457 2.86 -16.37 -9.10
CA LEU C 457 1.62 -16.03 -8.42
C LEU C 457 0.48 -16.62 -9.23
N LYS C 458 -0.08 -17.71 -8.72
CA LYS C 458 -1.23 -18.36 -9.32
C LYS C 458 -2.21 -18.92 -8.30
N ASP C 459 -2.02 -18.67 -7.01
CA ASP C 459 -2.97 -19.06 -5.98
C ASP C 459 -3.04 -17.93 -4.98
N THR C 460 -3.58 -18.20 -3.79
CA THR C 460 -3.83 -17.15 -2.81
C THR C 460 -2.79 -17.10 -1.69
N ARG C 461 -2.05 -18.19 -1.47
CA ARG C 461 -0.99 -18.17 -0.47
C ARG C 461 0.18 -17.30 -0.92
N SER C 462 0.53 -17.37 -2.20
CA SER C 462 1.58 -16.53 -2.74
C SER C 462 1.20 -15.06 -2.69
N ILE C 463 0.00 -14.73 -3.16
CA ILE C 463 -0.43 -13.34 -3.14
C ILE C 463 -0.48 -12.84 -1.70
N GLU C 464 -0.85 -13.71 -0.77
CA GLU C 464 -0.89 -13.28 0.62
C GLU C 464 0.51 -12.96 1.15
N ASN C 465 1.51 -13.76 0.77
CA ASN C 465 2.89 -13.43 1.15
C ASN C 465 3.29 -12.06 0.62
N VAL C 466 3.01 -11.81 -0.66
CA VAL C 466 3.42 -10.54 -1.26
C VAL C 466 2.79 -9.36 -0.51
N VAL C 467 1.49 -9.47 -0.20
CA VAL C 467 0.83 -8.37 0.49
C VAL C 467 1.42 -8.19 1.88
N GLN C 468 1.73 -9.29 2.55
CA GLN C 468 2.29 -9.20 3.90
C GLN C 468 3.63 -8.48 3.90
N ASP C 469 4.42 -8.64 2.84
CA ASP C 469 5.66 -7.87 2.74
C ASP C 469 5.42 -6.40 2.40
N LEU C 470 4.39 -6.11 1.60
CA LEU C 470 4.04 -4.72 1.35
C LEU C 470 3.73 -3.98 2.65
N ARG C 471 3.06 -4.64 3.58
CA ARG C 471 2.71 -3.98 4.83
C ARG C 471 3.95 -3.58 5.62
N SER C 472 4.94 -4.47 5.68
CA SER C 472 6.17 -4.15 6.38
C SER C 472 6.95 -3.05 5.69
N ASP C 473 6.88 -2.97 4.36
CA ASP C 473 7.55 -1.87 3.68
C ASP C 473 6.82 -0.54 3.85
N LEU C 474 5.51 -0.57 4.12
CA LEU C 474 4.77 0.66 4.38
C LEU C 474 4.98 1.18 5.79
N ASN C 475 5.21 0.28 6.74
CA ASN C 475 5.50 0.71 8.11
C ASN C 475 6.75 1.59 8.17
N THR C 476 7.74 1.30 7.33
CA THR C 476 8.96 2.09 7.33
C THR C 476 8.68 3.54 6.97
N VAL C 477 7.86 3.77 5.95
CA VAL C 477 7.48 5.12 5.57
C VAL C 477 6.71 5.79 6.69
N CYS C 478 5.75 5.06 7.26
CA CYS C 478 4.94 5.65 8.31
C CYS C 478 5.77 6.02 9.54
N ASP C 479 6.94 5.41 9.71
CA ASP C 479 7.84 5.76 10.80
C ASP C 479 8.81 6.89 10.44
N ALA C 480 9.34 6.88 9.22
CA ALA C 480 10.17 7.99 8.77
C ALA C 480 9.43 9.30 8.86
N LEU C 481 8.14 9.30 8.52
CA LEU C 481 7.39 10.56 8.59
C LEU C 481 7.21 11.01 10.03
N ASN C 482 6.92 10.10 10.94
CA ASN C 482 6.81 10.48 12.35
C ASN C 482 8.10 11.09 12.85
N LYS C 483 9.24 10.54 12.44
CA LYS C 483 10.50 11.11 12.93
C LYS C 483 10.73 12.50 12.35
N MET C 484 10.46 12.69 11.07
CA MET C 484 10.54 14.05 10.52
C MET C 484 9.68 15.01 11.29
N ASN C 485 8.45 14.60 11.62
CA ASN C 485 7.57 15.45 12.41
C ASN C 485 8.21 15.81 13.74
N GLN C 486 8.48 14.80 14.58
CA GLN C 486 8.92 15.10 15.93
C GLN C 486 10.21 15.90 15.95
N TYR C 487 11.08 15.71 14.96
CA TYR C 487 12.28 16.53 14.93
C TYR C 487 12.05 17.90 14.32
N LEU C 488 10.93 18.09 13.63
CA LEU C 488 10.36 19.41 13.39
C LEU C 488 9.32 19.69 14.48
N GLY C 489 8.49 20.70 14.25
CA GLY C 489 7.24 20.81 14.96
C GLY C 489 6.15 20.06 14.22
N ILE C 490 5.23 19.47 14.98
CA ILE C 490 4.17 18.67 14.38
C ILE C 490 3.40 19.48 13.34
N VAL D 151 26.70 10.41 15.28
CA VAL D 151 26.30 9.08 15.70
C VAL D 151 27.42 8.11 15.43
N PRO D 152 27.38 6.94 16.07
CA PRO D 152 28.44 5.95 15.86
C PRO D 152 28.48 5.45 14.43
N TRP D 153 29.67 5.09 13.98
CA TRP D 153 29.86 4.66 12.61
C TRP D 153 29.20 3.30 12.38
N PHE D 154 28.49 3.18 11.26
CA PHE D 154 27.94 1.90 10.83
C PHE D 154 28.19 1.75 9.34
N PRO D 155 28.22 0.52 8.84
CA PRO D 155 28.49 0.30 7.42
C PRO D 155 27.28 0.63 6.57
N ARG D 156 27.52 1.35 5.47
CA ARG D 156 26.45 1.75 4.56
C ARG D 156 26.46 0.98 3.26
N LYS D 157 27.19 -0.14 3.19
CA LYS D 157 27.19 -1.02 2.04
C LYS D 157 27.90 -2.30 2.43
N ILE D 158 27.50 -3.41 1.81
CA ILE D 158 27.96 -4.71 2.26
C ILE D 158 29.45 -4.93 2.07
N SER D 159 30.13 -4.02 1.39
CA SER D 159 31.58 -4.14 1.27
C SER D 159 32.31 -3.43 2.40
N GLU D 160 31.70 -2.41 2.99
CA GLU D 160 32.25 -1.77 4.18
C GLU D 160 32.08 -2.61 5.43
N LEU D 161 31.47 -3.78 5.32
CA LEU D 161 31.30 -4.65 6.46
C LEU D 161 32.57 -5.38 6.84
N ASP D 162 33.65 -5.16 6.10
CA ASP D 162 34.93 -5.80 6.42
C ASP D 162 35.65 -5.11 7.57
N LYS D 163 35.31 -3.86 7.89
CA LYS D 163 35.84 -3.24 9.08
C LYS D 163 35.23 -3.84 10.33
N CYS D 164 33.94 -4.18 10.28
CA CYS D 164 33.28 -4.79 11.42
C CYS D 164 33.69 -6.24 11.57
N SER D 165 33.70 -6.99 10.47
CA SER D 165 34.08 -8.39 10.50
C SER D 165 35.50 -8.62 10.98
N HIS D 166 36.34 -7.59 10.99
CA HIS D 166 37.74 -7.72 11.37
C HIS D 166 38.09 -6.91 12.62
N ARG D 167 37.09 -6.42 13.34
CA ARG D 167 37.30 -5.72 14.61
C ARG D 167 37.10 -6.67 15.78
N VAL D 168 37.95 -7.68 15.84
CA VAL D 168 37.79 -8.78 16.79
C VAL D 168 38.39 -8.41 18.13
N LEU D 169 37.61 -8.59 19.20
CA LEU D 169 38.07 -8.22 20.53
C LEU D 169 39.13 -9.18 21.04
N MET D 170 38.74 -10.42 21.26
CA MET D 170 39.66 -11.49 21.64
C MET D 170 39.69 -12.51 20.52
N TYR D 171 40.74 -13.31 20.48
CA TYR D 171 40.94 -14.24 19.39
C TYR D 171 40.63 -15.66 19.81
N GLY D 172 40.25 -16.47 18.83
CA GLY D 172 39.94 -17.87 19.06
C GLY D 172 41.12 -18.75 19.32
N SER D 173 42.32 -18.19 19.31
CA SER D 173 43.53 -18.90 19.72
C SER D 173 43.90 -18.65 21.17
N GLU D 174 43.18 -17.77 21.85
CA GLU D 174 43.48 -17.42 23.24
C GLU D 174 42.62 -18.23 24.19
N LEU D 175 42.98 -19.51 24.32
CA LEU D 175 42.33 -20.38 25.28
C LEU D 175 42.62 -19.90 26.70
N ASP D 176 41.57 -19.85 27.52
CA ASP D 176 41.70 -19.36 28.89
C ASP D 176 42.14 -20.48 29.82
N ALA D 177 42.46 -20.11 31.06
CA ALA D 177 43.00 -21.08 32.02
C ALA D 177 42.07 -22.28 32.19
N ASP D 178 40.76 -22.05 32.20
CA ASP D 178 39.81 -23.13 32.42
C ASP D 178 39.60 -24.00 31.20
N HIS D 179 40.34 -23.78 30.13
CA HIS D 179 40.08 -24.51 28.89
C HIS D 179 40.69 -25.91 28.97
N PRO D 180 39.91 -26.96 28.72
CA PRO D 180 40.46 -28.32 28.77
C PRO D 180 41.64 -28.51 27.84
N GLY D 181 41.91 -27.55 26.97
CA GLY D 181 43.08 -27.60 26.12
C GLY D 181 44.08 -26.52 26.46
N PHE D 182 43.95 -25.94 27.65
CA PHE D 182 44.84 -24.86 28.05
C PHE D 182 46.26 -25.35 28.28
N LYS D 183 46.43 -26.62 28.67
CA LYS D 183 47.74 -27.21 28.94
C LYS D 183 48.17 -28.16 27.83
N ASP D 184 47.72 -27.93 26.61
CA ASP D 184 48.04 -28.80 25.48
C ASP D 184 49.08 -28.14 24.60
N ASN D 185 49.56 -28.90 23.62
CA ASN D 185 50.59 -28.41 22.72
C ASN D 185 50.22 -28.56 21.25
N VAL D 186 49.53 -29.63 20.88
CA VAL D 186 49.12 -29.79 19.48
C VAL D 186 47.81 -29.06 19.19
N TYR D 187 46.88 -29.05 20.14
CA TYR D 187 45.64 -28.32 19.96
C TYR D 187 45.91 -26.86 19.61
N ARG D 188 46.56 -26.13 20.52
CA ARG D 188 46.79 -24.71 20.31
C ARG D 188 47.35 -24.43 18.92
N GLN D 189 48.24 -25.29 18.43
CA GLN D 189 48.83 -25.06 17.12
C GLN D 189 47.80 -25.20 16.01
N ARG D 190 46.62 -25.73 16.31
CA ARG D 190 45.52 -25.83 15.36
C ARG D 190 44.61 -24.62 15.46
N ARG D 191 44.34 -24.15 16.67
CA ARG D 191 43.62 -22.89 16.84
C ARG D 191 44.35 -21.76 16.16
N LYS D 192 45.68 -21.74 16.24
CA LYS D 192 46.43 -20.71 15.52
C LYS D 192 46.15 -20.77 14.02
N TYR D 193 46.12 -21.99 13.47
CA TYR D 193 45.84 -22.13 12.04
C TYR D 193 44.47 -21.60 11.69
N PHE D 194 43.47 -21.93 12.50
CA PHE D 194 42.12 -21.47 12.21
C PHE D 194 42.04 -19.94 12.27
N VAL D 195 42.67 -19.34 13.28
CA VAL D 195 42.69 -17.88 13.35
C VAL D 195 43.32 -17.29 12.10
N ASP D 196 44.45 -17.85 11.67
CA ASP D 196 45.13 -17.29 10.51
C ASP D 196 44.27 -17.41 9.26
N VAL D 197 43.54 -18.52 9.12
CA VAL D 197 42.75 -18.71 7.92
C VAL D 197 41.51 -17.82 7.93
N ALA D 198 40.99 -17.51 9.12
CA ALA D 198 39.83 -16.65 9.22
C ALA D 198 40.17 -15.17 9.10
N MET D 199 41.40 -14.78 9.42
CA MET D 199 41.82 -13.40 9.23
C MET D 199 42.18 -13.08 7.79
N GLY D 200 42.02 -14.02 6.87
CA GLY D 200 42.34 -13.81 5.47
C GLY D 200 41.15 -13.72 4.54
N TYR D 201 39.93 -13.62 5.06
CA TYR D 201 38.75 -13.56 4.23
C TYR D 201 38.55 -12.14 3.71
N LYS D 202 38.03 -12.04 2.49
CA LYS D 202 37.75 -10.75 1.86
C LYS D 202 36.50 -10.87 1.01
N TYR D 203 35.61 -9.89 1.13
CA TYR D 203 34.35 -9.90 0.41
C TYR D 203 34.57 -10.15 -1.07
N GLY D 204 33.90 -11.16 -1.61
CA GLY D 204 33.93 -11.47 -3.02
C GLY D 204 34.61 -12.78 -3.35
N GLN D 205 35.44 -13.30 -2.46
CA GLN D 205 36.20 -14.51 -2.73
C GLN D 205 35.59 -15.70 -2.02
N PRO D 206 35.37 -16.81 -2.71
CA PRO D 206 34.78 -17.99 -2.05
C PRO D 206 35.58 -18.41 -0.84
N ILE D 207 34.88 -18.95 0.15
CA ILE D 207 35.53 -19.35 1.39
C ILE D 207 36.36 -20.60 1.15
N PRO D 208 37.64 -20.62 1.50
CA PRO D 208 38.44 -21.83 1.30
C PRO D 208 37.90 -22.98 2.13
N ARG D 209 38.24 -24.20 1.72
CA ARG D 209 37.74 -25.39 2.39
C ARG D 209 38.76 -25.90 3.40
N VAL D 210 38.27 -26.24 4.58
CA VAL D 210 39.08 -26.79 5.65
C VAL D 210 38.88 -28.29 5.71
N GLU D 211 39.98 -29.04 5.80
CA GLU D 211 39.93 -30.50 5.85
C GLU D 211 40.14 -30.93 7.29
N TYR D 212 39.09 -31.49 7.89
CA TYR D 212 39.12 -31.85 9.29
C TYR D 212 39.74 -33.23 9.48
N THR D 213 40.55 -33.36 10.51
CA THR D 213 41.29 -34.59 10.75
C THR D 213 40.32 -35.67 11.24
N GLU D 214 40.87 -36.82 11.64
CA GLU D 214 40.06 -37.95 12.06
C GLU D 214 39.44 -37.74 13.43
N GLU D 215 40.22 -37.22 14.38
CA GLU D 215 39.67 -36.97 15.72
C GLU D 215 38.59 -35.91 15.70
N GLU D 216 38.83 -34.81 14.96
CA GLU D 216 37.80 -33.79 14.80
C GLU D 216 36.53 -34.37 14.21
N THR D 217 36.67 -35.19 13.16
CA THR D 217 35.50 -35.78 12.53
C THR D 217 34.76 -36.68 13.49
N LYS D 218 35.47 -37.48 14.28
CA LYS D 218 34.82 -38.36 15.23
C LYS D 218 34.08 -37.54 16.29
N THR D 219 34.64 -36.41 16.70
CA THR D 219 33.96 -35.55 17.67
C THR D 219 32.67 -35.00 17.10
N TRP D 220 32.73 -34.45 15.87
CA TRP D 220 31.53 -33.98 15.22
C TRP D 220 30.49 -35.08 15.14
N GLY D 221 30.91 -36.30 14.79
CA GLY D 221 29.98 -37.41 14.69
C GLY D 221 29.34 -37.75 16.02
N VAL D 222 30.13 -37.73 17.09
CA VAL D 222 29.58 -38.00 18.42
C VAL D 222 28.49 -37.00 18.74
N VAL D 223 28.76 -35.71 18.53
CA VAL D 223 27.77 -34.69 18.87
C VAL D 223 26.52 -34.86 18.01
N PHE D 224 26.71 -35.05 16.71
CA PHE D 224 25.57 -35.24 15.81
C PHE D 224 24.70 -36.40 16.25
N ARG D 225 25.33 -37.55 16.51
CA ARG D 225 24.58 -38.76 16.83
C ARG D 225 23.89 -38.65 18.18
N GLU D 226 24.56 -38.07 19.17
CA GLU D 226 23.96 -37.95 20.49
C GLU D 226 22.91 -36.86 20.57
N LEU D 227 22.89 -35.94 19.61
CA LEU D 227 21.94 -34.84 19.68
C LEU D 227 20.77 -34.98 18.72
N SER D 228 20.90 -35.79 17.67
CA SER D 228 19.83 -35.91 16.69
C SER D 228 18.75 -36.92 17.10
N LYS D 229 18.95 -37.67 18.17
CA LYS D 229 17.97 -38.65 18.61
C LYS D 229 16.96 -38.07 19.58
N LEU D 230 17.00 -36.77 19.87
CA LEU D 230 15.98 -36.13 20.67
C LEU D 230 15.48 -34.83 20.04
N TYR D 231 15.74 -34.61 18.76
CA TYR D 231 15.17 -33.47 18.06
C TYR D 231 13.70 -33.72 17.76
N PRO D 232 13.33 -34.91 17.28
CA PRO D 232 11.94 -35.11 16.83
C PRO D 232 10.89 -34.75 17.86
N THR D 233 11.22 -34.82 19.15
CA THR D 233 10.25 -34.57 20.21
C THR D 233 10.52 -33.28 20.98
N HIS D 234 11.54 -32.53 20.62
CA HIS D 234 11.91 -31.33 21.36
C HIS D 234 11.98 -30.09 20.48
N ALA D 235 12.40 -30.21 19.23
CA ALA D 235 12.59 -29.07 18.35
C ALA D 235 11.27 -28.62 17.74
N CYS D 236 11.25 -27.39 17.25
CA CYS D 236 10.04 -26.84 16.64
C CYS D 236 9.84 -27.53 15.29
N ARG D 237 8.79 -27.13 14.56
CA ARG D 237 8.53 -27.81 13.29
C ARG D 237 9.41 -27.25 12.18
N GLU D 238 9.66 -25.94 12.18
CA GLU D 238 10.48 -25.32 11.15
C GLU D 238 11.94 -25.75 11.22
N TYR D 239 12.35 -26.40 12.29
CA TYR D 239 13.67 -27.01 12.36
C TYR D 239 13.65 -28.40 11.75
N LEU D 240 12.56 -29.14 11.99
CA LEU D 240 12.47 -30.50 11.48
C LEU D 240 12.22 -30.51 9.98
N LYS D 241 11.52 -29.51 9.46
CA LYS D 241 11.28 -29.43 8.03
C LYS D 241 12.49 -28.94 7.25
N ASN D 242 13.53 -28.48 7.93
CA ASN D 242 14.74 -28.00 7.29
C ASN D 242 15.94 -28.90 7.50
N PHE D 243 15.97 -29.69 8.57
CA PHE D 243 17.11 -30.58 8.78
C PHE D 243 17.32 -31.59 7.66
N PRO D 244 16.30 -32.28 7.14
CA PRO D 244 16.55 -33.23 6.06
C PRO D 244 17.15 -32.61 4.82
N LEU D 245 16.72 -31.40 4.45
CA LEU D 245 17.33 -30.73 3.31
C LEU D 245 18.82 -30.51 3.53
N LEU D 246 19.20 -30.19 4.76
CA LEU D 246 20.62 -30.04 5.05
C LEU D 246 21.34 -31.36 4.98
N THR D 247 20.68 -32.44 5.39
CA THR D 247 21.27 -33.77 5.25
C THR D 247 21.45 -34.15 3.78
N LYS D 248 20.61 -33.61 2.91
CA LYS D 248 20.63 -33.96 1.50
C LYS D 248 21.60 -33.13 0.68
N TYR D 249 21.69 -31.82 0.92
CA TYR D 249 22.45 -30.94 0.04
C TYR D 249 23.79 -30.50 0.60
N CYS D 250 23.93 -30.34 1.92
CA CYS D 250 25.15 -29.81 2.50
C CYS D 250 26.07 -30.85 3.09
N GLY D 251 25.54 -32.00 3.51
CA GLY D 251 26.39 -33.09 3.93
C GLY D 251 26.38 -33.37 5.41
N TYR D 252 25.25 -33.15 6.08
CA TYR D 252 25.14 -33.38 7.51
C TYR D 252 25.09 -34.89 7.75
N ARG D 253 26.18 -35.44 8.26
CA ARG D 253 26.26 -36.87 8.54
C ARG D 253 27.60 -37.18 9.19
N GLU D 254 27.65 -38.23 10.00
CA GLU D 254 28.92 -38.64 10.58
C GLU D 254 29.92 -38.95 9.47
N ASP D 255 31.20 -38.88 9.81
CA ASP D 255 32.30 -39.08 8.89
C ASP D 255 32.43 -37.94 7.90
N ASN D 256 31.64 -36.88 8.05
CA ASN D 256 31.77 -35.69 7.21
C ASN D 256 31.32 -34.48 8.00
N VAL D 257 32.17 -33.45 8.02
CA VAL D 257 31.86 -32.19 8.66
C VAL D 257 31.47 -31.18 7.59
N PRO D 258 30.28 -30.58 7.65
CA PRO D 258 29.88 -29.64 6.60
C PRO D 258 30.88 -28.50 6.45
N GLN D 259 30.94 -27.95 5.25
CA GLN D 259 31.79 -26.82 4.95
C GLN D 259 30.96 -25.56 4.85
N LEU D 260 31.61 -24.41 5.06
CA LEU D 260 30.89 -23.14 5.06
C LEU D 260 30.52 -22.68 3.65
N GLU D 261 31.22 -23.15 2.62
CA GLU D 261 30.83 -22.76 1.27
C GLU D 261 29.52 -23.40 0.87
N ASP D 262 29.38 -24.70 1.12
CA ASP D 262 28.12 -25.37 0.82
C ASP D 262 26.98 -24.81 1.66
N VAL D 263 27.24 -24.55 2.94
CA VAL D 263 26.20 -24.00 3.80
C VAL D 263 25.80 -22.62 3.33
N SER D 264 26.75 -21.80 2.93
CA SER D 264 26.43 -20.44 2.50
C SER D 264 25.71 -20.42 1.18
N MET D 265 26.02 -21.35 0.28
CA MET D 265 25.29 -21.43 -0.97
C MET D 265 23.92 -22.08 -0.82
N PHE D 266 23.72 -22.89 0.22
CA PHE D 266 22.40 -23.43 0.51
C PHE D 266 21.50 -22.40 1.17
N LEU D 267 22.06 -21.59 2.06
CA LEU D 267 21.27 -20.53 2.68
C LEU D 267 20.92 -19.45 1.68
N LYS D 268 21.87 -19.05 0.85
CA LYS D 268 21.67 -17.93 -0.05
C LYS D 268 20.50 -18.11 -1.00
N GLU D 269 20.03 -19.33 -1.21
CA GLU D 269 18.94 -19.63 -2.13
C GLU D 269 17.60 -19.81 -1.43
N ARG D 270 17.57 -19.90 -0.11
CA ARG D 270 16.36 -20.17 0.65
C ARG D 270 15.83 -18.96 1.37
N SER D 271 16.71 -18.21 2.04
CA SER D 271 16.32 -17.00 2.74
C SER D 271 17.13 -15.78 2.38
N GLY D 272 18.33 -15.93 1.86
CA GLY D 272 19.16 -14.80 1.53
C GLY D 272 20.39 -14.66 2.40
N PHE D 273 20.49 -15.40 3.49
CA PHE D 273 21.61 -15.27 4.38
C PHE D 273 22.88 -15.83 3.76
N THR D 274 24.02 -15.41 4.30
CA THR D 274 25.28 -16.02 4.00
C THR D 274 26.10 -16.04 5.27
N VAL D 275 27.17 -16.82 5.26
CA VAL D 275 28.03 -16.96 6.43
C VAL D 275 29.42 -16.53 6.05
N ARG D 276 30.15 -15.98 7.01
CA ARG D 276 31.57 -15.72 6.80
C ARG D 276 32.33 -16.05 8.07
N PRO D 277 33.56 -16.52 7.96
CA PRO D 277 34.30 -16.96 9.13
C PRO D 277 34.87 -15.80 9.93
N VAL D 278 35.02 -16.02 11.22
CA VAL D 278 35.46 -14.99 12.14
C VAL D 278 36.42 -15.60 13.14
N ALA D 279 37.52 -14.89 13.42
CA ALA D 279 38.31 -15.17 14.60
C ALA D 279 37.55 -14.65 15.82
N GLY D 280 37.17 -15.55 16.72
CA GLY D 280 36.00 -15.35 17.54
C GLY D 280 35.80 -14.04 18.29
N TYR D 281 34.59 -13.86 18.80
CA TYR D 281 34.25 -12.84 19.80
C TYR D 281 34.49 -11.42 19.30
N LEU D 282 33.63 -11.02 18.37
CA LEU D 282 33.50 -9.62 18.01
C LEU D 282 32.35 -8.98 18.78
N SER D 283 32.45 -7.68 19.02
CA SER D 283 31.52 -6.98 19.89
C SER D 283 30.08 -7.19 19.46
N PRO D 284 29.12 -6.87 20.33
CA PRO D 284 27.71 -7.06 19.95
C PRO D 284 27.23 -6.06 18.92
N ARG D 285 27.74 -4.83 18.95
CA ARG D 285 27.39 -3.87 17.92
C ARG D 285 27.80 -4.36 16.55
N ASP D 286 29.00 -4.93 16.44
CA ASP D 286 29.52 -5.41 15.16
C ASP D 286 28.94 -6.74 14.74
N PHE D 287 28.38 -7.51 15.67
CA PHE D 287 27.68 -8.73 15.29
C PHE D 287 26.26 -8.43 14.87
N LEU D 288 25.62 -7.41 15.43
CA LEU D 288 24.29 -7.04 15.01
C LEU D 288 24.30 -6.22 13.74
N ALA D 289 25.35 -5.45 13.49
CA ALA D 289 25.45 -4.75 12.22
C ALA D 289 25.68 -5.68 11.06
N GLY D 290 25.88 -6.96 11.30
CA GLY D 290 26.09 -7.90 10.22
C GLY D 290 24.81 -8.62 9.88
N LEU D 291 23.87 -8.67 10.81
CA LEU D 291 22.56 -9.23 10.53
C LEU D 291 21.68 -8.25 9.77
N ALA D 292 22.04 -6.97 9.76
CA ALA D 292 21.32 -6.01 8.94
C ALA D 292 21.47 -6.29 7.46
N TYR D 293 22.62 -6.80 7.05
CA TYR D 293 22.91 -7.16 5.68
C TYR D 293 22.63 -8.63 5.40
N ARG D 294 22.07 -9.35 6.35
CA ARG D 294 21.83 -10.77 6.22
C ARG D 294 23.13 -11.53 6.05
N VAL D 295 24.02 -11.34 7.03
CA VAL D 295 25.30 -12.00 7.10
C VAL D 295 25.46 -12.55 8.51
N PHE D 296 26.02 -13.73 8.62
CA PHE D 296 26.21 -14.39 9.90
C PHE D 296 27.67 -14.74 10.08
N HIS D 297 28.23 -14.44 11.24
CA HIS D 297 29.64 -14.64 11.52
C HIS D 297 29.84 -15.96 12.25
N CYS D 298 30.50 -16.90 11.60
CA CYS D 298 30.68 -18.25 12.11
C CYS D 298 32.12 -18.49 12.52
N THR D 299 32.32 -19.51 13.35
CA THR D 299 33.65 -20.03 13.65
C THR D 299 33.83 -21.35 12.90
N GLN D 300 35.10 -21.74 12.76
CA GLN D 300 35.41 -22.93 12.00
C GLN D 300 36.07 -24.03 12.81
N TYR D 301 36.49 -23.77 14.04
CA TYR D 301 37.17 -24.79 14.82
C TYR D 301 36.16 -25.73 15.46
N ILE D 302 36.68 -26.76 16.14
CA ILE D 302 35.85 -27.77 16.79
C ILE D 302 36.32 -27.94 18.24
N ARG D 303 35.49 -28.61 19.03
CA ARG D 303 35.77 -28.85 20.43
C ARG D 303 37.07 -29.63 20.59
N HIS D 304 37.51 -29.76 21.84
CA HIS D 304 38.57 -30.69 22.19
C HIS D 304 37.97 -32.07 22.39
N GLY D 305 38.52 -33.06 21.68
CA GLY D 305 37.97 -34.41 21.69
C GLY D 305 37.70 -34.99 23.06
N SER D 306 38.36 -34.45 24.08
CA SER D 306 38.19 -34.93 25.45
C SER D 306 36.78 -34.63 25.93
N ASP D 307 35.95 -35.67 26.02
CA ASP D 307 34.58 -35.47 26.48
C ASP D 307 33.87 -34.49 25.56
N PRO D 308 33.50 -34.89 24.36
CA PRO D 308 32.92 -34.00 23.37
C PRO D 308 31.47 -33.63 23.67
N LEU D 309 31.20 -33.19 24.91
CA LEU D 309 29.86 -32.81 25.30
C LEU D 309 29.81 -31.53 26.10
N TYR D 310 30.94 -30.98 26.53
CA TYR D 310 30.98 -29.71 27.22
C TYR D 310 31.74 -28.69 26.38
N THR D 311 31.20 -27.48 26.30
CA THR D 311 31.87 -26.42 25.56
C THR D 311 31.53 -25.07 26.15
N PRO D 312 32.51 -24.37 26.71
CA PRO D 312 32.25 -23.00 27.16
C PRO D 312 32.43 -21.98 26.05
N GLU D 313 31.94 -22.30 24.85
CA GLU D 313 32.14 -21.37 23.73
C GLU D 313 31.47 -21.87 22.46
N PRO D 314 31.28 -21.01 21.47
CA PRO D 314 30.63 -21.41 20.22
C PRO D 314 31.57 -22.01 19.19
N ASP D 315 31.83 -23.31 19.24
CA ASP D 315 32.61 -23.95 18.19
C ASP D 315 31.74 -24.05 16.93
N THR D 316 32.24 -24.74 15.91
CA THR D 316 31.52 -24.85 14.65
C THR D 316 30.38 -25.86 14.70
N CYS D 317 30.23 -26.60 15.79
CA CYS D 317 29.10 -27.49 15.95
C CYS D 317 27.90 -26.80 16.55
N HIS D 318 28.08 -25.60 17.10
CA HIS D 318 26.99 -24.81 17.64
C HIS D 318 26.34 -23.95 16.57
N GLU D 319 27.07 -23.64 15.52
CA GLU D 319 26.57 -22.79 14.46
C GLU D 319 26.17 -23.56 13.22
N LEU D 320 26.25 -24.86 13.25
CA LEU D 320 25.72 -25.71 12.20
C LEU D 320 24.49 -26.48 12.63
N LEU D 321 24.44 -26.93 13.88
CA LEU D 321 23.28 -27.63 14.39
C LEU D 321 22.34 -26.73 15.17
N GLY D 322 22.80 -25.57 15.61
CA GLY D 322 21.94 -24.66 16.33
C GLY D 322 21.36 -23.54 15.50
N HIS D 323 22.21 -22.86 14.71
CA HIS D 323 21.83 -21.62 14.06
C HIS D 323 21.39 -21.79 12.62
N VAL D 324 22.07 -22.64 11.85
CA VAL D 324 21.87 -22.70 10.41
C VAL D 324 20.53 -23.32 10.04
N PRO D 325 20.15 -24.48 10.59
CA PRO D 325 18.89 -25.11 10.17
C PRO D 325 17.68 -24.22 10.29
N LEU D 326 17.80 -23.06 10.90
CA LEU D 326 16.66 -22.20 11.13
C LEU D 326 16.84 -20.81 10.51
N LEU D 327 18.00 -20.51 9.94
CA LEU D 327 18.17 -19.34 9.11
C LEU D 327 17.67 -19.58 7.70
N ALA D 328 17.48 -20.84 7.32
CA ALA D 328 16.95 -21.19 6.02
C ALA D 328 15.46 -21.03 5.93
N ASP D 329 14.86 -20.32 6.88
CA ASP D 329 13.44 -20.04 6.89
C ASP D 329 13.21 -18.57 6.64
N PRO D 330 12.35 -18.20 5.69
CA PRO D 330 12.19 -16.78 5.37
C PRO D 330 11.74 -15.91 6.53
N LYS D 331 10.88 -16.41 7.41
CA LYS D 331 10.34 -15.57 8.48
C LYS D 331 11.34 -15.40 9.63
N PHE D 332 12.10 -16.44 9.96
CA PHE D 332 13.17 -16.28 10.91
C PHE D 332 14.26 -15.36 10.36
N ALA D 333 14.49 -15.40 9.06
CA ALA D 333 15.45 -14.49 8.45
C ALA D 333 14.99 -13.05 8.54
N GLN D 334 13.70 -12.80 8.32
CA GLN D 334 13.19 -11.44 8.46
C GLN D 334 13.26 -10.96 9.91
N PHE D 335 12.92 -11.82 10.86
CA PHE D 335 13.05 -11.49 12.28
C PHE D 335 14.48 -11.09 12.63
N SER D 336 15.45 -11.94 12.29
CA SER D 336 16.84 -11.63 12.60
C SER D 336 17.29 -10.32 11.96
N GLN D 337 16.98 -10.13 10.67
CA GLN D 337 17.45 -8.92 10.03
C GLN D 337 16.82 -7.69 10.64
N GLU D 338 15.59 -7.77 11.14
CA GLU D 338 14.98 -6.59 11.74
C GLU D 338 15.61 -6.27 13.08
N ILE D 339 15.90 -7.29 13.90
CA ILE D 339 16.68 -7.02 15.11
C ILE D 339 17.98 -6.32 14.75
N GLY D 340 18.60 -6.73 13.66
CA GLY D 340 19.88 -6.14 13.29
C GLY D 340 19.77 -4.71 12.79
N LEU D 341 18.74 -4.43 11.98
CA LEU D 341 18.55 -3.09 11.44
C LEU D 341 18.13 -2.09 12.51
N ALA D 342 17.43 -2.55 13.55
CA ALA D 342 17.03 -1.63 14.62
C ALA D 342 18.21 -1.02 15.34
N SER D 343 19.41 -1.57 15.20
CA SER D 343 20.55 -1.25 16.04
C SER D 343 21.69 -0.62 15.27
N LEU D 344 21.39 0.18 14.25
CA LEU D 344 22.41 0.76 13.39
C LEU D 344 22.57 2.22 13.81
N GLY D 345 23.74 2.56 14.35
CA GLY D 345 23.98 3.90 14.80
C GLY D 345 23.25 4.27 16.08
N ALA D 346 22.96 3.29 16.92
CA ALA D 346 22.25 3.54 18.17
C ALA D 346 23.26 3.69 19.32
N SER D 347 22.78 4.23 20.43
CA SER D 347 23.63 4.47 21.57
C SER D 347 23.99 3.16 22.27
N ASP D 348 25.24 3.08 22.73
CA ASP D 348 25.74 1.84 23.33
C ASP D 348 24.82 1.31 24.42
N GLU D 349 23.91 2.13 24.93
CA GLU D 349 22.99 1.69 25.96
C GLU D 349 21.76 1.01 25.38
N ASP D 350 21.49 1.17 24.08
CA ASP D 350 20.41 0.45 23.41
C ASP D 350 20.90 -0.82 22.75
N VAL D 351 22.13 -0.81 22.22
CA VAL D 351 22.68 -2.04 21.68
C VAL D 351 22.68 -3.13 22.74
N GLN D 352 22.80 -2.77 24.02
CA GLN D 352 22.76 -3.78 25.07
C GLN D 352 21.36 -4.35 25.25
N LYS D 353 20.33 -3.51 25.20
CA LYS D 353 18.97 -4.01 25.28
C LYS D 353 18.63 -4.89 24.09
N LEU D 354 19.07 -4.50 22.89
CA LEU D 354 18.81 -5.32 21.71
C LEU D 354 19.57 -6.64 21.77
N ALA D 355 20.83 -6.61 22.20
CA ALA D 355 21.58 -7.85 22.35
C ALA D 355 20.96 -8.75 23.41
N THR D 356 20.33 -8.18 24.43
CA THR D 356 19.66 -9.00 25.43
C THR D 356 18.39 -9.64 24.86
N CYS D 357 17.59 -8.87 24.13
CA CYS D 357 16.42 -9.44 23.48
C CYS D 357 16.82 -10.55 22.51
N TYR D 358 17.92 -10.35 21.77
CA TYR D 358 18.42 -11.40 20.89
C TYR D 358 18.90 -12.60 21.67
N PHE D 359 19.51 -12.38 22.84
CA PHE D 359 19.95 -13.50 23.67
C PHE D 359 18.77 -14.34 24.13
N PHE D 360 17.68 -13.70 24.53
CA PHE D 360 16.54 -14.42 25.08
C PHE D 360 15.50 -14.79 24.05
N THR D 361 15.71 -14.45 22.78
CA THR D 361 14.84 -14.89 21.70
C THR D 361 15.52 -15.85 20.74
N ILE D 362 16.66 -15.47 20.17
CA ILE D 362 17.28 -16.26 19.12
C ILE D 362 18.35 -17.19 19.66
N GLU D 363 18.65 -17.15 20.94
CA GLU D 363 19.60 -18.08 21.55
C GLU D 363 18.95 -19.04 22.52
N PHE D 364 18.17 -18.55 23.49
CA PHE D 364 17.44 -19.40 24.43
C PHE D 364 15.97 -19.03 24.33
N GLY D 365 15.29 -19.56 23.33
CA GLY D 365 13.89 -19.26 23.12
C GLY D 365 13.08 -20.52 23.04
N LEU D 366 11.80 -20.39 23.38
CA LEU D 366 10.86 -21.49 23.33
C LEU D 366 9.59 -21.01 22.67
N CYS D 367 8.88 -21.94 22.03
CA CYS D 367 7.64 -21.61 21.34
C CYS D 367 6.62 -22.71 21.57
N LYS D 368 5.36 -22.32 21.66
CA LYS D 368 4.24 -23.25 21.72
C LYS D 368 3.35 -22.97 20.52
N GLN D 369 3.32 -23.93 19.59
CA GLN D 369 2.65 -23.70 18.31
C GLN D 369 1.50 -24.65 18.05
N GLU D 370 1.35 -25.72 18.82
CA GLU D 370 0.25 -26.65 18.64
C GLU D 370 -0.29 -27.18 19.96
N GLY D 371 0.14 -26.62 21.09
CA GLY D 371 -0.14 -27.20 22.39
C GLY D 371 1.06 -27.04 23.28
N GLN D 372 1.59 -28.15 23.77
CA GLN D 372 2.89 -28.14 24.43
C GLN D 372 3.90 -27.37 23.58
N LEU D 373 4.85 -26.75 24.27
CA LEU D 373 5.83 -25.88 23.64
C LEU D 373 7.10 -26.62 23.23
N ARG D 374 7.90 -25.96 22.41
CA ARG D 374 9.11 -26.56 21.85
C ARG D 374 10.24 -25.54 21.90
N ALA D 375 11.40 -25.92 21.37
CA ALA D 375 12.61 -25.11 21.46
C ALA D 375 13.06 -24.64 20.08
N TYR D 376 13.40 -23.36 19.97
CA TYR D 376 13.93 -22.82 18.72
C TYR D 376 15.18 -21.97 18.91
N GLY D 377 15.83 -22.04 20.06
CA GLY D 377 17.06 -21.31 20.29
C GLY D 377 18.27 -22.17 20.04
N ALA D 378 19.37 -21.52 19.64
CA ALA D 378 20.59 -22.26 19.37
C ALA D 378 21.22 -22.80 20.64
N GLY D 379 21.22 -22.00 21.71
CA GLY D 379 21.77 -22.47 22.96
C GLY D 379 21.14 -23.76 23.44
N LEU D 380 19.85 -23.95 23.14
CA LEU D 380 19.18 -25.20 23.46
C LEU D 380 19.49 -26.24 22.40
N LEU D 381 19.12 -25.95 21.14
CA LEU D 381 19.23 -26.94 20.07
C LEU D 381 20.65 -27.43 19.85
N SER D 382 21.64 -26.88 20.53
CA SER D 382 23.00 -27.38 20.40
C SER D 382 23.57 -27.95 21.69
N SER D 383 22.78 -28.07 22.74
CA SER D 383 23.26 -28.51 24.04
C SER D 383 22.33 -29.56 24.61
N ILE D 384 22.84 -30.78 24.78
CA ILE D 384 22.02 -31.86 25.30
C ILE D 384 21.53 -31.54 26.71
N GLY D 385 22.41 -31.01 27.55
CA GLY D 385 22.06 -30.79 28.94
C GLY D 385 20.97 -29.76 29.14
N GLU D 386 20.97 -28.71 28.34
CA GLU D 386 20.02 -27.62 28.52
C GLU D 386 18.76 -27.75 27.67
N LEU D 387 18.79 -28.56 26.62
CA LEU D 387 17.57 -28.82 25.87
C LEU D 387 16.59 -29.67 26.67
N LYS D 388 17.07 -30.39 27.68
CA LYS D 388 16.20 -31.18 28.54
C LYS D 388 15.67 -30.37 29.73
N HIS D 389 16.51 -29.56 30.37
CA HIS D 389 15.99 -28.69 31.42
C HIS D 389 15.36 -27.46 30.79
N ALA D 390 14.49 -27.66 29.81
CA ALA D 390 13.66 -26.58 29.32
C ALA D 390 12.25 -27.00 28.97
N LEU D 391 12.02 -28.27 28.67
CA LEU D 391 10.70 -28.78 28.36
C LEU D 391 10.11 -29.64 29.46
N SER D 392 10.96 -30.27 30.28
CA SER D 392 10.52 -30.93 31.50
C SER D 392 10.29 -29.88 32.58
N ASP D 393 9.15 -29.97 33.28
CA ASP D 393 8.70 -28.92 34.16
C ASP D 393 9.55 -28.88 35.42
N LYS D 394 10.75 -28.32 35.28
CA LYS D 394 11.57 -27.96 36.43
C LYS D 394 12.22 -26.60 36.24
N ALA D 395 11.74 -25.80 35.29
CA ALA D 395 12.28 -24.47 35.03
C ALA D 395 11.12 -23.50 34.88
N CYS D 396 11.40 -22.23 35.15
CA CYS D 396 10.38 -21.19 35.08
C CYS D 396 10.26 -20.68 33.65
N VAL D 397 9.08 -20.78 33.07
CA VAL D 397 8.80 -20.34 31.71
C VAL D 397 7.87 -19.14 31.79
N LYS D 398 8.38 -17.98 31.42
CA LYS D 398 7.62 -16.74 31.43
C LYS D 398 7.37 -16.26 30.01
N ALA D 399 6.39 -15.40 29.85
CA ALA D 399 6.06 -14.89 28.52
C ALA D 399 7.10 -13.86 28.07
N PHE D 400 7.06 -13.54 26.78
CA PHE D 400 8.02 -12.63 26.18
C PHE D 400 7.46 -11.21 26.18
N ASP D 401 8.25 -10.27 26.68
CA ASP D 401 7.86 -8.86 26.73
C ASP D 401 9.12 -8.02 26.66
N PRO D 402 9.41 -7.41 25.51
CA PRO D 402 10.70 -6.74 25.34
C PRO D 402 10.93 -5.56 26.27
N LYS D 403 9.91 -5.10 26.99
CA LYS D 403 10.10 -3.98 27.90
C LYS D 403 10.71 -4.42 29.22
N THR D 404 10.46 -5.66 29.63
CA THR D 404 11.02 -6.21 30.86
C THR D 404 12.12 -7.22 30.62
N THR D 405 12.09 -7.94 29.50
CA THR D 405 13.12 -8.94 29.23
C THR D 405 14.44 -8.32 28.81
N CYS D 406 14.45 -7.05 28.42
CA CYS D 406 15.67 -6.35 28.08
C CYS D 406 16.45 -5.91 29.30
N LEU D 407 15.98 -6.25 30.50
CA LEU D 407 16.59 -5.87 31.76
C LEU D 407 16.89 -7.09 32.60
N GLN D 408 17.49 -8.10 31.97
CA GLN D 408 17.79 -9.34 32.66
C GLN D 408 19.23 -9.74 32.40
N GLU D 409 19.70 -10.71 33.17
CA GLU D 409 21.11 -11.04 33.21
C GLU D 409 21.37 -12.29 32.38
N CYS D 410 22.32 -12.20 31.46
CA CYS D 410 22.65 -13.27 30.53
C CYS D 410 23.73 -14.14 31.13
N LEU D 411 23.36 -15.36 31.50
CA LEU D 411 24.30 -16.27 32.16
C LEU D 411 25.04 -17.11 31.13
N ILE D 412 26.32 -17.37 31.40
CA ILE D 412 27.19 -17.99 30.42
C ILE D 412 27.59 -19.42 30.78
N THR D 413 27.63 -19.76 32.07
CA THR D 413 28.02 -21.10 32.49
C THR D 413 27.01 -21.64 33.50
N THR D 414 25.72 -21.45 33.24
CA THR D 414 24.70 -21.81 34.20
C THR D 414 23.35 -21.67 33.54
N PHE D 415 22.46 -22.63 33.82
CA PHE D 415 21.15 -22.65 33.20
C PHE D 415 20.41 -21.37 33.53
N GLN D 416 19.73 -20.81 32.53
CA GLN D 416 19.01 -19.57 32.73
C GLN D 416 17.89 -19.77 33.76
N GLU D 417 17.75 -18.81 34.67
CA GLU D 417 16.70 -18.93 35.67
C GLU D 417 15.31 -18.91 35.06
N ALA D 418 15.15 -18.26 33.90
CA ALA D 418 13.85 -18.16 33.27
C ALA D 418 14.02 -18.17 31.76
N TYR D 419 13.21 -18.99 31.09
CA TYR D 419 13.21 -19.12 29.64
C TYR D 419 11.95 -18.47 29.11
N PHE D 420 12.08 -17.46 28.26
CA PHE D 420 10.93 -16.73 27.77
C PHE D 420 10.29 -17.46 26.60
N VAL D 421 8.97 -17.46 26.57
CA VAL D 421 8.20 -18.21 25.59
C VAL D 421 7.43 -17.23 24.72
N SER D 422 7.10 -17.67 23.51
CA SER D 422 6.42 -16.83 22.53
C SER D 422 5.45 -17.70 21.75
N GLU D 423 4.83 -17.11 20.72
CA GLU D 423 3.89 -17.83 19.87
C GLU D 423 4.47 -18.13 18.49
N SER D 424 4.90 -17.10 17.75
CA SER D 424 5.39 -17.29 16.40
C SER D 424 6.37 -16.17 16.07
N PHE D 425 7.30 -16.48 15.17
CA PHE D 425 8.27 -15.49 14.73
C PHE D 425 7.60 -14.18 14.34
N GLU D 426 6.37 -14.24 13.86
CA GLU D 426 5.67 -13.01 13.50
C GLU D 426 5.24 -12.24 14.74
N GLU D 427 4.76 -12.93 15.77
CA GLU D 427 4.36 -12.24 17.00
C GLU D 427 5.55 -11.58 17.66
N ALA D 428 6.67 -12.31 17.78
CA ALA D 428 7.88 -11.72 18.35
C ALA D 428 8.42 -10.61 17.48
N LYS D 429 8.30 -10.75 16.15
CA LYS D 429 8.73 -9.68 15.26
C LYS D 429 7.91 -8.42 15.48
N GLU D 430 6.60 -8.56 15.71
CA GLU D 430 5.76 -7.40 15.99
C GLU D 430 6.10 -6.78 17.33
N LYS D 431 6.26 -7.60 18.37
CA LYS D 431 6.65 -7.07 19.67
C LYS D 431 7.98 -6.34 19.60
N MET D 432 8.90 -6.81 18.76
CA MET D 432 10.20 -6.16 18.66
C MET D 432 10.13 -4.88 17.84
N ARG D 433 9.33 -4.86 16.77
CA ARG D 433 9.12 -3.61 16.04
C ARG D 433 8.43 -2.57 16.90
N ASP D 434 7.60 -2.99 17.85
CA ASP D 434 7.02 -2.05 18.79
C ASP D 434 8.06 -1.55 19.78
N PHE D 435 8.79 -2.48 20.41
CA PHE D 435 9.83 -2.06 21.34
C PHE D 435 10.89 -1.24 20.65
N ALA D 436 11.15 -1.51 19.37
CA ALA D 436 12.19 -0.82 18.62
C ALA D 436 11.83 0.60 18.25
N LYS D 437 10.67 1.11 18.68
CA LYS D 437 10.37 2.52 18.48
C LYS D 437 10.88 3.39 19.61
N SER D 438 11.18 2.80 20.76
CA SER D 438 11.65 3.54 21.91
C SER D 438 13.16 3.57 22.02
N ILE D 439 13.88 3.44 20.90
CA ILE D 439 15.31 3.62 20.87
C ILE D 439 15.59 4.92 20.13
N THR D 440 16.22 5.86 20.82
CA THR D 440 16.39 7.21 20.27
C THR D 440 17.34 7.18 19.08
N ARG D 441 16.88 7.70 17.94
CA ARG D 441 17.69 7.82 16.75
C ARG D 441 17.04 8.87 15.87
N PRO D 442 17.80 9.78 15.26
CA PRO D 442 17.20 10.89 14.51
C PRO D 442 16.90 10.62 13.03
N PHE D 443 16.87 9.37 12.58
CA PHE D 443 16.55 9.08 11.19
C PHE D 443 15.92 7.71 11.12
N SER D 444 15.53 7.29 9.92
CA SER D 444 15.19 5.89 9.72
C SER D 444 16.12 5.29 8.69
N VAL D 445 16.21 3.97 8.66
CA VAL D 445 17.07 3.27 7.72
C VAL D 445 16.21 2.37 6.85
N TYR D 446 16.58 2.26 5.59
CA TYR D 446 15.90 1.44 4.60
C TYR D 446 16.94 0.58 3.91
N PHE D 447 16.74 -0.73 3.91
CA PHE D 447 17.68 -1.65 3.28
C PHE D 447 17.26 -1.87 1.83
N ASN D 448 18.16 -1.56 0.90
CA ASN D 448 17.94 -1.77 -0.51
C ASN D 448 18.56 -3.09 -0.91
N PRO D 449 17.77 -4.11 -1.27
CA PRO D 449 18.31 -5.45 -1.51
C PRO D 449 18.89 -5.70 -2.89
N TYR D 450 18.65 -4.82 -3.85
CA TYR D 450 19.32 -4.92 -5.14
C TYR D 450 20.77 -4.46 -5.02
N THR D 451 20.96 -3.24 -4.53
CA THR D 451 22.28 -2.72 -4.27
C THR D 451 22.91 -3.33 -3.03
N GLN D 452 22.10 -3.83 -2.10
CA GLN D 452 22.57 -4.32 -0.82
C GLN D 452 23.22 -3.20 -0.01
N SER D 453 22.43 -2.16 0.27
CA SER D 453 22.99 -1.03 0.97
C SER D 453 21.92 -0.37 1.82
N ILE D 454 22.36 0.37 2.82
CA ILE D 454 21.47 1.05 3.77
C ILE D 454 21.29 2.49 3.33
N GLU D 455 20.08 3.01 3.51
CA GLU D 455 19.76 4.39 3.13
C GLU D 455 19.08 5.10 4.28
N ILE D 456 19.40 6.37 4.46
CA ILE D 456 18.89 7.16 5.56
C ILE D 456 17.68 7.93 5.07
N LEU D 457 16.49 7.54 5.53
CA LEU D 457 15.28 8.32 5.29
C LEU D 457 15.25 9.43 6.32
N LYS D 458 15.56 10.64 5.86
CA LYS D 458 15.52 11.84 6.68
C LYS D 458 15.02 13.07 5.93
N ASP D 459 14.58 12.94 4.69
CA ASP D 459 13.98 14.04 3.94
C ASP D 459 12.80 13.46 3.17
N THR D 460 12.31 14.20 2.18
CA THR D 460 11.11 13.83 1.47
C THR D 460 11.37 13.18 0.11
N ARG D 461 12.55 13.40 -0.47
CA ARG D 461 12.90 12.75 -1.73
C ARG D 461 13.11 11.24 -1.54
N SER D 462 13.74 10.86 -0.43
CA SER D 462 13.92 9.45 -0.12
C SER D 462 12.60 8.76 0.14
N ILE D 463 11.77 9.36 0.98
CA ILE D 463 10.48 8.76 1.27
C ILE D 463 9.65 8.66 0.01
N GLU D 464 9.78 9.63 -0.89
CA GLU D 464 9.03 9.56 -2.13
C GLU D 464 9.49 8.41 -3.00
N ASN D 465 10.80 8.15 -3.05
CA ASN D 465 11.29 6.97 -3.76
C ASN D 465 10.69 5.69 -3.20
N VAL D 466 10.70 5.56 -1.88
CA VAL D 466 10.20 4.33 -1.26
C VAL D 466 8.73 4.12 -1.61
N VAL D 467 7.92 5.18 -1.53
CA VAL D 467 6.50 5.03 -1.85
C VAL D 467 6.32 4.66 -3.31
N GLN D 468 7.12 5.26 -4.19
CA GLN D 468 6.99 4.97 -5.61
C GLN D 468 7.28 3.50 -5.91
N ASP D 469 8.19 2.88 -5.17
CA ASP D 469 8.42 1.45 -5.35
C ASP D 469 7.30 0.60 -4.76
N LEU D 470 6.70 1.05 -3.65
CA LEU D 470 5.53 0.36 -3.11
C LEU D 470 4.42 0.26 -4.15
N ARG D 471 4.21 1.33 -4.92
CA ARG D 471 3.13 1.30 -5.91
C ARG D 471 3.38 0.24 -6.97
N SER D 472 4.60 0.12 -7.45
CA SER D 472 4.92 -0.91 -8.43
C SER D 472 4.79 -2.30 -7.85
N ASP D 473 5.09 -2.48 -6.57
CA ASP D 473 4.88 -3.79 -5.97
C ASP D 473 3.41 -4.12 -5.75
N LEU D 474 2.55 -3.11 -5.60
CA LEU D 474 1.12 -3.34 -5.47
C LEU D 474 0.44 -3.65 -6.80
N ASN D 475 0.96 -3.09 -7.89
CA ASN D 475 0.42 -3.42 -9.20
C ASN D 475 0.53 -4.91 -9.50
N THR D 476 1.60 -5.56 -9.05
CA THR D 476 1.74 -6.99 -9.30
C THR D 476 0.61 -7.78 -8.68
N VAL D 477 0.25 -7.46 -7.44
CA VAL D 477 -0.87 -8.14 -6.78
C VAL D 477 -2.17 -7.86 -7.52
N CYS D 478 -2.39 -6.59 -7.87
CA CYS D 478 -3.62 -6.25 -8.56
C CYS D 478 -3.74 -6.94 -9.90
N ASP D 479 -2.63 -7.37 -10.49
CA ASP D 479 -2.65 -8.11 -11.75
C ASP D 479 -2.78 -9.62 -11.54
N ALA D 480 -2.11 -10.16 -10.53
CA ALA D 480 -2.28 -11.58 -10.21
C ALA D 480 -3.73 -11.90 -9.91
N LEU D 481 -4.42 -11.00 -9.20
CA LEU D 481 -5.81 -11.28 -8.87
C LEU D 481 -6.69 -11.26 -10.12
N ASN D 482 -6.44 -10.32 -11.03
CA ASN D 482 -7.19 -10.32 -12.29
C ASN D 482 -6.95 -11.60 -13.07
N LYS D 483 -5.71 -12.10 -13.07
CA LYS D 483 -5.46 -13.35 -13.77
C LYS D 483 -6.24 -14.50 -13.15
N MET D 484 -6.27 -14.58 -11.82
CA MET D 484 -7.05 -15.64 -11.18
C MET D 484 -8.51 -15.54 -11.59
N ASN D 485 -9.10 -14.34 -11.48
CA ASN D 485 -10.48 -14.15 -11.90
C ASN D 485 -10.69 -14.62 -13.32
N GLN D 486 -9.99 -14.01 -14.28
CA GLN D 486 -10.17 -14.35 -15.68
C GLN D 486 -10.06 -15.85 -15.90
N TYR D 487 -8.91 -16.44 -15.57
CA TYR D 487 -8.72 -17.87 -15.80
C TYR D 487 -9.52 -18.73 -14.84
N LEU D 488 -10.43 -18.11 -14.10
CA LEU D 488 -11.50 -18.75 -13.36
C LEU D 488 -12.82 -18.09 -13.75
N GLY D 489 -13.87 -18.35 -12.99
CA GLY D 489 -15.07 -17.54 -13.09
C GLY D 489 -14.94 -16.25 -12.30
N ILE D 490 -15.49 -15.18 -12.85
CA ILE D 490 -15.41 -13.88 -12.19
C ILE D 490 -15.93 -13.95 -10.77
FE FE E . -22.87 4.26 28.03
N1 IMD F . -26.06 2.51 27.63
C2 IMD F . -25.67 3.03 26.45
N3 IMD F . -24.63 2.31 25.98
C4 IMD F . -24.37 1.34 26.86
C5 IMD F . -25.27 1.46 27.90
HN1 IMD F . -26.80 2.84 28.18
H2 IMD F . -26.08 3.81 26.01
HN3 IMD F . -24.15 2.47 25.15
H4 IMD F . -23.67 0.66 26.78
H5 IMD F . -25.32 0.88 28.69
FE FE G . -25.69 17.26 -19.31
N1 IMD H . -26.07 19.92 -17.19
C2 IMD H . -26.00 18.85 -18.01
N3 IMD H . -24.87 18.90 -18.71
C4 IMD H . -24.21 20.02 -18.35
C5 IMD H . -24.97 20.66 -17.39
HN1 IMD H . -26.79 20.14 -16.55
H2 IMD H . -26.65 18.13 -18.09
HN3 IMD H . -24.59 18.24 -19.38
H4 IMD H . -23.35 20.33 -18.69
H5 IMD H . -24.74 21.49 -16.94
FE FE I . 23.68 -2.92 -27.61
N1 IMD J . 24.19 -6.29 -27.51
C2 IMD J . 24.11 -4.95 -27.65
N3 IMD J . 22.84 -4.62 -27.94
C4 IMD J . 22.13 -5.76 -27.96
C5 IMD J . 22.98 -6.80 -27.70
HN1 IMD J . 25.00 -6.81 -27.29
H2 IMD J . 24.84 -4.31 -27.57
HN3 IMD J . 22.53 -3.71 -28.08
H4 IMD J . 21.16 -5.84 -28.15
H5 IMD J . 22.74 -7.75 -27.65
FE FE K . 24.79 -18.88 18.80
N1 IMD L . 26.07 -16.17 18.53
C2 IMD L . 27.12 -15.83 17.76
N3 IMD L . 27.99 -16.85 17.73
C4 IMD L . 27.48 -17.84 18.48
C5 IMD L . 26.28 -17.42 18.99
HN1 IMD L . 25.29 -15.61 18.71
H2 IMD L . 27.23 -14.98 17.29
HN3 IMD L . 28.84 -16.86 17.24
H4 IMD L . 27.91 -18.71 18.65
H5 IMD L . 25.67 -17.92 19.57
#